data_7EOP
# 
_entry.id   7EOP 
# 
_audit_conform.dict_name       mmcif_pdbx.dic 
_audit_conform.dict_version    5.380 
_audit_conform.dict_location   http://mmcif.pdb.org/dictionaries/ascii/mmcif_pdbx.dic 
# 
loop_
_database_2.database_id 
_database_2.database_code 
_database_2.pdbx_database_accession 
_database_2.pdbx_DOI 
PDB   7EOP         pdb_00007eop 10.2210/pdb7eop/pdb 
WWPDB D_1300021893 ?            ?                   
# 
_pdbx_database_status.status_code                     REL 
_pdbx_database_status.status_code_sf                  REL 
_pdbx_database_status.status_code_mr                  ? 
_pdbx_database_status.entry_id                        7EOP 
_pdbx_database_status.recvd_initial_deposition_date   2021-04-22 
_pdbx_database_status.SG_entry                        N 
_pdbx_database_status.deposit_site                    PDBJ 
_pdbx_database_status.process_site                    PDBJ 
_pdbx_database_status.status_code_cs                  ? 
_pdbx_database_status.status_code_nmr_data            ? 
_pdbx_database_status.methods_development_category    ? 
_pdbx_database_status.pdb_format_compatible           Y 
# 
loop_
_audit_author.name 
_audit_author.pdbx_ordinal 
_audit_author.identifier_ORCID 
'Huang, K.Y.' 1 0000-0002-7508-5446 
'Ren, A.M.'   2 0000-0002-5420-4899 
# 
_citation.abstract                  ? 
_citation.abstract_id_CAS           ? 
_citation.book_id_ISBN              ? 
_citation.book_publisher            ? 
_citation.book_publisher_city       ? 
_citation.book_title                ? 
_citation.coordinate_linkage        ? 
_citation.country                   US 
_citation.database_id_Medline       ? 
_citation.details                   ? 
_citation.id                        primary 
_citation.journal_abbrev            Nat.Chem.Biol. 
_citation.journal_id_ASTM           ? 
_citation.journal_id_CSD            ? 
_citation.journal_id_ISSN           1552-4469 
_citation.journal_full              ? 
_citation.journal_issue             ? 
_citation.journal_volume            17 
_citation.language                  ? 
_citation.page_first                1289 
_citation.page_last                 1295 
_citation.title                     'Structure-based investigation of fluorogenic Pepper aptamer.' 
_citation.year                      2021 
_citation.database_id_CSD           ? 
_citation.pdbx_database_id_DOI      10.1038/s41589-021-00884-6 
_citation.pdbx_database_id_PubMed   34725509 
_citation.pdbx_database_id_patent   ? 
_citation.unpublished_flag          ? 
# 
loop_
_citation_author.citation_id 
_citation_author.name 
_citation_author.ordinal 
_citation_author.identifier_ORCID 
primary 'Huang, K.' 1 ? 
primary 'Chen, X.'  2 ? 
primary 'Li, C.'    3 ? 
primary 'Song, Q.'  4 ? 
primary 'Li, H.'    5 ? 
primary 'Zhu, L.'   6 ? 
primary 'Yang, Y.'  7 ? 
primary 'Ren, A.'   8 ? 
# 
_cell.angle_alpha                  90.000 
_cell.angle_alpha_esd              ? 
_cell.angle_beta                   127.570 
_cell.angle_beta_esd               ? 
_cell.angle_gamma                  90.000 
_cell.angle_gamma_esd              ? 
_cell.entry_id                     7EOP 
_cell.details                      ? 
_cell.formula_units_Z              ? 
_cell.length_a                     92.447 
_cell.length_a_esd                 ? 
_cell.length_b                     34.983 
_cell.length_b_esd                 ? 
_cell.length_c                     57.839 
_cell.length_c_esd                 ? 
_cell.volume                       ? 
_cell.volume_esd                   ? 
_cell.Z_PDB                        4 
_cell.reciprocal_angle_alpha       ? 
_cell.reciprocal_angle_beta        ? 
_cell.reciprocal_angle_gamma       ? 
_cell.reciprocal_angle_alpha_esd   ? 
_cell.reciprocal_angle_beta_esd    ? 
_cell.reciprocal_angle_gamma_esd   ? 
_cell.reciprocal_length_a          ? 
_cell.reciprocal_length_b          ? 
_cell.reciprocal_length_c          ? 
_cell.reciprocal_length_a_esd      ? 
_cell.reciprocal_length_b_esd      ? 
_cell.reciprocal_length_c_esd      ? 
_cell.pdbx_unique_axis             ? 
# 
_symmetry.entry_id                         7EOP 
_symmetry.cell_setting                     ? 
_symmetry.Int_Tables_number                5 
_symmetry.space_group_name_Hall            ? 
_symmetry.space_group_name_H-M             'C 1 2 1' 
_symmetry.pdbx_full_space_group_name_H-M   ? 
# 
loop_
_entity.id 
_entity.type 
_entity.src_method 
_entity.pdbx_description 
_entity.formula_weight 
_entity.pdbx_number_of_molecules 
_entity.pdbx_ec 
_entity.pdbx_mutation 
_entity.pdbx_fragment 
_entity.details 
1 polymer     man 'Pepper (49-MER)'                                                                                            
15428.166 1   ? ? ? ? 
2 non-polymer syn "GUANOSINE-5'-TRIPHOSPHATE"                                                                                  
523.180   1   ? ? ? ? 
3 non-polymer syn 'MAGNESIUM ION'                                                                                              
24.305    5   ? ? ? ? 
4 non-polymer syn '4-[(~{Z})-1-cyano-2-[5-[2-hydroxyethyl(methyl)amino]thieno[3,2-b]thiophen-2-yl]ethenyl]benzenecarbonitrile' 
365.472   1   ? ? ? ? 
5 water       nat water                                                                                                        
18.015    151 ? ? ? ? 
# 
_entity_poly.entity_id                      1 
_entity_poly.type                           polyribonucleotide 
_entity_poly.nstd_linkage                   no 
_entity_poly.nstd_monomer                   no 
_entity_poly.pdbx_seq_one_letter_code       GCGCACUGGCGCUGCGCCUUCGGGCGCCAAUCGUAGCGUGUCGGCGCC 
_entity_poly.pdbx_seq_one_letter_code_can   GCGCACUGGCGCUGCGCCUUCGGGCGCCAAUCGUAGCGUGUCGGCGCC 
_entity_poly.pdbx_strand_id                 A 
_entity_poly.pdbx_target_identifier         ? 
# 
loop_
_entity_poly_seq.entity_id 
_entity_poly_seq.num 
_entity_poly_seq.mon_id 
_entity_poly_seq.hetero 
1 1  G n 
1 2  C n 
1 3  G n 
1 4  C n 
1 5  A n 
1 6  C n 
1 7  U n 
1 8  G n 
1 9  G n 
1 10 C n 
1 11 G n 
1 12 C n 
1 13 U n 
1 14 G n 
1 15 C n 
1 16 G n 
1 17 C n 
1 18 C n 
1 19 U n 
1 20 U n 
1 21 C n 
1 22 G n 
1 23 G n 
1 24 G n 
1 25 C n 
1 26 G n 
1 27 C n 
1 28 C n 
1 29 A n 
1 30 A n 
1 31 U n 
1 32 C n 
1 33 G n 
1 34 U n 
1 35 A n 
1 36 G n 
1 37 C n 
1 38 G n 
1 39 U n 
1 40 G n 
1 41 U n 
1 42 C n 
1 43 G n 
1 44 G n 
1 45 C n 
1 46 G n 
1 47 C n 
1 48 C n 
# 
_entity_src_gen.entity_id                          1 
_entity_src_gen.pdbx_src_id                        1 
_entity_src_gen.pdbx_alt_source_flag               sample 
_entity_src_gen.pdbx_seq_type                      'Biological sequence' 
_entity_src_gen.pdbx_beg_seq_num                   1 
_entity_src_gen.pdbx_end_seq_num                   48 
_entity_src_gen.gene_src_common_name               ? 
_entity_src_gen.gene_src_genus                     ? 
_entity_src_gen.pdbx_gene_src_gene                 ? 
_entity_src_gen.gene_src_species                   ? 
_entity_src_gen.gene_src_strain                    ? 
_entity_src_gen.gene_src_tissue                    ? 
_entity_src_gen.gene_src_tissue_fraction           ? 
_entity_src_gen.gene_src_details                   ? 
_entity_src_gen.pdbx_gene_src_fragment             ? 
_entity_src_gen.pdbx_gene_src_scientific_name      'synthetic construct' 
_entity_src_gen.pdbx_gene_src_ncbi_taxonomy_id     32630 
_entity_src_gen.pdbx_gene_src_variant              ? 
_entity_src_gen.pdbx_gene_src_cell_line            ? 
_entity_src_gen.pdbx_gene_src_atcc                 ? 
_entity_src_gen.pdbx_gene_src_organ                ? 
_entity_src_gen.pdbx_gene_src_organelle            ? 
_entity_src_gen.pdbx_gene_src_cell                 ? 
_entity_src_gen.pdbx_gene_src_cellular_location    ? 
_entity_src_gen.host_org_common_name               ? 
_entity_src_gen.pdbx_host_org_scientific_name      'in vitro transcription vector pT7-TP(deltai)' 
_entity_src_gen.pdbx_host_org_ncbi_taxonomy_id     905931 
_entity_src_gen.host_org_genus                     ? 
_entity_src_gen.pdbx_host_org_gene                 ? 
_entity_src_gen.pdbx_host_org_organ                ? 
_entity_src_gen.host_org_species                   ? 
_entity_src_gen.pdbx_host_org_tissue               ? 
_entity_src_gen.pdbx_host_org_tissue_fraction      ? 
_entity_src_gen.pdbx_host_org_strain               ? 
_entity_src_gen.pdbx_host_org_variant              ? 
_entity_src_gen.pdbx_host_org_cell_line            ? 
_entity_src_gen.pdbx_host_org_atcc                 ? 
_entity_src_gen.pdbx_host_org_culture_collection   ? 
_entity_src_gen.pdbx_host_org_cell                 ? 
_entity_src_gen.pdbx_host_org_organelle            ? 
_entity_src_gen.pdbx_host_org_cellular_location    ? 
_entity_src_gen.pdbx_host_org_vector_type          ? 
_entity_src_gen.pdbx_host_org_vector               ? 
_entity_src_gen.host_org_details                   ? 
_entity_src_gen.expression_system_id               ? 
_entity_src_gen.plasmid_name                       ? 
_entity_src_gen.plasmid_details                    ? 
_entity_src_gen.pdbx_description                   ? 
# 
_struct_ref.id                         1 
_struct_ref.db_name                    PDB 
_struct_ref.db_code                    7EOP 
_struct_ref.pdbx_db_accession          7EOP 
_struct_ref.pdbx_db_isoform            ? 
_struct_ref.entity_id                  1 
_struct_ref.pdbx_seq_one_letter_code   ? 
_struct_ref.pdbx_align_begin           1 
# 
_struct_ref_seq.align_id                      1 
_struct_ref_seq.ref_id                        1 
_struct_ref_seq.pdbx_PDB_id_code              7EOP 
_struct_ref_seq.pdbx_strand_id                A 
_struct_ref_seq.seq_align_beg                 1 
_struct_ref_seq.pdbx_seq_align_beg_ins_code   ? 
_struct_ref_seq.seq_align_end                 48 
_struct_ref_seq.pdbx_seq_align_end_ins_code   ? 
_struct_ref_seq.pdbx_db_accession             7EOP 
_struct_ref_seq.db_align_beg                  2 
_struct_ref_seq.pdbx_db_align_beg_ins_code    ? 
_struct_ref_seq.db_align_end                  49 
_struct_ref_seq.pdbx_db_align_end_ins_code    ? 
_struct_ref_seq.pdbx_auth_seq_align_beg       2 
_struct_ref_seq.pdbx_auth_seq_align_end       49 
# 
loop_
_chem_comp.id 
_chem_comp.type 
_chem_comp.mon_nstd_flag 
_chem_comp.name 
_chem_comp.pdbx_synonyms 
_chem_comp.formula 
_chem_comp.formula_weight 
A   'RNA linking' y "ADENOSINE-5'-MONOPHOSPHATE"                                                                                 ? 
'C10 H14 N5 O7 P'   347.221 
C   'RNA linking' y "CYTIDINE-5'-MONOPHOSPHATE"                                                                                  ? 
'C9 H14 N3 O8 P'    323.197 
G   'RNA linking' y "GUANOSINE-5'-MONOPHOSPHATE"                                                                                 ? 
'C10 H14 N5 O8 P'   363.221 
GTP non-polymer   n "GUANOSINE-5'-TRIPHOSPHATE"                                                                                  ? 
'C10 H16 N5 O14 P3' 523.180 
HOH non-polymer   . WATER                                                                                                        ? 
'H2 O'              18.015  
J93 non-polymer   . '4-[(~{Z})-1-cyano-2-[5-[2-hydroxyethyl(methyl)amino]thieno[3,2-b]thiophen-2-yl]ethenyl]benzenecarbonitrile' ? 
'C19 H15 N3 O S2'   365.472 
MG  non-polymer   . 'MAGNESIUM ION'                                                                                              ? 
'Mg 2'              24.305  
U   'RNA linking' y "URIDINE-5'-MONOPHOSPHATE"                                                                                   ? 
'C9 H13 N2 O9 P'    324.181 
# 
_exptl.absorpt_coefficient_mu     ? 
_exptl.absorpt_correction_T_max   ? 
_exptl.absorpt_correction_T_min   ? 
_exptl.absorpt_correction_type    ? 
_exptl.absorpt_process_details    ? 
_exptl.entry_id                   7EOP 
_exptl.crystals_number            1 
_exptl.details                    ? 
_exptl.method                     'X-RAY DIFFRACTION' 
_exptl.method_details             ? 
# 
_exptl_crystal.colour                      ? 
_exptl_crystal.density_diffrn              ? 
_exptl_crystal.density_Matthews            2.40 
_exptl_crystal.density_method              ? 
_exptl_crystal.density_percent_sol         48.80 
_exptl_crystal.description                 ? 
_exptl_crystal.F_000                       ? 
_exptl_crystal.id                          1 
_exptl_crystal.preparation                 ? 
_exptl_crystal.size_max                    ? 
_exptl_crystal.size_mid                    ? 
_exptl_crystal.size_min                    ? 
_exptl_crystal.size_rad                    ? 
_exptl_crystal.colour_lustre               ? 
_exptl_crystal.colour_modifier             ? 
_exptl_crystal.colour_primary              ? 
_exptl_crystal.density_meas                ? 
_exptl_crystal.density_meas_esd            ? 
_exptl_crystal.density_meas_gt             ? 
_exptl_crystal.density_meas_lt             ? 
_exptl_crystal.density_meas_temp           ? 
_exptl_crystal.density_meas_temp_esd       ? 
_exptl_crystal.density_meas_temp_gt        ? 
_exptl_crystal.density_meas_temp_lt        ? 
_exptl_crystal.pdbx_crystal_image_url      ? 
_exptl_crystal.pdbx_crystal_image_format   ? 
_exptl_crystal.pdbx_mosaicity              ? 
_exptl_crystal.pdbx_mosaicity_esd          ? 
# 
_exptl_crystal_grow.apparatus       ? 
_exptl_crystal_grow.atmosphere      ? 
_exptl_crystal_grow.crystal_id      1 
_exptl_crystal_grow.details         ? 
_exptl_crystal_grow.method          'VAPOR DIFFUSION, SITTING DROP' 
_exptl_crystal_grow.method_ref      ? 
_exptl_crystal_grow.pH              ? 
_exptl_crystal_grow.pressure        ? 
_exptl_crystal_grow.pressure_esd    ? 
_exptl_crystal_grow.seeding         ? 
_exptl_crystal_grow.seeding_ref     ? 
_exptl_crystal_grow.temp            289 
_exptl_crystal_grow.temp_details    ? 
_exptl_crystal_grow.temp_esd        ? 
_exptl_crystal_grow.time            ? 
_exptl_crystal_grow.pdbx_details    
'0.1 M ammonium chloride, 0.005 M magnesium chloride, 0.025 M HEPES, pH 7.0, 1.25 M 1,6-hexanediol, 40% MPD' 
_exptl_crystal_grow.pdbx_pH_range   ? 
# 
_diffrn.ambient_environment              ? 
_diffrn.ambient_temp                     100 
_diffrn.ambient_temp_details             ? 
_diffrn.ambient_temp_esd                 ? 
_diffrn.crystal_id                       1 
_diffrn.crystal_support                  ? 
_diffrn.crystal_treatment                ? 
_diffrn.details                          ? 
_diffrn.id                               1 
_diffrn.ambient_pressure                 ? 
_diffrn.ambient_pressure_esd             ? 
_diffrn.ambient_pressure_gt              ? 
_diffrn.ambient_pressure_lt              ? 
_diffrn.ambient_temp_gt                  ? 
_diffrn.ambient_temp_lt                  ? 
_diffrn.pdbx_serial_crystal_experiment   N 
# 
_diffrn_detector.details                      ? 
_diffrn_detector.detector                     PIXEL 
_diffrn_detector.diffrn_id                    1 
_diffrn_detector.type                         'DECTRIS PILATUS 6M' 
_diffrn_detector.area_resol_mean              ? 
_diffrn_detector.dtime                        ? 
_diffrn_detector.pdbx_frames_total            ? 
_diffrn_detector.pdbx_collection_time_total   ? 
_diffrn_detector.pdbx_collection_date         2019-05-05 
_diffrn_detector.pdbx_frequency               ? 
# 
_diffrn_radiation.collimation                      ? 
_diffrn_radiation.diffrn_id                        1 
_diffrn_radiation.filter_edge                      ? 
_diffrn_radiation.inhomogeneity                    ? 
_diffrn_radiation.monochromator                    ? 
_diffrn_radiation.polarisn_norm                    ? 
_diffrn_radiation.polarisn_ratio                   ? 
_diffrn_radiation.probe                            ? 
_diffrn_radiation.type                             ? 
_diffrn_radiation.xray_symbol                      ? 
_diffrn_radiation.wavelength_id                    1 
_diffrn_radiation.pdbx_monochromatic_or_laue_m_l   M 
_diffrn_radiation.pdbx_wavelength_list             ? 
_diffrn_radiation.pdbx_wavelength                  ? 
_diffrn_radiation.pdbx_diffrn_protocol             'SINGLE WAVELENGTH' 
_diffrn_radiation.pdbx_analyzer                    ? 
_diffrn_radiation.pdbx_scattering_type             x-ray 
# 
_diffrn_radiation_wavelength.id           1 
_diffrn_radiation_wavelength.wavelength   1.102 
_diffrn_radiation_wavelength.wt           1.0 
# 
_diffrn_source.current                     ? 
_diffrn_source.details                     ? 
_diffrn_source.diffrn_id                   1 
_diffrn_source.power                       ? 
_diffrn_source.size                        ? 
_diffrn_source.source                      SYNCHROTRON 
_diffrn_source.target                      ? 
_diffrn_source.type                        'SSRF BEAMLINE BL19U1' 
_diffrn_source.voltage                     ? 
_diffrn_source.take-off_angle              ? 
_diffrn_source.pdbx_wavelength_list        1.102 
_diffrn_source.pdbx_wavelength             ? 
_diffrn_source.pdbx_synchrotron_beamline   BL19U1 
_diffrn_source.pdbx_synchrotron_site       SSRF 
# 
_reflns.B_iso_Wilson_estimate                          ? 
_reflns.entry_id                                       7EOP 
_reflns.data_reduction_details                         ? 
_reflns.data_reduction_method                          ? 
_reflns.d_resolution_high                              1.800 
_reflns.d_resolution_low                               50.000 
_reflns.details                                        ? 
_reflns.limit_h_max                                    ? 
_reflns.limit_h_min                                    ? 
_reflns.limit_k_max                                    ? 
_reflns.limit_k_min                                    ? 
_reflns.limit_l_max                                    ? 
_reflns.limit_l_min                                    ? 
_reflns.number_all                                     ? 
_reflns.number_obs                                     13710 
_reflns.observed_criterion                             ? 
_reflns.observed_criterion_F_max                       ? 
_reflns.observed_criterion_F_min                       ? 
_reflns.observed_criterion_I_max                       ? 
_reflns.observed_criterion_I_min                       ? 
_reflns.observed_criterion_sigma_F                     ? 
_reflns.observed_criterion_sigma_I                     ? 
_reflns.percent_possible_obs                           99.100 
_reflns.R_free_details                                 ? 
_reflns.Rmerge_F_all                                   ? 
_reflns.Rmerge_F_obs                                   ? 
_reflns.Friedel_coverage                               ? 
_reflns.number_gt                                      ? 
_reflns.threshold_expression                           ? 
_reflns.pdbx_redundancy                                6.500 
_reflns.pdbx_Rmerge_I_obs                              0.088 
_reflns.pdbx_Rmerge_I_all                              ? 
_reflns.pdbx_Rsym_value                                ? 
_reflns.pdbx_netI_over_av_sigmaI                       ? 
_reflns.pdbx_netI_over_sigmaI                          3.700 
_reflns.pdbx_res_netI_over_av_sigmaI_2                 ? 
_reflns.pdbx_res_netI_over_sigmaI_2                    ? 
_reflns.pdbx_chi_squared                               0.502 
_reflns.pdbx_scaling_rejects                           ? 
_reflns.pdbx_d_res_high_opt                            ? 
_reflns.pdbx_d_res_low_opt                             ? 
_reflns.pdbx_d_res_opt_method                          ? 
_reflns.phase_calculation_details                      ? 
_reflns.pdbx_Rrim_I_all                                0.096 
_reflns.pdbx_Rpim_I_all                                0.037 
_reflns.pdbx_d_opt                                     ? 
_reflns.pdbx_number_measured_all                       89200 
_reflns.pdbx_diffrn_id                                 1 
_reflns.pdbx_ordinal                                   1 
_reflns.pdbx_CC_half                                   ? 
_reflns.pdbx_CC_star                                   ? 
_reflns.pdbx_R_split                                   ? 
_reflns.pdbx_aniso_diffraction_limit_axis_1_ortho[1]   ? 
_reflns.pdbx_aniso_diffraction_limit_axis_1_ortho[2]   ? 
_reflns.pdbx_aniso_diffraction_limit_axis_1_ortho[3]   ? 
_reflns.pdbx_aniso_diffraction_limit_axis_2_ortho[1]   ? 
_reflns.pdbx_aniso_diffraction_limit_axis_2_ortho[2]   ? 
_reflns.pdbx_aniso_diffraction_limit_axis_2_ortho[3]   ? 
_reflns.pdbx_aniso_diffraction_limit_axis_3_ortho[1]   ? 
_reflns.pdbx_aniso_diffraction_limit_axis_3_ortho[2]   ? 
_reflns.pdbx_aniso_diffraction_limit_axis_3_ortho[3]   ? 
_reflns.pdbx_aniso_diffraction_limit_1                 ? 
_reflns.pdbx_aniso_diffraction_limit_2                 ? 
_reflns.pdbx_aniso_diffraction_limit_3                 ? 
_reflns.pdbx_aniso_B_tensor_eigenvector_1_ortho[1]     ? 
_reflns.pdbx_aniso_B_tensor_eigenvector_1_ortho[2]     ? 
_reflns.pdbx_aniso_B_tensor_eigenvector_1_ortho[3]     ? 
_reflns.pdbx_aniso_B_tensor_eigenvector_2_ortho[1]     ? 
_reflns.pdbx_aniso_B_tensor_eigenvector_2_ortho[2]     ? 
_reflns.pdbx_aniso_B_tensor_eigenvector_2_ortho[3]     ? 
_reflns.pdbx_aniso_B_tensor_eigenvector_3_ortho[1]     ? 
_reflns.pdbx_aniso_B_tensor_eigenvector_3_ortho[2]     ? 
_reflns.pdbx_aniso_B_tensor_eigenvector_3_ortho[3]     ? 
_reflns.pdbx_aniso_B_tensor_eigenvalue_1               ? 
_reflns.pdbx_aniso_B_tensor_eigenvalue_2               ? 
_reflns.pdbx_aniso_B_tensor_eigenvalue_3               ? 
_reflns.pdbx_orthogonalization_convention              ? 
_reflns.pdbx_percent_possible_ellipsoidal              ? 
_reflns.pdbx_percent_possible_spherical                ? 
_reflns.pdbx_percent_possible_ellipsoidal_anomalous    ? 
_reflns.pdbx_percent_possible_spherical_anomalous      ? 
_reflns.pdbx_redundancy_anomalous                      ? 
_reflns.pdbx_CC_half_anomalous                         ? 
_reflns.pdbx_absDiff_over_sigma_anomalous              ? 
_reflns.pdbx_percent_possible_anomalous                ? 
_reflns.pdbx_observed_signal_threshold                 ? 
_reflns.pdbx_signal_type                               ? 
_reflns.pdbx_signal_details                            ? 
_reflns.pdbx_signal_software_id                        ? 
# 
loop_
_reflns_shell.d_res_high 
_reflns_shell.d_res_low 
_reflns_shell.meanI_over_sigI_all 
_reflns_shell.meanI_over_sigI_obs 
_reflns_shell.number_measured_all 
_reflns_shell.number_measured_obs 
_reflns_shell.number_possible 
_reflns_shell.number_unique_all 
_reflns_shell.number_unique_obs 
_reflns_shell.percent_possible_all 
_reflns_shell.percent_possible_obs 
_reflns_shell.Rmerge_F_all 
_reflns_shell.Rmerge_F_obs 
_reflns_shell.Rmerge_I_all 
_reflns_shell.Rmerge_I_obs 
_reflns_shell.meanI_over_sigI_gt 
_reflns_shell.meanI_over_uI_all 
_reflns_shell.meanI_over_uI_gt 
_reflns_shell.number_measured_gt 
_reflns_shell.number_unique_gt 
_reflns_shell.percent_possible_gt 
_reflns_shell.Rmerge_F_gt 
_reflns_shell.Rmerge_I_gt 
_reflns_shell.pdbx_redundancy 
_reflns_shell.pdbx_Rsym_value 
_reflns_shell.pdbx_chi_squared 
_reflns_shell.pdbx_netI_over_sigmaI_all 
_reflns_shell.pdbx_netI_over_sigmaI_obs 
_reflns_shell.pdbx_Rrim_I_all 
_reflns_shell.pdbx_Rpim_I_all 
_reflns_shell.pdbx_rejects 
_reflns_shell.pdbx_ordinal 
_reflns_shell.pdbx_diffrn_id 
_reflns_shell.pdbx_CC_half 
_reflns_shell.pdbx_CC_star 
_reflns_shell.pdbx_R_split 
_reflns_shell.pdbx_percent_possible_ellipsoidal 
_reflns_shell.pdbx_percent_possible_spherical 
_reflns_shell.pdbx_percent_possible_ellipsoidal_anomalous 
_reflns_shell.pdbx_percent_possible_spherical_anomalous 
_reflns_shell.pdbx_redundancy_anomalous 
_reflns_shell.pdbx_CC_half_anomalous 
_reflns_shell.pdbx_absDiff_over_sigma_anomalous 
_reflns_shell.pdbx_percent_possible_anomalous 
1.800 1.860  ? ? ? ? ? ? 1333 97.400 ? ? ? ? 0.640 ? ? ? ? ? ? ? ? 5.800 ? 0.439 ? ? 0.703 0.285 ? 1  1 0.816 ? ? ? ? ? ? ? ? ? ? 
1.860 1.940  ? ? ? ? ? ? 1374 99.500 ? ? ? ? 0.543 ? ? ? ? ? ? ? ? 6.300 ? 0.460 ? ? 0.593 0.235 ? 2  1 0.855 ? ? ? ? ? ? ? ? ? ? 
1.940 2.030  ? ? ? ? ? ? 1345 99.900 ? ? ? ? 0.449 ? ? ? ? ? ? ? ? 6.600 ? 0.469 ? ? 0.487 0.188 ? 3  1 0.920 ? ? ? ? ? ? ? ? ? ? 
2.030 2.130  ? ? ? ? ? ? 1371 99.700 ? ? ? ? 0.345 ? ? ? ? ? ? ? ? 6.700 ? 0.490 ? ? 0.374 0.144 ? 4  1 0.943 ? ? ? ? ? ? ? ? ? ? 
2.130 2.270  ? ? ? ? ? ? 1331 97.000 ? ? ? ? 0.268 ? ? ? ? ? ? ? ? 6.100 ? 0.484 ? ? 0.293 0.116 ? 5  1 0.959 ? ? ? ? ? ? ? ? ? ? 
2.270 2.440  ? ? ? ? ? ? 1374 99.900 ? ? ? ? 0.199 ? ? ? ? ? ? ? ? 7.000 ? 0.529 ? ? 0.215 0.081 ? 6  1 0.982 ? ? ? ? ? ? ? ? ? ? 
2.440 2.690  ? ? ? ? ? ? 1390 99.900 ? ? ? ? 0.148 ? ? ? ? ? ? ? ? 6.900 ? 0.532 ? ? 0.160 0.060 ? 7  1 0.988 ? ? ? ? ? ? ? ? ? ? 
2.690 3.080  ? ? ? ? ? ? 1377 99.600 ? ? ? ? 0.084 ? ? ? ? ? ? ? ? 6.500 ? 0.599 ? ? 0.092 0.035 ? 8  1 0.996 ? ? ? ? ? ? ? ? ? ? 
3.080 3.880  ? ? ? ? ? ? 1388 99.000 ? ? ? ? 0.051 ? ? ? ? ? ? ? ? 6.600 ? 0.577 ? ? 0.055 0.021 ? 9  1 0.998 ? ? ? ? ? ? ? ? ? ? 
3.880 50.000 ? ? ? ? ? ? 1427 99.400 ? ? ? ? 0.041 ? ? ? ? ? ? ? ? 6.500 ? 0.421 ? ? 0.044 0.017 ? 10 1 0.998 ? ? ? ? ? ? ? ? ? ? 
# 
_refine.aniso_B[1][1]                            ? 
_refine.aniso_B[1][2]                            ? 
_refine.aniso_B[1][3]                            ? 
_refine.aniso_B[2][2]                            ? 
_refine.aniso_B[2][3]                            ? 
_refine.aniso_B[3][3]                            ? 
_refine.B_iso_max                                98.170 
_refine.B_iso_mean                               34.5877 
_refine.B_iso_min                                8.330 
_refine.correlation_coeff_Fo_to_Fc               ? 
_refine.correlation_coeff_Fo_to_Fc_free          ? 
_refine.details                                  ? 
_refine.diff_density_max                         ? 
_refine.diff_density_max_esd                     ? 
_refine.diff_density_min                         ? 
_refine.diff_density_min_esd                     ? 
_refine.diff_density_rms                         ? 
_refine.diff_density_rms_esd                     ? 
_refine.entry_id                                 7EOP 
_refine.pdbx_refine_id                           'X-RAY DIFFRACTION' 
_refine.ls_abs_structure_details                 ? 
_refine.ls_abs_structure_Flack                   ? 
_refine.ls_abs_structure_Flack_esd               ? 
_refine.ls_abs_structure_Rogers                  ? 
_refine.ls_abs_structure_Rogers_esd              ? 
_refine.ls_d_res_high                            1.8000 
_refine.ls_d_res_low                             28.9140 
_refine.ls_extinction_coef                       ? 
_refine.ls_extinction_coef_esd                   ? 
_refine.ls_extinction_expression                 ? 
_refine.ls_extinction_method                     ? 
_refine.ls_goodness_of_fit_all                   ? 
_refine.ls_goodness_of_fit_all_esd               ? 
_refine.ls_goodness_of_fit_obs                   ? 
_refine.ls_goodness_of_fit_obs_esd               ? 
_refine.ls_hydrogen_treatment                    ? 
_refine.ls_matrix_type                           ? 
_refine.ls_number_constraints                    ? 
_refine.ls_number_parameters                     ? 
_refine.ls_number_reflns_all                     ? 
_refine.ls_number_reflns_obs                     13691 
_refine.ls_number_reflns_R_free                  656 
_refine.ls_number_reflns_R_work                  13035 
_refine.ls_number_restraints                     ? 
_refine.ls_percent_reflns_obs                    99.0500 
_refine.ls_percent_reflns_R_free                 4.7900 
_refine.ls_R_factor_all                          ? 
_refine.ls_R_factor_obs                          0.1911 
_refine.ls_R_factor_R_free                       0.2113 
_refine.ls_R_factor_R_free_error                 ? 
_refine.ls_R_factor_R_free_error_details         ? 
_refine.ls_R_factor_R_work                       0.1900 
_refine.ls_R_Fsqd_factor_obs                     ? 
_refine.ls_R_I_factor_obs                        ? 
_refine.ls_redundancy_reflns_all                 ? 
_refine.ls_redundancy_reflns_obs                 ? 
_refine.ls_restrained_S_all                      ? 
_refine.ls_restrained_S_obs                      ? 
_refine.ls_shift_over_esd_max                    ? 
_refine.ls_shift_over_esd_mean                   ? 
_refine.ls_structure_factor_coef                 ? 
_refine.ls_weighting_details                     ? 
_refine.ls_weighting_scheme                      ? 
_refine.ls_wR_factor_all                         ? 
_refine.ls_wR_factor_obs                         ? 
_refine.ls_wR_factor_R_free                      ? 
_refine.ls_wR_factor_R_work                      ? 
_refine.occupancy_max                            ? 
_refine.occupancy_min                            ? 
_refine.solvent_model_details                    'FLAT BULK SOLVENT MODEL' 
_refine.solvent_model_param_bsol                 ? 
_refine.solvent_model_param_ksol                 ? 
_refine.pdbx_R_complete                          ? 
_refine.ls_R_factor_gt                           ? 
_refine.ls_goodness_of_fit_gt                    ? 
_refine.ls_goodness_of_fit_ref                   ? 
_refine.ls_shift_over_su_max                     ? 
_refine.ls_shift_over_su_max_lt                  ? 
_refine.ls_shift_over_su_mean                    ? 
_refine.ls_shift_over_su_mean_lt                 ? 
_refine.pdbx_ls_sigma_I                          ? 
_refine.pdbx_ls_sigma_F                          1.360 
_refine.pdbx_ls_sigma_Fsqd                       ? 
_refine.pdbx_data_cutoff_high_absF               ? 
_refine.pdbx_data_cutoff_high_rms_absF           ? 
_refine.pdbx_data_cutoff_low_absF                ? 
_refine.pdbx_isotropic_thermal_model             ? 
_refine.pdbx_ls_cross_valid_method               THROUGHOUT 
_refine.pdbx_method_to_determine_struct          'MOLECULAR REPLACEMENT' 
_refine.pdbx_starting_model                      7EOG 
_refine.pdbx_stereochemistry_target_values       ML 
_refine.pdbx_R_Free_selection_details            ? 
_refine.pdbx_stereochem_target_val_spec_case     ? 
_refine.pdbx_overall_ESU_R                       ? 
_refine.pdbx_overall_ESU_R_Free                  ? 
_refine.pdbx_solvent_vdw_probe_radii             1.1100 
_refine.pdbx_solvent_ion_probe_radii             ? 
_refine.pdbx_solvent_shrinkage_radii             0.9000 
_refine.pdbx_real_space_R                        ? 
_refine.pdbx_density_correlation                 ? 
_refine.pdbx_pd_number_of_powder_patterns        ? 
_refine.pdbx_pd_number_of_points                 ? 
_refine.pdbx_pd_meas_number_of_points            ? 
_refine.pdbx_pd_proc_ls_prof_R_factor            ? 
_refine.pdbx_pd_proc_ls_prof_wR_factor           ? 
_refine.pdbx_pd_Marquardt_correlation_coeff      ? 
_refine.pdbx_pd_Fsqrd_R_factor                   ? 
_refine.pdbx_pd_ls_matrix_band_width             ? 
_refine.pdbx_overall_phase_error                 23.5900 
_refine.pdbx_overall_SU_R_free_Cruickshank_DPI   ? 
_refine.pdbx_overall_SU_R_free_Blow_DPI          ? 
_refine.pdbx_overall_SU_R_Blow_DPI               ? 
_refine.pdbx_TLS_residual_ADP_flag               ? 
_refine.pdbx_diffrn_id                           1 
_refine.overall_SU_B                             ? 
_refine.overall_SU_ML                            0.1800 
_refine.overall_SU_R_Cruickshank_DPI             ? 
_refine.overall_SU_R_free                        ? 
_refine.overall_FOM_free_R_set                   ? 
_refine.overall_FOM_work_R_set                   ? 
_refine.pdbx_average_fsc_overall                 ? 
_refine.pdbx_average_fsc_work                    ? 
_refine.pdbx_average_fsc_free                    ? 
# 
_refine_hist.pdbx_refine_id                   'X-RAY DIFFRACTION' 
_refine_hist.cycle_id                         final 
_refine_hist.details                          ? 
_refine_hist.d_res_high                       1.8000 
_refine_hist.d_res_low                        28.9140 
_refine_hist.number_atoms_solvent             151 
_refine_hist.number_atoms_total               1235 
_refine_hist.number_reflns_all                ? 
_refine_hist.number_reflns_obs                ? 
_refine_hist.number_reflns_R_free             ? 
_refine_hist.number_reflns_R_work             ? 
_refine_hist.R_factor_all                     ? 
_refine_hist.R_factor_obs                     ? 
_refine_hist.R_factor_R_free                  ? 
_refine_hist.R_factor_R_work                  ? 
_refine_hist.pdbx_number_residues_total       49 
_refine_hist.pdbx_B_iso_mean_ligand           25.90 
_refine_hist.pdbx_B_iso_mean_solvent          29.73 
_refine_hist.pdbx_number_atoms_protein        0 
_refine_hist.pdbx_number_atoms_nucleic_acid   1054 
_refine_hist.pdbx_number_atoms_ligand         30 
_refine_hist.pdbx_number_atoms_lipid          ? 
_refine_hist.pdbx_number_atoms_carb           ? 
_refine_hist.pdbx_pseudo_atom_details         ? 
# 
loop_
_refine_ls_shell.pdbx_refine_id 
_refine_ls_shell.d_res_high 
_refine_ls_shell.d_res_low 
_refine_ls_shell.number_reflns_all 
_refine_ls_shell.number_reflns_obs 
_refine_ls_shell.number_reflns_R_free 
_refine_ls_shell.number_reflns_R_work 
_refine_ls_shell.percent_reflns_obs 
_refine_ls_shell.percent_reflns_R_free 
_refine_ls_shell.R_factor_all 
_refine_ls_shell.R_factor_obs 
_refine_ls_shell.R_factor_R_free 
_refine_ls_shell.R_factor_R_free_error 
_refine_ls_shell.R_factor_R_work 
_refine_ls_shell.redundancy_reflns_all 
_refine_ls_shell.redundancy_reflns_obs 
_refine_ls_shell.wR_factor_all 
_refine_ls_shell.wR_factor_obs 
_refine_ls_shell.wR_factor_R_free 
_refine_ls_shell.wR_factor_R_work 
_refine_ls_shell.pdbx_R_complete 
_refine_ls_shell.pdbx_total_number_of_bins_used 
_refine_ls_shell.pdbx_phase_error 
_refine_ls_shell.pdbx_fsc_work 
_refine_ls_shell.pdbx_fsc_free 
'X-RAY DIFFRACTION' 1.8000 1.9390  . . 106 2590 98.0000  . . . 0.2937 0.0000 0.2304 . . . . . . . . . . . 
'X-RAY DIFFRACTION' 1.9390 2.1341  . . 153 2558 100.0000 . . . 0.2403 0.0000 0.2059 . . . . . . . . . . . 
'X-RAY DIFFRACTION' 2.1341 2.4427  . . 128 2580 98.0000  . . . 0.2446 0.0000 0.2059 . . . . . . . . . . . 
'X-RAY DIFFRACTION' 2.4427 3.0770  . . 133 2632 100.0000 . . . 0.2396 0.0000 0.2039 . . . . . . . . . . . 
'X-RAY DIFFRACTION' 3.0770 28.9140 . . 136 2675 99.0000  . . . 0.1736 0.0000 0.1690 . . . . . . . . . . . 
# 
_struct.entry_id                     7EOP 
_struct.title                        'Crystal structure of the Pepper aptamer in complex with HBC620' 
_struct.pdbx_model_details           ? 
_struct.pdbx_formula_weight          ? 
_struct.pdbx_formula_weight_method   ? 
_struct.pdbx_model_type_details      ? 
_struct.pdbx_CASP_flag               N 
# 
_struct_keywords.entry_id        7EOP 
_struct_keywords.text            'Fluorescent RNA, Aptamer, HBC620, RNA' 
_struct_keywords.pdbx_keywords   RNA 
# 
loop_
_struct_asym.id 
_struct_asym.pdbx_blank_PDB_chainid_flag 
_struct_asym.pdbx_modified 
_struct_asym.entity_id 
_struct_asym.details 
A N N 1 ? 
B N N 2 ? 
C N N 3 ? 
D N N 3 ? 
E N N 3 ? 
F N N 3 ? 
G N N 3 ? 
H N N 4 ? 
I N N 5 ? 
# 
loop_
_struct_conn.id 
_struct_conn.conn_type_id 
_struct_conn.pdbx_leaving_atom_flag 
_struct_conn.pdbx_PDB_id 
_struct_conn.ptnr1_label_asym_id 
_struct_conn.ptnr1_label_comp_id 
_struct_conn.ptnr1_label_seq_id 
_struct_conn.ptnr1_label_atom_id 
_struct_conn.pdbx_ptnr1_label_alt_id 
_struct_conn.pdbx_ptnr1_PDB_ins_code 
_struct_conn.pdbx_ptnr1_standard_comp_id 
_struct_conn.ptnr1_symmetry 
_struct_conn.ptnr2_label_asym_id 
_struct_conn.ptnr2_label_comp_id 
_struct_conn.ptnr2_label_seq_id 
_struct_conn.ptnr2_label_atom_id 
_struct_conn.pdbx_ptnr2_label_alt_id 
_struct_conn.pdbx_ptnr2_PDB_ins_code 
_struct_conn.ptnr1_auth_asym_id 
_struct_conn.ptnr1_auth_comp_id 
_struct_conn.ptnr1_auth_seq_id 
_struct_conn.ptnr2_auth_asym_id 
_struct_conn.ptnr2_auth_comp_id 
_struct_conn.ptnr2_auth_seq_id 
_struct_conn.ptnr2_symmetry 
_struct_conn.pdbx_ptnr3_label_atom_id 
_struct_conn.pdbx_ptnr3_label_seq_id 
_struct_conn.pdbx_ptnr3_label_comp_id 
_struct_conn.pdbx_ptnr3_label_asym_id 
_struct_conn.pdbx_ptnr3_label_alt_id 
_struct_conn.pdbx_ptnr3_PDB_ins_code 
_struct_conn.details 
_struct_conn.pdbx_dist_value 
_struct_conn.pdbx_value_order 
_struct_conn.pdbx_role 
covale1  covale both ? A G  1  P   ? ? ? 1_555 B GTP .  "O3'" ? ? A G  2   A GTP 101 1_555 ? ? ? ? ? ? ?                       
1.566 ? ? 
metalc1  metalc ?    ? A C  6  OP2 ? ? ? 1_555 F MG  .  MG    ? ? A C  7   A MG  105 1_555 ? ? ? ? ? ? ?                       
2.028 ? ? 
metalc2  metalc ?    ? A U  7  OP2 ? ? ? 1_555 F MG  .  MG    ? ? A U  8   A MG  105 1_555 ? ? ? ? ? ? ?                       
1.973 ? ? 
metalc3  metalc ?    ? A A  29 OP2 ? ? ? 1_555 E MG  .  MG    ? ? A A  30  A MG  104 1_555 ? ? ? ? ? ? ?                       
1.985 ? ? 
metalc4  metalc ?    ? A U  31 OP2 ? ? ? 1_555 C MG  .  MG    ? ? A U  32  A MG  102 1_555 ? ? ? ? ? ? ?                       
1.988 ? ? 
metalc5  metalc ?    ? A U  41 OP2 ? ? ? 1_555 D MG  .  MG    ? ? A U  42  A MG  103 1_555 ? ? ? ? ? ? ?                       
2.011 ? ? 
metalc6  metalc ?    ? C MG .  MG  ? ? ? 1_555 I HOH .  O     ? ? A MG 102 A HOH 225 1_555 ? ? ? ? ? ? ?                       
2.113 ? ? 
metalc7  metalc ?    ? C MG .  MG  ? ? ? 1_555 I HOH .  O     ? ? A MG 102 A HOH 231 1_555 ? ? ? ? ? ? ?                       
2.145 ? ? 
metalc8  metalc ?    ? C MG .  MG  ? ? ? 1_555 I HOH .  O     ? ? A MG 102 A HOH 273 1_555 ? ? ? ? ? ? ?                       
2.153 ? ? 
metalc9  metalc ?    ? C MG .  MG  ? ? ? 1_555 I HOH .  O     ? ? A MG 102 A HOH 317 1_555 ? ? ? ? ? ? ?                       
2.045 ? ? 
metalc10 metalc ?    ? C MG .  MG  ? ? ? 1_555 I HOH .  O     ? ? A MG 102 A HOH 331 1_555 ? ? ? ? ? ? ?                       
2.145 ? ? 
metalc11 metalc ?    ? D MG .  MG  ? ? ? 1_555 I HOH .  O     ? ? A MG 103 A HOH 263 1_555 ? ? ? ? ? ? ?                       
1.985 ? ? 
metalc12 metalc ?    ? D MG .  MG  ? ? ? 1_555 I HOH .  O     ? ? A MG 103 A HOH 292 1_555 ? ? ? ? ? ? ?                       
2.155 ? ? 
metalc13 metalc ?    ? D MG .  MG  ? ? ? 1_555 I HOH .  O     ? ? A MG 103 A HOH 305 1_555 ? ? ? ? ? ? ?                       
2.147 ? ? 
metalc14 metalc ?    ? D MG .  MG  ? ? ? 1_555 I HOH .  O     ? ? A MG 103 A HOH 322 1_555 ? ? ? ? ? ? ?                       
2.029 ? ? 
metalc15 metalc ?    ? D MG .  MG  ? ? ? 1_555 I HOH .  O     ? ? A MG 103 A HOH 332 1_555 ? ? ? ? ? ? ?                       
2.086 ? ? 
metalc16 metalc ?    ? E MG .  MG  ? ? ? 1_555 I HOH .  O     ? ? A MG 104 A HOH 224 1_555 ? ? ? ? ? ? ?                       
2.125 ? ? 
metalc17 metalc ?    ? E MG .  MG  ? ? ? 1_555 I HOH .  O     ? ? A MG 104 A HOH 266 1_555 ? ? ? ? ? ? ?                       
2.161 ? ? 
metalc18 metalc ?    ? E MG .  MG  ? ? ? 1_555 I HOH .  O     ? ? A MG 104 A HOH 274 1_555 ? ? ? ? ? ? ?                       
2.061 ? ? 
metalc19 metalc ?    ? E MG .  MG  ? ? ? 1_555 I HOH .  O     ? ? A MG 104 A HOH 277 1_555 ? ? ? ? ? ? ?                       
2.078 ? ? 
metalc20 metalc ?    ? E MG .  MG  ? ? ? 1_555 I HOH .  O     ? ? A MG 104 A HOH 328 1_555 ? ? ? ? ? ? ?                       
2.226 ? ? 
metalc21 metalc ?    ? F MG .  MG  ? ? ? 1_555 I HOH .  O     ? ? A MG 105 A HOH 275 1_555 ? ? ? ? ? ? ?                       
2.017 ? ? 
metalc22 metalc ?    ? F MG .  MG  ? ? ? 1_555 I HOH .  O     ? ? A MG 105 A HOH 280 1_555 ? ? ? ? ? ? ?                       
2.229 ? ? 
metalc23 metalc ?    ? F MG .  MG  ? ? ? 1_555 I HOH .  O     ? ? A MG 105 A HOH 290 1_555 ? ? ? ? ? ? ?                       
2.093 ? ? 
metalc24 metalc ?    ? G MG .  MG  ? ? ? 1_555 I HOH .  O     ? ? A MG 106 A HOH 208 2_656 ? ? ? ? ? ? ?                       
2.236 ? ? 
metalc25 metalc ?    ? G MG .  MG  ? ? ? 1_555 I HOH .  O     ? ? A MG 106 A HOH 216 2_656 ? ? ? ? ? ? ?                       
2.155 ? ? 
metalc26 metalc ?    ? G MG .  MG  ? ? ? 1_555 I HOH .  O     ? ? A MG 106 A HOH 253 2_656 ? ? ? ? ? ? ?                       
1.946 ? ? 
metalc27 metalc ?    ? G MG .  MG  ? ? ? 1_555 I HOH .  O     ? ? A MG 106 A HOH 268 1_555 ? ? ? ? ? ? ?                       
2.075 ? ? 
metalc28 metalc ?    ? G MG .  MG  ? ? ? 1_555 I HOH .  O     ? ? A MG 106 A HOH 301 1_555 ? ? ? ? ? ? ?                       
1.904 ? ? 
metalc29 metalc ?    ? G MG .  MG  ? ? ? 1_555 I HOH .  O     ? ? A MG 106 A HOH 351 1_555 ? ? ? ? ? ? ?                       
2.082 ? ? 
hydrog1  hydrog ?    ? A G  1  N1  ? ? ? 1_555 A C   47 N3    ? ? A G  2   A C   48  1_555 ? ? ? ? ? ? WATSON-CRICK            ? ? 
? 
hydrog2  hydrog ?    ? A G  1  N2  ? ? ? 1_555 A C   47 O2    ? ? A G  2   A C   48  1_555 ? ? ? ? ? ? WATSON-CRICK            ? ? 
? 
hydrog3  hydrog ?    ? A G  1  O6  ? ? ? 1_555 A C   47 N4    ? ? A G  2   A C   48  1_555 ? ? ? ? ? ? WATSON-CRICK            ? ? 
? 
hydrog4  hydrog ?    ? A C  2  N3  ? ? ? 1_555 A G   46 N1    ? ? A C  3   A G   47  1_555 ? ? ? ? ? ? WATSON-CRICK            ? ? 
? 
hydrog5  hydrog ?    ? A C  2  N4  ? ? ? 1_555 A G   46 O6    ? ? A C  3   A G   47  1_555 ? ? ? ? ? ? WATSON-CRICK            ? ? 
? 
hydrog6  hydrog ?    ? A C  2  O2  ? ? ? 1_555 A G   46 N2    ? ? A C  3   A G   47  1_555 ? ? ? ? ? ? WATSON-CRICK            ? ? 
? 
hydrog7  hydrog ?    ? A G  3  N1  ? ? ? 1_555 A C   45 N3    ? ? A G  4   A C   46  1_555 ? ? ? ? ? ? WATSON-CRICK            ? ? 
? 
hydrog8  hydrog ?    ? A G  3  N2  ? ? ? 1_555 A C   45 O2    ? ? A G  4   A C   46  1_555 ? ? ? ? ? ? WATSON-CRICK            ? ? 
? 
hydrog9  hydrog ?    ? A G  3  O6  ? ? ? 1_555 A C   45 N4    ? ? A G  4   A C   46  1_555 ? ? ? ? ? ? WATSON-CRICK            ? ? 
? 
hydrog10 hydrog ?    ? A C  4  N3  ? ? ? 1_555 A G   44 N1    ? ? A C  5   A G   45  1_555 ? ? ? ? ? ? WATSON-CRICK            ? ? 
? 
hydrog11 hydrog ?    ? A C  4  N4  ? ? ? 1_555 A G   44 O6    ? ? A C  5   A G   45  1_555 ? ? ? ? ? ? WATSON-CRICK            ? ? 
? 
hydrog12 hydrog ?    ? A C  4  O2  ? ? ? 1_555 A G   44 N2    ? ? A C  5   A G   45  1_555 ? ? ? ? ? ? WATSON-CRICK            ? ? 
? 
hydrog13 hydrog ?    ? A C  6  N3  ? ? ? 1_555 A G   43 N1    ? ? A C  7   A G   44  1_555 ? ? ? ? ? ? WATSON-CRICK            ? ? 
? 
hydrog14 hydrog ?    ? A C  6  N4  ? ? ? 1_555 A G   43 O6    ? ? A C  7   A G   44  1_555 ? ? ? ? ? ? WATSON-CRICK            ? ? 
? 
hydrog15 hydrog ?    ? A C  6  O2  ? ? ? 1_555 A G   43 N2    ? ? A C  7   A G   44  1_555 ? ? ? ? ? ? WATSON-CRICK            ? ? 
? 
hydrog16 hydrog ?    ? A U  7  O4  ? ? ? 1_555 A G   40 N2    ? ? A U  8   A G   41  1_555 ? ? ? ? ? ? 'U-G MISPAIR'           ? ? 
? 
hydrog17 hydrog ?    ? A U  7  N3  ? ? ? 1_555 A U   41 O4    ? ? A U  8   A U   42  1_555 ? ? ? ? ? ? TYPE_16_PAIR            ? ? 
? 
hydrog18 hydrog ?    ? A U  7  O2  ? ? ? 1_555 A U   41 N3    ? ? A U  8   A U   42  1_555 ? ? ? ? ? ? TYPE_16_PAIR            ? ? 
? 
hydrog19 hydrog ?    ? A G  8  N1  ? ? ? 1_555 A C   32 O2    ? ? A G  9   A C   33  1_555 ? ? ? ? ? ? 'REVERSED WATSON-CRICK' ? ? 
? 
hydrog20 hydrog ?    ? A G  8  N2  ? ? ? 1_555 A C   32 N3    ? ? A G  9   A C   33  1_555 ? ? ? ? ? ? 'REVERSED WATSON-CRICK' ? ? 
? 
hydrog21 hydrog ?    ? A G  9  N1  ? ? ? 1_555 A U   39 O2    ? ? A G  10  A U   40  1_555 ? ? ? ? ? ? TYPE_28_PAIR            ? ? 
? 
hydrog22 hydrog ?    ? A G  9  O6  ? ? ? 1_555 A U   39 N3    ? ? A G  10  A U   40  1_555 ? ? ? ? ? ? TYPE_28_PAIR            ? ? 
? 
hydrog23 hydrog ?    ? A C  10 N3  ? ? ? 1_555 A G   38 N1    ? ? A C  11  A G   39  1_555 ? ? ? ? ? ? WATSON-CRICK            ? ? 
? 
hydrog24 hydrog ?    ? A C  10 N4  ? ? ? 1_555 A G   38 O6    ? ? A C  11  A G   39  1_555 ? ? ? ? ? ? WATSON-CRICK            ? ? 
? 
hydrog25 hydrog ?    ? A C  10 O2  ? ? ? 1_555 A G   38 N2    ? ? A C  11  A G   39  1_555 ? ? ? ? ? ? WATSON-CRICK            ? ? 
? 
hydrog26 hydrog ?    ? A G  11 N1  ? ? ? 1_555 A C   37 N3    ? ? A G  12  A C   38  1_555 ? ? ? ? ? ? WATSON-CRICK            ? ? 
? 
hydrog27 hydrog ?    ? A G  11 N2  ? ? ? 1_555 A C   37 O2    ? ? A G  12  A C   38  1_555 ? ? ? ? ? ? WATSON-CRICK            ? ? 
? 
hydrog28 hydrog ?    ? A G  11 O6  ? ? ? 1_555 A C   37 N4    ? ? A G  12  A C   38  1_555 ? ? ? ? ? ? WATSON-CRICK            ? ? 
? 
hydrog29 hydrog ?    ? A C  12 N3  ? ? ? 1_555 A G   36 N1    ? ? A C  13  A G   37  1_555 ? ? ? ? ? ? WATSON-CRICK            ? ? 
? 
hydrog30 hydrog ?    ? A C  12 N4  ? ? ? 1_555 A G   36 O6    ? ? A C  13  A G   37  1_555 ? ? ? ? ? ? WATSON-CRICK            ? ? 
? 
hydrog31 hydrog ?    ? A C  12 O2  ? ? ? 1_555 A G   36 N2    ? ? A C  13  A G   37  1_555 ? ? ? ? ? ? WATSON-CRICK            ? ? 
? 
hydrog32 hydrog ?    ? A U  13 N3  ? ? ? 1_555 A A   35 N1    ? ? A U  14  A A   36  1_555 ? ? ? ? ? ? WATSON-CRICK            ? ? 
? 
hydrog33 hydrog ?    ? A U  13 O4  ? ? ? 1_555 A A   35 N6    ? ? A U  14  A A   36  1_555 ? ? ? ? ? ? WATSON-CRICK            ? ? 
? 
hydrog34 hydrog ?    ? A G  14 N1  ? ? ? 1_555 A C   27 N3    ? ? A G  15  A C   28  1_555 ? ? ? ? ? ? WATSON-CRICK            ? ? 
? 
hydrog35 hydrog ?    ? A G  14 N2  ? ? ? 1_555 A C   27 O2    ? ? A G  15  A C   28  1_555 ? ? ? ? ? ? WATSON-CRICK            ? ? 
? 
hydrog36 hydrog ?    ? A G  14 O6  ? ? ? 1_555 A C   27 N4    ? ? A G  15  A C   28  1_555 ? ? ? ? ? ? WATSON-CRICK            ? ? 
? 
hydrog37 hydrog ?    ? A C  15 N3  ? ? ? 1_555 A G   26 N1    ? ? A C  16  A G   27  1_555 ? ? ? ? ? ? WATSON-CRICK            ? ? 
? 
hydrog38 hydrog ?    ? A C  15 N4  ? ? ? 1_555 A G   26 O6    ? ? A C  16  A G   27  1_555 ? ? ? ? ? ? WATSON-CRICK            ? ? 
? 
hydrog39 hydrog ?    ? A C  15 O2  ? ? ? 1_555 A G   26 N2    ? ? A C  16  A G   27  1_555 ? ? ? ? ? ? WATSON-CRICK            ? ? 
? 
hydrog40 hydrog ?    ? A G  16 N1  ? ? ? 1_555 A C   25 N3    ? ? A G  17  A C   26  1_555 ? ? ? ? ? ? WATSON-CRICK            ? ? 
? 
hydrog41 hydrog ?    ? A G  16 N2  ? ? ? 1_555 A C   25 O2    ? ? A G  17  A C   26  1_555 ? ? ? ? ? ? WATSON-CRICK            ? ? 
? 
hydrog42 hydrog ?    ? A G  16 O6  ? ? ? 1_555 A C   25 N4    ? ? A G  17  A C   26  1_555 ? ? ? ? ? ? WATSON-CRICK            ? ? 
? 
hydrog43 hydrog ?    ? A C  17 N3  ? ? ? 1_555 A G   24 N1    ? ? A C  18  A G   25  1_555 ? ? ? ? ? ? WATSON-CRICK            ? ? 
? 
hydrog44 hydrog ?    ? A C  17 N4  ? ? ? 1_555 A G   24 O6    ? ? A C  18  A G   25  1_555 ? ? ? ? ? ? WATSON-CRICK            ? ? 
? 
hydrog45 hydrog ?    ? A C  17 O2  ? ? ? 1_555 A G   24 N2    ? ? A C  18  A G   25  1_555 ? ? ? ? ? ? WATSON-CRICK            ? ? 
? 
hydrog46 hydrog ?    ? A C  18 N3  ? ? ? 1_555 A G   23 N1    ? ? A C  19  A G   24  1_555 ? ? ? ? ? ? WATSON-CRICK            ? ? 
? 
hydrog47 hydrog ?    ? A C  18 N4  ? ? ? 1_555 A G   23 O6    ? ? A C  19  A G   24  1_555 ? ? ? ? ? ? WATSON-CRICK            ? ? 
? 
hydrog48 hydrog ?    ? A C  18 O2  ? ? ? 1_555 A G   23 N2    ? ? A C  19  A G   24  1_555 ? ? ? ? ? ? WATSON-CRICK            ? ? 
? 
hydrog49 hydrog ?    ? A U  19 O2  ? ? ? 1_555 A G   22 N1    ? ? A U  20  A G   23  1_555 ? ? ? ? ? ? 'U-G MISPAIR'           ? ? 
? 
hydrog50 hydrog ?    ? A U  31 N3  ? ? ? 1_555 A U   34 O4    ? ? A U  32  A U   35  1_555 ? ? ? ? ? ? 'U-U MISPAIR'           ? ? 
? 
hydrog51 hydrog ?    ? A C  32 N4  ? ? ? 1_555 A U   39 O4    ? ? A C  33  A U   40  1_555 ? ? ? ? ? ? 'C-U MISPAIR'           ? ? 
? 
hydrog52 hydrog ?    ? A G  33 N2  ? ? ? 1_555 A G   38 N7    ? ? A G  34  A G   39  1_555 ? ? ? ? ? ? 'G-G MISPAIR'           ? ? 
? 
# 
loop_
_struct_conn_type.id 
_struct_conn_type.criteria 
_struct_conn_type.reference 
covale ? ? 
metalc ? ? 
hydrog ? ? 
# 
_atom_sites.entry_id                    7EOP 
_atom_sites.Cartn_transf_matrix[1][1]   ? 
_atom_sites.Cartn_transf_matrix[1][2]   ? 
_atom_sites.Cartn_transf_matrix[1][3]   ? 
_atom_sites.Cartn_transf_matrix[2][1]   ? 
_atom_sites.Cartn_transf_matrix[2][2]   ? 
_atom_sites.Cartn_transf_matrix[2][3]   ? 
_atom_sites.Cartn_transf_matrix[3][1]   ? 
_atom_sites.Cartn_transf_matrix[3][2]   ? 
_atom_sites.Cartn_transf_matrix[3][3]   ? 
_atom_sites.Cartn_transf_vector[1]      ? 
_atom_sites.Cartn_transf_vector[2]      ? 
_atom_sites.Cartn_transf_vector[3]      ? 
_atom_sites.fract_transf_matrix[1][1]   -0.01346261 
_atom_sites.fract_transf_matrix[1][2]   -0.00172641 
_atom_sites.fract_transf_matrix[1][3]   -0.00141691 
_atom_sites.fract_transf_matrix[2][1]   -0.00189861 
_atom_sites.fract_transf_matrix[2][2]   -0.00772762 
_atom_sites.fract_transf_matrix[2][3]   0.02745508 
_atom_sites.fract_transf_matrix[3][1]   -0.01570501 
_atom_sites.fract_transf_matrix[3][2]   0.01481888 
_atom_sites.fract_transf_matrix[3][3]   0.00308493 
_atom_sites.fract_transf_vector[1]      0.338187 
_atom_sites.fract_transf_vector[2]      0.505030 
_atom_sites.fract_transf_vector[3]      -0.039686 
_atom_sites.solution_primary            ? 
_atom_sites.solution_secondary          ? 
_atom_sites.solution_hydrogens          ? 
_atom_sites.special_details             ? 
# 
loop_
_atom_type.symbol 
C  
MG 
N  
O  
P  
S  
# 
loop_
_atom_site.group_PDB 
_atom_site.id 
_atom_site.type_symbol 
_atom_site.label_atom_id 
_atom_site.label_alt_id 
_atom_site.label_comp_id 
_atom_site.label_asym_id 
_atom_site.label_entity_id 
_atom_site.label_seq_id 
_atom_site.pdbx_PDB_ins_code 
_atom_site.Cartn_x 
_atom_site.Cartn_y 
_atom_site.Cartn_z 
_atom_site.occupancy 
_atom_site.B_iso_or_equiv 
_atom_site.pdbx_formal_charge 
_atom_site.auth_seq_id 
_atom_site.auth_comp_id 
_atom_site.auth_asym_id 
_atom_site.auth_atom_id 
_atom_site.pdbx_PDB_model_num 
ATOM   1    P  P     . G   A 1 1  ? -13.417 14.582  -7.413  1.00 23.96 ? 2   G   A P     1 
ATOM   2    O  OP1   . G   A 1 1  ? -13.614 13.441  -8.329  1.00 22.37 ? 2   G   A OP1   1 
ATOM   3    O  OP2   . G   A 1 1  ? -12.917 14.368  -6.038  1.00 22.99 ? 2   G   A OP2   1 
ATOM   4    O  "O5'" . G   A 1 1  ? -12.459 15.670  -8.069  1.00 23.43 ? 2   G   A "O5'" 1 
ATOM   5    C  "C5'" . G   A 1 1  ? -12.595 16.042  -9.430  1.00 23.70 ? 2   G   A "C5'" 1 
ATOM   6    C  "C4'" . G   A 1 1  ? -11.637 17.149  -9.784  1.00 23.36 ? 2   G   A "C4'" 1 
ATOM   7    O  "O4'" . G   A 1 1  ? -11.960 18.348  -9.028  1.00 27.25 ? 2   G   A "O4'" 1 
ATOM   8    C  "C3'" . G   A 1 1  ? -10.182 16.894  -9.446  1.00 21.74 ? 2   G   A "C3'" 1 
ATOM   9    O  "O3'" . G   A 1 1  ? -9.532  16.054  -10.382 1.00 23.27 ? 2   G   A "O3'" 1 
ATOM   10   C  "C2'" . G   A 1 1  ? -9.621  18.306  -9.381  1.00 23.06 ? 2   G   A "C2'" 1 
ATOM   11   O  "O2'" . G   A 1 1  ? -9.486  18.839  -10.691 1.00 24.64 ? 2   G   A "O2'" 1 
ATOM   12   C  "C1'" . G   A 1 1  ? -10.773 19.036  -8.688  1.00 25.25 ? 2   G   A "C1'" 1 
ATOM   13   N  N9    . G   A 1 1  ? -10.636 19.013  -7.216  1.00 22.74 ? 2   G   A N9    1 
ATOM   14   C  C8    . G   A 1 1  ? -11.273 18.146  -6.362  1.00 22.56 ? 2   G   A C8    1 
ATOM   15   N  N7    . G   A 1 1  ? -10.966 18.332  -5.107  1.00 21.11 ? 2   G   A N7    1 
ATOM   16   C  C5    . G   A 1 1  ? -10.081 19.400  -5.127  1.00 21.19 ? 2   G   A C5    1 
ATOM   17   C  C6    . G   A 1 1  ? -9.406  20.056  -4.057  1.00 21.07 ? 2   G   A C6    1 
ATOM   18   O  O6    . G   A 1 1  ? -9.475  19.836  -2.846  1.00 23.76 ? 2   G   A O6    1 
ATOM   19   N  N1    . G   A 1 1  ? -8.588  21.079  -4.502  1.00 20.70 ? 2   G   A N1    1 
ATOM   20   C  C2    . G   A 1 1  ? -8.432  21.435  -5.822  1.00 19.26 ? 2   G   A C2    1 
ATOM   21   N  N2    . G   A 1 1  ? -7.594  22.466  -6.062  1.00 20.18 ? 2   G   A N2    1 
ATOM   22   N  N3    . G   A 1 1  ? -9.060  20.842  -6.828  1.00 20.11 ? 2   G   A N3    1 
ATOM   23   C  C4    . G   A 1 1  ? -9.863  19.831  -6.419  1.00 20.30 ? 2   G   A C4    1 
ATOM   24   P  P     . C   A 1 2  ? -8.458  14.967  -9.885  1.00 23.39 ? 3   C   A P     1 
ATOM   25   O  OP1   . C   A 1 2  ? -7.992  14.331  -11.142 1.00 23.67 ? 3   C   A OP1   1 
ATOM   26   O  OP2   . C   A 1 2  ? -8.950  14.134  -8.755  1.00 21.96 ? 3   C   A OP2   1 
ATOM   27   O  "O5'" . C   A 1 2  ? -7.265  15.855  -9.329  1.00 20.12 ? 3   C   A "O5'" 1 
ATOM   28   C  "C5'" . C   A 1 2  ? -6.473  16.623  -10.222 1.00 19.77 ? 3   C   A "C5'" 1 
ATOM   29   C  "C4'" . C   A 1 2  ? -5.581  17.590  -9.488  1.00 20.08 ? 3   C   A "C4'" 1 
ATOM   30   O  "O4'" . C   A 1 2  ? -6.359  18.508  -8.662  1.00 20.78 ? 3   C   A "O4'" 1 
ATOM   31   C  "C3'" . C   A 1 2  ? -4.610  16.980  -8.496  1.00 20.99 ? 3   C   A "C3'" 1 
ATOM   32   O  "O3'" . C   A 1 2  ? -3.518  16.311  -9.107  1.00 20.70 ? 3   C   A "O3'" 1 
ATOM   33   C  "C2'" . C   A 1 2  ? -4.223  18.195  -7.670  1.00 19.16 ? 3   C   A "C2'" 1 
ATOM   34   O  "O2'" . C   A 1 2  ? -3.344  19.040  -8.406  1.00 21.17 ? 3   C   A "O2'" 1 
ATOM   35   C  "C1'" . C   A 1 2  ? -5.583  18.895  -7.540  1.00 18.67 ? 3   C   A "C1'" 1 
ATOM   36   N  N1    . C   A 1 2  ? -6.250  18.438  -6.302  1.00 17.34 ? 3   C   A N1    1 
ATOM   37   C  C2    . C   A 1 2  ? -5.852  19.032  -5.105  1.00 18.51 ? 3   C   A C2    1 
ATOM   38   O  O2    . C   A 1 2  ? -5.010  19.949  -5.161  1.00 18.38 ? 3   C   A O2    1 
ATOM   39   N  N3    . C   A 1 2  ? -6.393  18.603  -3.930  1.00 20.76 ? 3   C   A N3    1 
ATOM   40   C  C4    . C   A 1 2  ? -7.285  17.610  -3.948  1.00 21.77 ? 3   C   A C4    1 
ATOM   41   N  N4    . C   A 1 2  ? -7.805  17.207  -2.789  1.00 21.21 ? 3   C   A N4    1 
ATOM   42   C  C5    . C   A 1 2  ? -7.686  16.971  -5.159  1.00 22.50 ? 3   C   A C5    1 
ATOM   43   C  C6    . C   A 1 2  ? -7.135  17.397  -6.307  1.00 17.84 ? 3   C   A C6    1 
ATOM   44   P  P     . G   A 1 3  ? -2.792  15.088  -8.358  1.00 20.24 ? 4   G   A P     1 
ATOM   45   O  OP1   . G   A 1 3  ? -1.833  14.539  -9.350  1.00 20.96 ? 4   G   A OP1   1 
ATOM   46   O  OP2   . G   A 1 3  ? -3.771  14.139  -7.775  1.00 19.94 ? 4   G   A OP2   1 
ATOM   47   O  "O5'" . G   A 1 3  ? -1.970  15.781  -7.194  1.00 19.78 ? 4   G   A "O5'" 1 
ATOM   48   C  "C5'" . G   A 1 3  ? -0.947  16.714  -7.510  1.00 21.80 ? 4   G   A "C5'" 1 
ATOM   49   C  "C4'" . G   A 1 3  ? -0.462  17.436  -6.282  1.00 22.02 ? 4   G   A "C4'" 1 
ATOM   50   O  "O4'" . G   A 1 3  ? -1.574  18.063  -5.608  1.00 22.29 ? 4   G   A "O4'" 1 
ATOM   51   C  "C3'" . G   A 1 3  ? 0.182   16.569  -5.214  1.00 23.18 ? 4   G   A "C3'" 1 
ATOM   52   O  "O3'" . G   A 1 3  ? 1.537   16.302  -5.517  1.00 23.51 ? 4   G   A "O3'" 1 
ATOM   53   C  "C2'" . G   A 1 3  ? 0.008   17.408  -3.961  1.00 22.75 ? 4   G   A "C2'" 1 
ATOM   54   O  "O2'" . G   A 1 3  ? 0.982   18.442  -3.938  1.00 21.23 ? 4   G   A "O2'" 1 
ATOM   55   C  "C1'" . G   A 1 3  ? -1.358  18.053  -4.213  1.00 21.11 ? 4   G   A "C1'" 1 
ATOM   56   N  N9    . G   A 1 3  ? -2.481  17.339  -3.570  1.00 20.50 ? 4   G   A N9    1 
ATOM   57   C  C8    . G   A 1 3  ? -3.469  16.609  -4.192  1.00 21.58 ? 4   G   A C8    1 
ATOM   58   N  N7    . G   A 1 3  ? -4.351  16.114  -3.358  1.00 19.84 ? 4   G   A N7    1 
ATOM   59   C  C5    . G   A 1 3  ? -3.915  16.547  -2.107  1.00 19.28 ? 4   G   A C5    1 
ATOM   60   C  C6    . G   A 1 3  ? -4.466  16.335  -0.813  1.00 22.49 ? 4   G   A C6    1 
ATOM   61   O  O6    . G   A 1 3  ? -5.478  15.683  -0.516  1.00 21.65 ? 4   G   A O6    1 
ATOM   62   N  N1    . G   A 1 3  ? -3.706  16.949  0.185   1.00 21.29 ? 4   G   A N1    1 
ATOM   63   C  C2    . G   A 1 3  ? -2.571  17.684  -0.053  1.00 22.07 ? 4   G   A C2    1 
ATOM   64   N  N2    . G   A 1 3  ? -1.954  18.209  1.014   1.00 23.79 ? 4   G   A N2    1 
ATOM   65   N  N3    . G   A 1 3  ? -2.053  17.896  -1.254  1.00 19.53 ? 4   G   A N3    1 
ATOM   66   C  C4    . G   A 1 3  ? -2.773  17.305  -2.225  1.00 19.77 ? 4   G   A C4    1 
ATOM   67   P  P     . C   A 1 4  ? 2.213   14.899  -5.140  1.00 23.49 ? 5   C   A P     1 
ATOM   68   O  OP1   . C   A 1 4  ? 3.548   14.938  -5.804  1.00 22.50 ? 5   C   A OP1   1 
ATOM   69   O  OP2   . C   A 1 4  ? 1.276   13.781  -5.445  1.00 21.13 ? 5   C   A OP2   1 
ATOM   70   O  "O5'" . C   A 1 4  ? 2.371   14.963  -3.557  1.00 23.61 ? 5   C   A "O5'" 1 
ATOM   71   C  "C5'" . C   A 1 4  ? 3.197   15.936  -2.936  1.00 24.18 ? 5   C   A "C5'" 1 
ATOM   72   C  "C4'" . C   A 1 4  ? 3.026   15.926  -1.436  1.00 23.47 ? 5   C   A "C4'" 1 
ATOM   73   O  "O4'" . C   A 1 4  ? 1.655   16.243  -1.104  1.00 21.46 ? 5   C   A "O4'" 1 
ATOM   74   C  "C3'" . C   A 1 4  ? 3.294   14.605  -0.730  1.00 23.64 ? 5   C   A "C3'" 1 
ATOM   75   O  "O3'" . C   A 1 4  ? 4.676   14.449  -0.442  1.00 25.16 ? 5   C   A "O3'" 1 
ATOM   76   C  "C2'" . C   A 1 4  ? 2.442   14.709  0.538   1.00 22.50 ? 5   C   A "C2'" 1 
ATOM   77   O  "O2'" . C   A 1 4  ? 3.153   15.398  1.555   1.00 24.61 ? 5   C   A "O2'" 1 
ATOM   78   C  "C1'" . C   A 1 4  ? 1.287   15.611  0.091   1.00 21.85 ? 5   C   A "C1'" 1 
ATOM   79   N  N1    . C   A 1 4  ? -0.004  14.921  -0.120  1.00 21.49 ? 5   C   A N1    1 
ATOM   80   C  C2    . C   A 1 4  ? -0.785  14.623  0.993   1.00 23.19 ? 5   C   A C2    1 
ATOM   81   O  O2    . C   A 1 4  ? -0.321  14.882  2.114   1.00 22.46 ? 5   C   A O2    1 
ATOM   82   N  N3    . C   A 1 4  ? -1.987  14.021  0.817   1.00 21.00 ? 5   C   A N3    1 
ATOM   83   C  C4    . C   A 1 4  ? -2.420  13.760  -0.413  1.00 22.04 ? 5   C   A C4    1 
ATOM   84   N  N4    . C   A 1 4  ? -3.621  13.178  -0.552  1.00 21.95 ? 5   C   A N4    1 
ATOM   85   C  C5    . C   A 1 4  ? -1.650  14.088  -1.566  1.00 21.83 ? 5   C   A C5    1 
ATOM   86   C  C6    . C   A 1 4  ? -0.460  14.669  -1.380  1.00 21.11 ? 5   C   A C6    1 
ATOM   87   P  P     . A   A 1 5  ? 5.494   13.118  -0.814  1.00 27.20 ? 6   A   A P     1 
ATOM   88   O  OP1   . A   A 1 5  ? 6.860   13.366  -0.275  1.00 27.75 ? 6   A   A OP1   1 
ATOM   89   O  OP2   . A   A 1 5  ? 5.313   12.750  -2.238  1.00 23.69 ? 6   A   A OP2   1 
ATOM   90   O  "O5'" . A   A 1 5  ? 4.835   11.979  0.098   1.00 22.88 ? 6   A   A "O5'" 1 
ATOM   91   C  "C5'" . A   A 1 5  ? 4.752   12.111  1.517   1.00 23.15 ? 6   A   A "C5'" 1 
ATOM   92   C  "C4'" . A   A 1 5  ? 3.745   11.150  2.102   1.00 21.73 ? 6   A   A "C4'" 1 
ATOM   93   O  "O4'" . A   A 1 5  ? 2.479   11.358  1.428   1.00 22.53 ? 6   A   A "O4'" 1 
ATOM   94   C  "C3'" . A   A 1 5  ? 4.072   9.671   1.930   1.00 22.79 ? 6   A   A "C3'" 1 
ATOM   95   O  "O3'" . A   A 1 5  ? 3.468   8.913   2.977   1.00 25.33 ? 6   A   A "O3'" 1 
ATOM   96   C  "C2'" . A   A 1 5  ? 3.378   9.323   0.627   1.00 20.56 ? 6   A   A "C2'" 1 
ATOM   97   O  "O2'" . A   A 1 5  ? 3.026   7.964   0.505   1.00 22.45 ? 6   A   A "O2'" 1 
ATOM   98   C  "C1'" . A   A 1 5  ? 2.126   10.205  0.687   1.00 19.49 ? 6   A   A "C1'" 1 
ATOM   99   N  N9    . A   A 1 5  ? 1.701   10.656  -0.640  1.00 21.81 ? 6   A   A N9    1 
ATOM   100  C  C8    . A   A 1 5  ? 2.518   11.039  -1.677  1.00 22.45 ? 6   A   A C8    1 
ATOM   101  N  N7    . A   A 1 5  ? 1.865   11.407  -2.754  1.00 24.75 ? 6   A   A N7    1 
ATOM   102  C  C5    . A   A 1 5  ? 0.531   11.245  -2.406  1.00 23.36 ? 6   A   A C5    1 
ATOM   103  C  C6    . A   A 1 5  ? -0.668  11.450  -3.109  1.00 22.72 ? 6   A   A C6    1 
ATOM   104  N  N6    . A   A 1 5  ? -0.741  11.900  -4.357  1.00 20.48 ? 6   A   A N6    1 
ATOM   105  N  N1    . A   A 1 5  ? -1.826  11.179  -2.459  1.00 20.35 ? 6   A   A N1    1 
ATOM   106  C  C2    . A   A 1 5  ? -1.773  10.735  -1.194  1.00 23.05 ? 6   A   A C2    1 
ATOM   107  N  N3    . A   A 1 5  ? -0.707  10.511  -0.430  1.00 20.63 ? 6   A   A N3    1 
ATOM   108  C  C4    . A   A 1 5  ? 0.420   10.787  -1.104  1.00 23.10 ? 6   A   A C4    1 
ATOM   109  P  P     . C   A 1 6  ? 4.209   8.745   4.389   1.00 23.79 ? 7   C   A P     1 
ATOM   110  O  OP1   . C   A 1 6  ? 5.659   8.965   4.187   1.00 20.28 ? 7   C   A OP1   1 
ATOM   111  O  OP2   . C   A 1 6  ? 3.751   7.480   5.005   1.00 23.61 ? 7   C   A OP2   1 
ATOM   112  O  "O5'" . C   A 1 6  ? 3.633   9.964   5.235   1.00 24.53 ? 7   C   A "O5'" 1 
ATOM   113  C  "C5'" . C   A 1 6  ? 4.044   10.185  6.574   1.00 24.90 ? 7   C   A "C5'" 1 
ATOM   114  C  "C4'" . C   A 1 6  ? 2.856   10.425  7.461   1.00 22.93 ? 7   C   A "C4'" 1 
ATOM   115  O  "O4'" . C   A 1 6  ? 2.039   11.486  6.901   1.00 24.56 ? 7   C   A "O4'" 1 
ATOM   116  C  "C3'" . C   A 1 6  ? 1.899   9.250   7.618   1.00 23.12 ? 7   C   A "C3'" 1 
ATOM   117  O  "O3'" . C   A 1 6  ? 2.321   8.350   8.635   1.00 25.15 ? 7   C   A "O3'" 1 
ATOM   118  C  "C2'" . C   A 1 6  ? 0.593   9.935   7.965   1.00 22.11 ? 7   C   A "C2'" 1 
ATOM   119  O  "O2'" . C   A 1 6  ? 0.575   10.284  9.338   1.00 24.20 ? 7   C   A "O2'" 1 
ATOM   120  C  "C1'" . C   A 1 6  ? 0.676   11.221  7.140   1.00 24.74 ? 7   C   A "C1'" 1 
ATOM   121  N  N1    . C   A 1 6  ? -0.036  11.093  5.845   1.00 21.33 ? 7   C   A N1    1 
ATOM   122  C  C2    . C   A 1 6  ? -1.424  10.952  5.856   1.00 22.74 ? 7   C   A C2    1 
ATOM   123  O  O2    . C   A 1 6  ? -2.010  10.941  6.947   1.00 23.64 ? 7   C   A O2    1 
ATOM   124  N  N3    . C   A 1 6  ? -2.100  10.822  4.686   1.00 20.47 ? 7   C   A N3    1 
ATOM   125  C  C4    . C   A 1 6  ? -1.440  10.844  3.530   1.00 22.28 ? 7   C   A C4    1 
ATOM   126  N  N4    . C   A 1 6  ? -2.136  10.715  2.388   1.00 21.73 ? 7   C   A N4    1 
ATOM   127  C  C5    . C   A 1 6  ? -0.027  10.996  3.492   1.00 21.12 ? 7   C   A C5    1 
ATOM   128  C  C6    . C   A 1 6  ? 0.630   11.118  4.652   1.00 23.43 ? 7   C   A C6    1 
ATOM   129  P  P     . U   A 1 7  ? 2.050   6.767   8.545   1.00 22.21 ? 8   U   A P     1 
ATOM   130  O  OP1   . U   A 1 7  ? 2.406   6.176   9.867   1.00 22.78 ? 8   U   A OP1   1 
ATOM   131  O  OP2   . U   A 1 7  ? 2.715   6.261   7.315   1.00 20.99 ? 8   U   A OP2   1 
ATOM   132  O  "O5'" . U   A 1 7  ? 0.496   6.631   8.249   1.00 22.70 ? 8   U   A "O5'" 1 
ATOM   133  C  "C5'" . U   A 1 7  ? -0.503  6.882   9.224   1.00 23.49 ? 8   U   A "C5'" 1 
ATOM   134  C  "C4'" . U   A 1 7  ? -1.862  6.813   8.583   1.00 24.93 ? 8   U   A "C4'" 1 
ATOM   135  O  "O4'" . U   A 1 7  ? -1.955  7.844   7.562   1.00 23.02 ? 8   U   A "O4'" 1 
ATOM   136  C  "C3'" . U   A 1 7  ? -2.157  5.525   7.827   1.00 25.68 ? 8   U   A "C3'" 1 
ATOM   137  O  "O3'" . U   A 1 7  ? -2.624  4.483   8.660   1.00 26.95 ? 8   U   A "O3'" 1 
ATOM   138  C  "C2'" . U   A 1 7  ? -3.179  5.964   6.795   1.00 25.77 ? 8   U   A "C2'" 1 
ATOM   139  O  "O2'" . U   A 1 7  ? -4.451  6.109   7.410   1.00 22.60 ? 8   U   A "O2'" 1 
ATOM   140  C  "C1'" . U   A 1 7  ? -2.657  7.354   6.437   1.00 24.47 ? 8   U   A "C1'" 1 
ATOM   141  N  N1    . U   A 1 7  ? -1.738  7.340   5.272   1.00 23.79 ? 8   U   A N1    1 
ATOM   142  C  C2    . U   A 1 7  ? -2.307  7.417   4.016   1.00 21.89 ? 8   U   A C2    1 
ATOM   143  O  O2    . U   A 1 7  ? -3.512  7.479   3.833   1.00 25.15 ? 8   U   A O2    1 
ATOM   144  N  N3    . U   A 1 7  ? -1.417  7.411   2.972   1.00 21.19 ? 8   U   A N3    1 
ATOM   145  C  C4    . U   A 1 7  ? -0.049  7.351   3.032   1.00 20.69 ? 8   U   A C4    1 
ATOM   146  O  O4    . U   A 1 7  ? 0.590   7.360   1.975   1.00 23.66 ? 8   U   A O4    1 
ATOM   147  C  C5    . U   A 1 7  ? 0.473   7.271   4.366   1.00 21.24 ? 8   U   A C5    1 
ATOM   148  C  C6    . U   A 1 7  ? -0.361  7.273   5.412   1.00 21.37 ? 8   U   A C6    1 
ATOM   149  P  P     . G   A 1 8  ? -1.705  3.189   8.917   1.00 26.38 ? 9   G   A P     1 
ATOM   150  O  OP1   . G   A 1 8  ? -2.550  2.259   9.715   1.00 25.34 ? 9   G   A OP1   1 
ATOM   151  O  OP2   . G   A 1 8  ? -0.347  3.590   9.359   1.00 23.78 ? 9   G   A OP2   1 
ATOM   152  O  "O5'" . G   A 1 8  ? -1.489  2.584   7.470   1.00 24.83 ? 9   G   A "O5'" 1 
ATOM   153  C  "C5'" . G   A 1 8  ? -2.584  2.251   6.633   1.00 23.23 ? 9   G   A "C5'" 1 
ATOM   154  C  "C4'" . G   A 1 8  ? -2.084  1.727   5.320   1.00 22.95 ? 9   G   A "C4'" 1 
ATOM   155  O  "O4'" . G   A 1 8  ? -1.322  2.778   4.639   1.00 22.91 ? 9   G   A "O4'" 1 
ATOM   156  C  "C3'" . G   A 1 8  ? -1.143  0.524   5.441   1.00 24.40 ? 9   G   A "C3'" 1 
ATOM   157  O  "O3'" . G   A 1 8  ? -1.370  -0.371  4.354   1.00 26.57 ? 9   G   A "O3'" 1 
ATOM   158  C  "C2'" . G   A 1 8  ? 0.230   1.165   5.276   1.00 23.94 ? 9   G   A "C2'" 1 
ATOM   159  O  "O2'" . G   A 1 8  ? 1.257   0.288   4.864   1.00 23.87 ? 9   G   A "O2'" 1 
ATOM   160  C  "C1'" . G   A 1 8  ? -0.079  2.239   4.238   1.00 21.48 ? 9   G   A "C1'" 1 
ATOM   161  N  N9    . G   A 1 8  ? 0.971   3.268   4.098   1.00 19.45 ? 9   G   A N9    1 
ATOM   162  C  C8    . G   A 1 8  ? 1.717   3.898   5.081   1.00 19.86 ? 9   G   A C8    1 
ATOM   163  N  N7    . G   A 1 8  ? 2.636   4.719   4.617   1.00 16.80 ? 9   G   A N7    1 
ATOM   164  C  C5    . G   A 1 8  ? 2.486   4.609   3.230   1.00 18.39 ? 9   G   A C5    1 
ATOM   165  C  C6    . G   A 1 8  ? 3.193   5.232   2.173   1.00 20.94 ? 9   G   A C6    1 
ATOM   166  O  O6    . G   A 1 8  ? 4.132   6.036   2.234   1.00 21.26 ? 9   G   A O6    1 
ATOM   167  N  N1    . G   A 1 8  ? 2.722   4.853   0.920   1.00 20.01 ? 9   G   A N1    1 
ATOM   168  C  C2    . G   A 1 8  ? 1.718   3.953   0.695   1.00 19.97 ? 9   G   A C2    1 
ATOM   169  N  N2    . G   A 1 8  ? 1.431   3.715   -0.595  1.00 18.60 ? 9   G   A N2    1 
ATOM   170  N  N3    . G   A 1 8  ? 1.050   3.352   1.670   1.00 21.40 ? 9   G   A N3    1 
ATOM   171  C  C4    . G   A 1 8  ? 1.482   3.720   2.901   1.00 20.32 ? 9   G   A C4    1 
ATOM   172  P  P     . G   A 1 9  ? -1.669  -1.924  4.609   1.00 28.75 ? 10  G   A P     1 
ATOM   173  O  OP1   . G   A 1 9  ? -1.480  -2.235  6.055   1.00 28.75 ? 10  G   A OP1   1 
ATOM   174  O  OP2   . G   A 1 9  ? -0.889  -2.715  3.627   1.00 28.18 ? 10  G   A OP2   1 
ATOM   175  O  "O5'" . G   A 1 9  ? -3.200  -2.067  4.219   1.00 27.94 ? 10  G   A "O5'" 1 
ATOM   176  C  "C5'" . G   A 1 9  ? -4.219  -1.511  5.029   1.00 26.79 ? 10  G   A "C5'" 1 
ATOM   177  C  "C4'" . G   A 1 9  ? -5.312  -0.918  4.185   1.00 27.07 ? 10  G   A "C4'" 1 
ATOM   178  O  "O4'" . G   A 1 9  ? -4.875  0.341   3.611   1.00 26.29 ? 10  G   A "O4'" 1 
ATOM   179  C  "C3'" . G   A 1 9  ? -5.742  -1.740  2.984   1.00 27.10 ? 10  G   A "C3'" 1 
ATOM   180  O  "O3'" . G   A 1 9  ? -6.639  -2.770  3.339   1.00 28.03 ? 10  G   A "O3'" 1 
ATOM   181  C  "C2'" . G   A 1 9  ? -6.367  -0.693  2.078   1.00 24.54 ? 10  G   A "C2'" 1 
ATOM   182  O  "O2'" . G   A 1 9  ? -7.680  -0.395  2.530   1.00 24.92 ? 10  G   A "O2'" 1 
ATOM   183  C  "C1'" . G   A 1 9  ? -5.464  0.517   2.341   1.00 24.89 ? 10  G   A "C1'" 1 
ATOM   184  N  N9    . G   A 1 9  ? -4.382  0.620   1.339   1.00 24.12 ? 10  G   A N9    1 
ATOM   185  C  C8    . G   A 1 9  ? -3.034  0.416   1.536   1.00 24.14 ? 10  G   A C8    1 
ATOM   186  N  N7    . G   A 1 9  ? -2.329  0.578   0.444   1.00 22.33 ? 10  G   A N7    1 
ATOM   187  C  C5    . G   A 1 9  ? -3.263  0.894   -0.540  1.00 23.88 ? 10  G   A C5    1 
ATOM   188  C  C6    . G   A 1 9  ? -3.100  1.181   -1.923  1.00 25.85 ? 10  G   A C6    1 
ATOM   189  O  O6    . G   A 1 9  ? -2.063  1.210   -2.613  1.00 25.00 ? 10  G   A O6    1 
ATOM   190  N  N1    . G   A 1 9  ? -4.324  1.453   -2.530  1.00 25.87 ? 10  G   A N1    1 
ATOM   191  C  C2    . G   A 1 9  ? -5.537  1.450   -1.895  1.00 24.89 ? 10  G   A C2    1 
ATOM   192  N  N2    . G   A 1 9  ? -6.596  1.736   -2.666  1.00 25.88 ? 10  G   A N2    1 
ATOM   193  N  N3    . G   A 1 9  ? -5.706  1.192   -0.606  1.00 25.13 ? 10  G   A N3    1 
ATOM   194  C  C4    . G   A 1 9  ? -4.536  0.925   0.008   1.00 26.01 ? 10  G   A C4    1 
ATOM   195  P  P     . C   A 1 10 ? -6.618  -4.184  2.581   1.00 30.92 ? 11  C   A P     1 
ATOM   196  O  OP1   . C   A 1 10 ? -7.689  -4.971  3.246   1.00 34.56 ? 11  C   A OP1   1 
ATOM   197  O  OP2   . C   A 1 10 ? -5.242  -4.731  2.518   1.00 28.70 ? 11  C   A OP2   1 
ATOM   198  O  "O5'" . C   A 1 10 ? -7.080  -3.854  1.095   1.00 29.03 ? 11  C   A "O5'" 1 
ATOM   199  C  "C5'" . C   A 1 10 ? -8.352  -3.295  0.822   1.00 24.90 ? 11  C   A "C5'" 1 
ATOM   200  C  "C4'" . C   A 1 10 ? -8.461  -2.886  -0.620  1.00 27.70 ? 11  C   A "C4'" 1 
ATOM   201  O  "O4'" . C   A 1 10 ? -7.590  -1.755  -0.889  1.00 26.37 ? 11  C   A "O4'" 1 
ATOM   202  C  "C3'" . C   A 1 10 ? -8.012  -3.925  -1.631  1.00 29.00 ? 11  C   A "C3'" 1 
ATOM   203  O  "O3'" . C   A 1 10 ? -8.975  -4.936  -1.847  1.00 31.42 ? 11  C   A "O3'" 1 
ATOM   204  C  "C2'" . C   A 1 10 ? -7.729  -3.072  -2.854  1.00 28.82 ? 11  C   A "C2'" 1 
ATOM   205  O  "O2'" . C   A 1 10 ? -8.951  -2.651  -3.448  1.00 31.58 ? 11  C   A "O2'" 1 
ATOM   206  C  "C1'" . C   A 1 10 ? -7.083  -1.850  -2.208  1.00 25.72 ? 11  C   A "C1'" 1 
ATOM   207  N  N1    . C   A 1 10 ? -5.607  -1.980  -2.150  1.00 26.56 ? 11  C   A N1    1 
ATOM   208  C  C2    . C   A 1 10 ? -4.880  -1.609  -3.285  1.00 27.10 ? 11  C   A C2    1 
ATOM   209  O  O2    . C   A 1 10 ? -5.503  -1.190  -4.284  1.00 27.69 ? 11  C   A O2    1 
ATOM   210  N  N3    . C   A 1 10 ? -3.533  -1.712  -3.262  1.00 26.49 ? 11  C   A N3    1 
ATOM   211  C  C4    . C   A 1 10 ? -2.906  -2.157  -2.166  1.00 26.85 ? 11  C   A C4    1 
ATOM   212  N  N4    . C   A 1 10 ? -1.573  -2.235  -2.188  1.00 24.51 ? 11  C   A N4    1 
ATOM   213  C  C5    . C   A 1 10 ? -3.620  -2.548  -0.994  1.00 27.35 ? 11  C   A C5    1 
ATOM   214  C  C6    . C   A 1 10 ? -4.958  -2.439  -1.036  1.00 26.66 ? 11  C   A C6    1 
ATOM   215  P  P     . G   A 1 11 ? -8.514  -6.403  -2.287  1.00 32.30 ? 12  G   A P     1 
ATOM   216  O  OP1   . G   A 1 11 ? -9.725  -7.253  -2.199  1.00 35.56 ? 12  G   A OP1   1 
ATOM   217  O  OP2   . G   A 1 11 ? -7.264  -6.789  -1.600  1.00 34.12 ? 12  G   A OP2   1 
ATOM   218  O  "O5'" . G   A 1 11 ? -8.150  -6.234  -3.827  1.00 29.40 ? 12  G   A "O5'" 1 
ATOM   219  C  "C5'" . G   A 1 11 ? -9.128  -5.802  -4.754  1.00 32.64 ? 12  G   A "C5'" 1 
ATOM   220  C  "C4'" . G   A 1 11 ? -8.539  -5.661  -6.130  1.00 31.51 ? 12  G   A "C4'" 1 
ATOM   221  O  "O4'" . G   A 1 11 ? -7.607  -4.549  -6.154  1.00 29.91 ? 12  G   A "O4'" 1 
ATOM   222  C  "C3'" . G   A 1 11 ? -7.712  -6.839  -6.610  1.00 32.15 ? 12  G   A "C3'" 1 
ATOM   223  O  "O3'" . G   A 1 11 ? -8.492  -7.898  -7.125  1.00 35.28 ? 12  G   A "O3'" 1 
ATOM   224  C  "C2'" . G   A 1 11 ? -6.807  -6.204  -7.648  1.00 31.60 ? 12  G   A "C2'" 1 
ATOM   225  O  "O2'" . G   A 1 11 ? -7.526  -5.982  -8.849  1.00 32.17 ? 12  G   A "O2'" 1 
ATOM   226  C  "C1'" . G   A 1 11 ? -6.517  -4.855  -7.000  1.00 30.49 ? 12  G   A "C1'" 1 
ATOM   227  N  N9    . G   A 1 11 ? -5.288  -4.882  -6.184  1.00 28.11 ? 12  G   A N9    1 
ATOM   228  C  C8    . G   A 1 11 ? -5.211  -4.958  -4.816  1.00 29.56 ? 12  G   A C8    1 
ATOM   229  N  N7    . G   A 1 11 ? -3.982  -4.950  -4.367  1.00 29.90 ? 12  G   A N7    1 
ATOM   230  C  C5    . G   A 1 11 ? -3.205  -4.858  -5.518  1.00 28.25 ? 12  G   A C5    1 
ATOM   231  C  C6    . G   A 1 11 ? -1.789  -4.805  -5.673  1.00 28.42 ? 12  G   A C6    1 
ATOM   232  O  O6    . G   A 1 11 ? -0.922  -4.819  -4.790  1.00 25.05 ? 12  G   A O6    1 
ATOM   233  N  N1    . G   A 1 11 ? -1.424  -4.720  -7.014  1.00 27.13 ? 12  G   A N1    1 
ATOM   234  C  C2    . G   A 1 11 ? -2.309  -4.687  -8.069  1.00 28.45 ? 12  G   A C2    1 
ATOM   235  N  N2    . G   A 1 11 ? -1.772  -4.601  -9.294  1.00 28.38 ? 12  G   A N2    1 
ATOM   236  N  N3    . G   A 1 11 ? -3.627  -4.730  -7.938  1.00 27.05 ? 12  G   A N3    1 
ATOM   237  C  C4    . G   A 1 11 ? -4.000  -4.818  -6.645  1.00 28.98 ? 12  G   A C4    1 
ATOM   238  P  P     . C   A 1 12 ? -7.967  -9.404  -6.972  1.00 37.55 ? 13  C   A P     1 
ATOM   239  O  OP1   . C   A 1 12 ? -9.038  -10.286 -7.507  1.00 39.19 ? 13  C   A OP1   1 
ATOM   240  O  OP2   . C   A 1 12 ? -7.473  -9.596  -5.580  1.00 34.88 ? 13  C   A OP2   1 
ATOM   241  O  "O5'" . C   A 1 12 ? -6.705  -9.481  -7.940  1.00 35.44 ? 13  C   A "O5'" 1 
ATOM   242  C  "C5'" . C   A 1 12 ? -6.853  -9.277  -9.337  1.00 36.83 ? 13  C   A "C5'" 1 
ATOM   243  C  "C4'" . C   A 1 12 ? -5.517  -9.200  -10.027 1.00 36.85 ? 13  C   A "C4'" 1 
ATOM   244  O  "O4'" . C   A 1 12 ? -4.754  -8.074  -9.523  1.00 32.14 ? 13  C   A "O4'" 1 
ATOM   245  C  "C3'" . C   A 1 12 ? -4.593  -10.385 -9.821  1.00 38.00 ? 13  C   A "C3'" 1 
ATOM   246  O  "O3'" . C   A 1 12 ? -4.932  -11.483 -10.647 1.00 40.09 ? 13  C   A "O3'" 1 
ATOM   247  C  "C2'" . C   A 1 12 ? -3.225  -9.790  -10.122 1.00 36.72 ? 13  C   A "C2'" 1 
ATOM   248  O  "O2'" . C   A 1 12 ? -3.029  -9.676  -11.520 1.00 38.75 ? 13  C   A "O2'" 1 
ATOM   249  C  "C1'" . C   A 1 12 ? -3.377  -8.382  -9.546  1.00 33.91 ? 13  C   A "C1'" 1 
ATOM   250  N  N1    . C   A 1 12 ? -2.851  -8.280  -8.167  1.00 32.29 ? 13  C   A N1    1 
ATOM   251  C  C2    . C   A 1 12 ? -1.473  -8.198  -7.993  1.00 31.24 ? 13  C   A C2    1 
ATOM   252  O  O2    . C   A 1 12 ? -0.746  -8.213  -8.996  1.00 31.41 ? 13  C   A O2    1 
ATOM   253  N  N3    . C   A 1 12 ? -0.980  -8.097  -6.744  1.00 29.59 ? 13  C   A N3    1 
ATOM   254  C  C4    . C   A 1 12 ? -1.796  -8.076  -5.690  1.00 30.66 ? 13  C   A C4    1 
ATOM   255  N  N4    . C   A 1 12 ? -1.252  -7.977  -4.471  1.00 29.57 ? 13  C   A N4    1 
ATOM   256  C  C5    . C   A 1 12 ? -3.209  -8.168  -5.837  1.00 31.97 ? 13  C   A C5    1 
ATOM   257  C  C6    . C   A 1 12 ? -3.690  -8.263  -7.088  1.00 33.99 ? 13  C   A C6    1 
ATOM   258  P  P     . U   A 1 13 ? -4.669  -12.988 -10.160 1.00 45.91 ? 14  U   A P     1 
ATOM   259  O  OP1   . U   A 1 13 ? -5.263  -13.871 -11.195 1.00 52.64 ? 14  U   A OP1   1 
ATOM   260  O  OP2   . U   A 1 13 ? -5.079  -13.138 -8.742  1.00 44.18 ? 14  U   A OP2   1 
ATOM   261  O  "O5'" . U   A 1 13 ? -3.088  -13.145 -10.248 1.00 44.48 ? 14  U   A "O5'" 1 
ATOM   262  C  "C5'" . U   A 1 13 ? -2.424  -13.049 -11.498 1.00 47.43 ? 14  U   A "C5'" 1 
ATOM   263  C  "C4'" . U   A 1 13 ? -0.929  -13.122 -11.330 1.00 48.19 ? 14  U   A "C4'" 1 
ATOM   264  O  "O4'" . U   A 1 13 ? -0.446  -11.934 -10.654 1.00 47.46 ? 14  U   A "O4'" 1 
ATOM   265  C  "C3'" . U   A 1 13 ? -0.416  -14.264 -10.470 1.00 47.98 ? 14  U   A "C3'" 1 
ATOM   266  O  "O3'" . U   A 1 13 ? -0.360  -15.493 -11.168 1.00 49.20 ? 14  U   A "O3'" 1 
ATOM   267  C  "C2'" . U   A 1 13 ? 0.945   -13.753 -10.018 1.00 45.23 ? 14  U   A "C2'" 1 
ATOM   268  O  "O2'" . U   A 1 13 ? 1.904   -13.907 -11.051 1.00 48.05 ? 14  U   A "O2'" 1 
ATOM   269  C  "C1'" . U   A 1 13 ? 0.661   -12.261 -9.836  1.00 42.90 ? 14  U   A "C1'" 1 
ATOM   270  N  N1    . U   A 1 13 ? 0.325   -11.932 -8.434  1.00 41.13 ? 14  U   A N1    1 
ATOM   271  C  C2    . U   A 1 13 ? 1.380   -11.714 -7.559  1.00 38.60 ? 14  U   A C2    1 
ATOM   272  O  O2    . U   A 1 13 ? 2.553   -11.781 -7.903  1.00 41.54 ? 14  U   A O2    1 
ATOM   273  N  N3    . U   A 1 13 ? 1.006   -11.409 -6.271  1.00 36.49 ? 14  U   A N3    1 
ATOM   274  C  C4    . U   A 1 13 ? -0.289  -11.318 -5.793  1.00 36.50 ? 14  U   A C4    1 
ATOM   275  O  O4    . U   A 1 13 ? -0.482  -11.039 -4.610  1.00 39.70 ? 14  U   A O4    1 
ATOM   276  C  C5    . U   A 1 13 ? -1.318  -11.559 -6.762  1.00 37.99 ? 14  U   A C5    1 
ATOM   277  C  C6    . U   A 1 13 ? -0.983  -11.852 -8.017  1.00 38.50 ? 14  U   A C6    1 
ATOM   278  P  P     . G   A 1 14 ? -0.295  -16.871 -10.351 1.00 47.87 ? 15  G   A P     1 
ATOM   279  O  OP1   . G   A 1 14 ? -0.574  -17.996 -11.286 1.00 50.55 ? 15  G   A OP1   1 
ATOM   280  O  OP2   . G   A 1 14 ? -1.041  -16.713 -9.075  1.00 42.98 ? 15  G   A OP2   1 
ATOM   281  O  "O5'" . G   A 1 14 ? 1.233   -16.983 -9.951  1.00 51.77 ? 15  G   A "O5'" 1 
ATOM   282  C  "C5'" . G   A 1 14 ? 1.613   -16.995 -8.591  1.00 46.92 ? 15  G   A "C5'" 1 
ATOM   283  C  "C4'" . G   A 1 14 ? 3.093   -16.795 -8.461  1.00 44.75 ? 15  G   A "C4'" 1 
ATOM   284  O  "O4'" . G   A 1 14 ? 3.378   -15.412 -8.135  1.00 46.02 ? 15  G   A "O4'" 1 
ATOM   285  C  "C3'" . G   A 1 14 ? 3.762   -17.589 -7.360  1.00 47.22 ? 15  G   A "C3'" 1 
ATOM   286  O  "O3'" . G   A 1 14 ? 4.021   -18.918 -7.779  1.00 51.18 ? 15  G   A "O3'" 1 
ATOM   287  C  "C2'" . G   A 1 14 ? 5.009   -16.765 -7.068  1.00 44.12 ? 15  G   A "C2'" 1 
ATOM   288  O  "O2'" . G   A 1 14 ? 5.998   -17.014 -8.051  1.00 42.87 ? 15  G   A "O2'" 1 
ATOM   289  C  "C1'" . G   A 1 14 ? 4.483   -15.339 -7.264  1.00 41.65 ? 15  G   A "C1'" 1 
ATOM   290  N  N9    . G   A 1 14 ? 4.016   -14.719 -6.009  1.00 39.26 ? 15  G   A N9    1 
ATOM   291  C  C8    . G   A 1 14 ? 2.710   -14.453 -5.676  1.00 35.87 ? 15  G   A C8    1 
ATOM   292  N  N7    . G   A 1 14 ? 2.583   -13.896 -4.503  1.00 36.81 ? 15  G   A N7    1 
ATOM   293  C  C5    . G   A 1 14 ? 3.881   -13.777 -4.033  1.00 33.55 ? 15  G   A C5    1 
ATOM   294  C  C6    . G   A 1 14 ? 4.372   -13.246 -2.810  1.00 34.43 ? 15  G   A C6    1 
ATOM   295  O  O6    . G   A 1 14 ? 3.733   -12.753 -1.871  1.00 34.06 ? 15  G   A O6    1 
ATOM   296  N  N1    . G   A 1 14 ? 5.761   -13.324 -2.746  1.00 35.20 ? 15  G   A N1    1 
ATOM   297  C  C2    . G   A 1 14 ? 6.570   -13.850 -3.729  1.00 37.13 ? 15  G   A C2    1 
ATOM   298  N  N2    . G   A 1 14 ? 7.890   -13.844 -3.492  1.00 36.31 ? 15  G   A N2    1 
ATOM   299  N  N3    . G   A 1 14 ? 6.124   -14.344 -4.871  1.00 37.06 ? 15  G   A N3    1 
ATOM   300  C  C4    . G   A 1 14 ? 4.780   -14.278 -4.953  1.00 38.05 ? 15  G   A C4    1 
ATOM   301  P  P     . C   A 1 15 ? 4.398   -20.067 -6.724  1.00 51.10 ? 16  C   A P     1 
ATOM   302  O  OP1   . C   A 1 15 ? 4.401   -21.357 -7.460  1.00 60.27 ? 16  C   A OP1   1 
ATOM   303  O  OP2   . C   A 1 15 ? 3.546   -19.959 -5.514  1.00 45.82 ? 16  C   A OP2   1 
ATOM   304  O  "O5'" . C   A 1 15 ? 5.913   -19.726 -6.380  1.00 50.93 ? 16  C   A "O5'" 1 
ATOM   305  C  "C5'" . C   A 1 15 ? 6.629   -20.459 -5.407  1.00 54.31 ? 16  C   A "C5'" 1 
ATOM   306  C  "C4'" . C   A 1 15 ? 7.800   -19.665 -4.895  1.00 53.44 ? 16  C   A "C4'" 1 
ATOM   307  O  "O4'" . C   A 1 15 ? 7.454   -18.255 -4.861  1.00 53.60 ? 16  C   A "O4'" 1 
ATOM   308  C  "C3'" . C   A 1 15 ? 8.225   -19.986 -3.475  1.00 56.26 ? 16  C   A "C3'" 1 
ATOM   309  O  "O3'" . C   A 1 15 ? 9.089   -21.101 -3.421  1.00 60.00 ? 16  C   A "O3'" 1 
ATOM   310  C  "C2'" . C   A 1 15 ? 8.877   -18.693 -3.017  1.00 52.25 ? 16  C   A "C2'" 1 
ATOM   311  O  "O2'" . C   A 1 15 ? 10.191  -18.585 -3.548  1.00 55.00 ? 16  C   A "O2'" 1 
ATOM   312  C  "C1'" . C   A 1 15 ? 7.997   -17.653 -3.708  1.00 50.02 ? 16  C   A "C1'" 1 
ATOM   313  N  N1    . C   A 1 15 ? 6.874   -17.180 -2.862  1.00 44.78 ? 16  C   A N1    1 
ATOM   314  C  C2    . C   A 1 15 ? 7.127   -16.491 -1.670  1.00 42.05 ? 16  C   A C2    1 
ATOM   315  O  O2    . C   A 1 15 ? 8.300   -16.303 -1.304  1.00 42.48 ? 16  C   A O2    1 
ATOM   316  N  N3    . C   A 1 15 ? 6.076   -16.049 -0.933  1.00 38.16 ? 16  C   A N3    1 
ATOM   317  C  C4    . C   A 1 15 ? 4.820   -16.257 -1.332  1.00 37.54 ? 16  C   A C4    1 
ATOM   318  N  N4    . C   A 1 15 ? 3.832   -15.805 -0.558  1.00 35.33 ? 16  C   A N4    1 
ATOM   319  C  C5    . C   A 1 15 ? 4.529   -16.944 -2.543  1.00 38.80 ? 16  C   A C5    1 
ATOM   320  C  C6    . C   A 1 15 ? 5.576   -17.375 -3.269  1.00 44.00 ? 16  C   A C6    1 
ATOM   321  P  P     . G   A 1 16 ? 8.527   -22.514 -2.921  1.00 68.93 ? 17  G   A P     1 
ATOM   322  O  OP1   . G   A 1 16 ? 8.929   -23.538 -3.924  1.00 66.28 ? 17  G   A OP1   1 
ATOM   323  O  OP2   . G   A 1 16 ? 7.091   -22.348 -2.568  1.00 53.15 ? 17  G   A OP2   1 
ATOM   324  O  "O5'" . G   A 1 16 ? 9.347   -22.776 -1.581  1.00 68.01 ? 17  G   A "O5'" 1 
ATOM   325  C  "C5'" . G   A 1 16 ? 8.710   -22.732 -0.315  1.00 61.57 ? 17  G   A "C5'" 1 
ATOM   326  C  "C4'" . G   A 1 16 ? 9.522   -21.957 0.690   1.00 58.97 ? 17  G   A "C4'" 1 
ATOM   327  O  "O4'" . G   A 1 16 ? 9.377   -20.533 0.432   1.00 58.88 ? 17  G   A "O4'" 1 
ATOM   328  C  "C3'" . G   A 1 16 ? 9.076   -22.130 2.134   1.00 61.89 ? 17  G   A "C3'" 1 
ATOM   329  O  "O3'" . G   A 1 16 ? 9.634   -23.280 2.745   1.00 65.18 ? 17  G   A "O3'" 1 
ATOM   330  C  "C2'" . G   A 1 16 ? 9.488   -20.815 2.783   1.00 58.60 ? 17  G   A "C2'" 1 
ATOM   331  O  "O2'" . G   A 1 16 ? 10.876  -20.814 3.080   1.00 63.15 ? 17  G   A "O2'" 1 
ATOM   332  C  "C1'" . G   A 1 16 ? 9.232   -19.828 1.646   1.00 54.05 ? 17  G   A "C1'" 1 
ATOM   333  N  N9    . G   A 1 16 ? 7.862   -19.283 1.687   1.00 48.97 ? 17  G   A N9    1 
ATOM   334  C  C8    . G   A 1 16 ? 6.894   -19.479 0.733   1.00 48.26 ? 17  G   A C8    1 
ATOM   335  N  N7    . G   A 1 16 ? 5.766   -18.889 1.020   1.00 48.01 ? 17  G   A N7    1 
ATOM   336  C  C5    . G   A 1 16 ? 6.007   -18.265 2.232   1.00 44.09 ? 17  G   A C5    1 
ATOM   337  C  C6    . G   A 1 16 ? 5.149   -17.475 3.029   1.00 41.94 ? 17  G   A C6    1 
ATOM   338  O  O6    . G   A 1 16 ? 3.976   -17.167 2.809   1.00 45.18 ? 17  G   A O6    1 
ATOM   339  N  N1    . G   A 1 16 ? 5.779   -17.034 4.186   1.00 41.73 ? 17  G   A N1    1 
ATOM   340  C  C2    . G   A 1 16 ? 7.073   -17.320 4.529   1.00 43.24 ? 17  G   A C2    1 
ATOM   341  N  N2    . G   A 1 16 ? 7.494   -16.801 5.690   1.00 43.14 ? 17  G   A N2    1 
ATOM   342  N  N3    . G   A 1 16 ? 7.889   -18.056 3.795   1.00 46.06 ? 17  G   A N3    1 
ATOM   343  C  C4    . G   A 1 16 ? 7.293   -18.496 2.663   1.00 46.14 ? 17  G   A C4    1 
ATOM   344  P  P     . C   A 1 17 ? 8.662   -24.375 3.410   1.00 72.26 ? 18  C   A P     1 
ATOM   345  O  OP1   . C   A 1 17 ? 9.423   -25.643 3.556   1.00 71.19 ? 18  C   A OP1   1 
ATOM   346  O  OP2   . C   A 1 17 ? 7.379   -24.353 2.657   1.00 64.93 ? 18  C   A OP2   1 
ATOM   347  O  "O5'" . C   A 1 17 ? 8.354   -23.794 4.863   1.00 64.88 ? 18  C   A "O5'" 1 
ATOM   348  C  "C5'" . C   A 1 17 ? 9.400   -23.496 5.774   1.00 61.08 ? 18  C   A "C5'" 1 
ATOM   349  C  "C4'" . C   A 1 17 ? 8.918   -22.584 6.873   1.00 60.20 ? 18  C   A "C4'" 1 
ATOM   350  O  "O4'" . C   A 1 17 ? 8.545   -21.292 6.318   1.00 60.48 ? 18  C   A "O4'" 1 
ATOM   351  C  "C3'" . C   A 1 17 ? 7.664   -23.032 7.612   1.00 60.61 ? 18  C   A "C3'" 1 
ATOM   352  O  "O3'" . C   A 1 17 ? 7.899   -24.039 8.583   1.00 57.69 ? 18  C   A "O3'" 1 
ATOM   353  C  "C2'" . C   A 1 17 ? 7.150   -21.724 8.196   1.00 57.21 ? 18  C   A "C2'" 1 
ATOM   354  O  "O2'" . C   A 1 17 ? 7.902   -21.365 9.344   1.00 55.36 ? 18  C   A "O2'" 1 
ATOM   355  C  "C1'" . C   A 1 17 ? 7.474   -20.743 7.064   1.00 56.97 ? 18  C   A "C1'" 1 
ATOM   356  N  N1    . C   A 1 17 ? 6.309   -20.552 6.169   1.00 53.17 ? 18  C   A N1    1 
ATOM   357  C  C2    . C   A 1 17 ? 5.226   -19.771 6.611   1.00 52.65 ? 18  C   A C2    1 
ATOM   358  O  O2    . C   A 1 17 ? 5.267   -19.231 7.731   1.00 49.59 ? 18  C   A O2    1 
ATOM   359  N  N3    . C   A 1 17 ? 4.150   -19.611 5.800   1.00 50.80 ? 18  C   A N3    1 
ATOM   360  C  C4    . C   A 1 17 ? 4.128   -20.197 4.599   1.00 51.75 ? 18  C   A C4    1 
ATOM   361  N  N4    . C   A 1 17 ? 3.047   -20.006 3.838   1.00 50.50 ? 18  C   A N4    1 
ATOM   362  C  C5    . C   A 1 17 ? 5.213   -20.997 4.126   1.00 50.54 ? 18  C   A C5    1 
ATOM   363  C  C6    . C   A 1 17 ? 6.269   -21.148 4.937   1.00 54.30 ? 18  C   A C6    1 
ATOM   364  P  P     . C   A 1 18 ? 6.711   -25.042 9.003   1.00 62.94 ? 19  C   A P     1 
ATOM   365  O  OP1   . C   A 1 18 ? 7.232   -25.968 10.039  1.00 62.19 ? 19  C   A OP1   1 
ATOM   366  O  OP2   . C   A 1 18 ? 6.076   -25.581 7.775   1.00 60.45 ? 19  C   A OP2   1 
ATOM   367  O  "O5'" . C   A 1 18 ? 5.651   -24.110 9.735   1.00 58.63 ? 19  C   A "O5'" 1 
ATOM   368  C  "C5'" . C   A 1 18 ? 5.944   -23.545 11.001  1.00 57.58 ? 19  C   A "C5'" 1 
ATOM   369  C  "C4'" . C   A 1 18 ? 4.824   -22.661 11.480  1.00 59.14 ? 19  C   A "C4'" 1 
ATOM   370  O  "O4'" . C   A 1 18 ? 4.552   -21.623 10.501  1.00 59.24 ? 19  C   A "O4'" 1 
ATOM   371  C  "C3'" . C   A 1 18 ? 3.474   -23.329 11.672  1.00 62.74 ? 19  C   A "C3'" 1 
ATOM   372  O  "O3'" . C   A 1 18 ? 3.384   -24.087 12.867  1.00 64.76 ? 19  C   A "O3'" 1 
ATOM   373  C  "C2'" . C   A 1 18 ? 2.521   -22.144 11.626  1.00 61.83 ? 19  C   A "C2'" 1 
ATOM   374  O  "O2'" . C   A 1 18 ? 2.539   -21.442 12.859  1.00 63.25 ? 19  C   A "O2'" 1 
ATOM   375  C  "C1'" . C   A 1 18 ? 3.183   -21.265 10.560  1.00 60.34 ? 19  C   A "C1'" 1 
ATOM   376  N  N1    . C   A 1 18 ? 2.556   -21.434 9.225   1.00 59.26 ? 19  C   A N1    1 
ATOM   377  C  C2    . C   A 1 18 ? 1.283   -20.868 9.025   1.00 61.49 ? 19  C   A C2    1 
ATOM   378  O  O2    . C   A 1 18 ? 0.728   -20.253 9.951   1.00 61.45 ? 19  C   A O2    1 
ATOM   379  N  N3    . C   A 1 18 ? 0.676   -20.999 7.824   1.00 59.51 ? 19  C   A N3    1 
ATOM   380  C  C4    . C   A 1 18 ? 1.282   -21.661 6.841   1.00 58.39 ? 19  C   A C4    1 
ATOM   381  N  N4    . C   A 1 18 ? 0.625   -21.755 5.681   1.00 58.80 ? 19  C   A N4    1 
ATOM   382  C  C5    . C   A 1 18 ? 2.575   -22.249 7.009   1.00 54.93 ? 19  C   A C5    1 
ATOM   383  C  C6    . C   A 1 18 ? 3.172   -22.113 8.204   1.00 55.77 ? 19  C   A C6    1 
ATOM   384  P  P     . U   A 1 19 ? 2.399   -25.355 12.942  1.00 64.30 ? 20  U   A P     1 
ATOM   385  O  OP1   . U   A 1 19 ? 2.516   -25.939 14.301  1.00 61.39 ? 20  U   A OP1   1 
ATOM   386  O  OP2   . U   A 1 19 ? 2.634   -26.205 11.747  1.00 62.95 ? 20  U   A OP2   1 
ATOM   387  O  "O5'" . U   A 1 19 ? 0.942   -24.722 12.808  1.00 67.19 ? 20  U   A "O5'" 1 
ATOM   388  C  "C5'" . U   A 1 19 ? 0.384   -23.941 13.855  1.00 68.77 ? 20  U   A "C5'" 1 
ATOM   389  C  "C4'" . U   A 1 19 ? -0.931  -23.331 13.444  1.00 71.18 ? 20  U   A "C4'" 1 
ATOM   390  O  "O4'" . U   A 1 19 ? -0.727  -22.493 12.274  1.00 69.60 ? 20  U   A "O4'" 1 
ATOM   391  C  "C3'" . U   A 1 19 ? -2.012  -24.316 13.016  1.00 76.83 ? 20  U   A "C3'" 1 
ATOM   392  O  "O3'" . U   A 1 19 ? -2.708  -24.888 14.115  1.00 80.24 ? 20  U   A "O3'" 1 
ATOM   393  C  "C2'" . U   A 1 19 ? -2.883  -23.473 12.089  1.00 75.84 ? 20  U   A "C2'" 1 
ATOM   394  O  "O2'" . U   A 1 19 ? -3.748  -22.630 12.836  1.00 78.07 ? 20  U   A "O2'" 1 
ATOM   395  C  "C1'" . U   A 1 19 ? -1.833  -22.598 11.403  1.00 71.08 ? 20  U   A "C1'" 1 
ATOM   396  N  N1    . U   A 1 19 ? -1.363  -23.187 10.127  1.00 71.08 ? 20  U   A N1    1 
ATOM   397  C  C2    . U   A 1 19 ? -2.107  -22.934 8.990   1.00 71.57 ? 20  U   A C2    1 
ATOM   398  O  O2    . U   A 1 19 ? -3.122  -22.251 9.001   1.00 73.48 ? 20  U   A O2    1 
ATOM   399  N  N3    . U   A 1 19 ? -1.614  -23.512 7.840   1.00 69.25 ? 20  U   A N3    1 
ATOM   400  C  C4    . U   A 1 19 ? -0.484  -24.300 7.718   1.00 64.54 ? 20  U   A C4    1 
ATOM   401  O  O4    . U   A 1 19 ? -0.173  -24.746 6.614   1.00 65.47 ? 20  U   A O4    1 
ATOM   402  C  C5    . U   A 1 19 ? 0.233   -24.516 8.936   1.00 64.34 ? 20  U   A C5    1 
ATOM   403  C  C6    . U   A 1 19 ? -0.223  -23.965 10.067  1.00 68.20 ? 20  U   A C6    1 
ATOM   404  P  P     . U   A 1 20 ? -3.626  -26.198 13.926  1.00 82.97 ? 21  U   A P     1 
ATOM   405  O  OP1   . U   A 1 20 ? -3.452  -27.050 15.130  1.00 82.05 ? 21  U   A OP1   1 
ATOM   406  O  OP2   . U   A 1 20 ? -3.362  -26.777 12.582  1.00 79.27 ? 21  U   A OP2   1 
ATOM   407  O  "O5'" . U   A 1 20 ? -5.106  -25.609 13.927  1.00 84.00 ? 21  U   A "O5'" 1 
ATOM   408  C  "C5'" . U   A 1 20 ? -6.252  -26.445 14.040  1.00 84.63 ? 21  U   A "C5'" 1 
ATOM   409  C  "C4'" . U   A 1 20 ? -7.483  -25.630 14.359  1.00 87.27 ? 21  U   A "C4'" 1 
ATOM   410  O  "O4'" . U   A 1 20 ? -7.332  -25.076 15.693  1.00 84.76 ? 21  U   A "O4'" 1 
ATOM   411  C  "C3'" . U   A 1 20 ? -7.735  -24.446 13.423  1.00 89.32 ? 21  U   A "C3'" 1 
ATOM   412  O  "O3'" . U   A 1 20 ? -9.139  -24.253 13.213  1.00 92.22 ? 21  U   A "O3'" 1 
ATOM   413  C  "C2'" . U   A 1 20 ? -7.139  -23.264 14.187  1.00 86.59 ? 21  U   A "C2'" 1 
ATOM   414  O  "O2'" . U   A 1 20 ? -7.726  -22.017 13.883  1.00 84.40 ? 21  U   A "O2'" 1 
ATOM   415  C  "C1'" . U   A 1 20 ? -7.372  -23.660 15.647  1.00 85.62 ? 21  U   A "C1'" 1 
ATOM   416  N  N1    . U   A 1 20 ? -6.327  -23.164 16.560  1.00 83.90 ? 21  U   A N1    1 
ATOM   417  C  C2    . U   A 1 20 ? -6.621  -22.148 17.457  1.00 83.15 ? 21  U   A C2    1 
ATOM   418  O  O2    . U   A 1 20 ? -7.725  -21.626 17.541  1.00 83.45 ? 21  U   A O2    1 
ATOM   419  N  N3    . U   A 1 20 ? -5.569  -21.762 18.260  1.00 76.98 ? 21  U   A N3    1 
ATOM   420  C  C4    . U   A 1 20 ? -4.282  -22.271 18.261  1.00 76.38 ? 21  U   A C4    1 
ATOM   421  O  O4    . U   A 1 20 ? -3.442  -21.820 19.043  1.00 68.65 ? 21  U   A O4    1 
ATOM   422  C  C5    . U   A 1 20 ? -4.059  -23.314 17.307  1.00 79.07 ? 21  U   A C5    1 
ATOM   423  C  C6    . U   A 1 20 ? -5.062  -23.710 16.514  1.00 82.62 ? 21  U   A C6    1 
ATOM   424  P  P     . C   A 1 21 ? -9.931  -25.194 12.170  1.00 96.76 ? 22  C   A P     1 
ATOM   425  O  OP1   . C   A 1 21 ? -11.028 -25.859 12.922  1.00 89.18 ? 22  C   A OP1   1 
ATOM   426  O  OP2   . C   A 1 21 ? -8.926  -26.030 11.461  1.00 93.24 ? 22  C   A OP2   1 
ATOM   427  O  "O5'" . C   A 1 21 ? -10.588 -24.200 11.101  1.00 91.66 ? 22  C   A "O5'" 1 
ATOM   428  C  "C5'" . C   A 1 21 ? -9.949  -22.992 10.695  1.00 88.90 ? 22  C   A "C5'" 1 
ATOM   429  C  "C4'" . C   A 1 21 ? -9.676  -22.939 9.204   1.00 90.09 ? 22  C   A "C4'" 1 
ATOM   430  O  "O4'" . C   A 1 21 ? -8.244  -23.058 8.984   1.00 90.13 ? 22  C   A "O4'" 1 
ATOM   431  C  "C3'" . C   A 1 21 ? -10.320 -24.027 8.344   1.00 92.81 ? 22  C   A "C3'" 1 
ATOM   432  O  "O3'" . C   A 1 21 ? -10.518 -23.509 7.022   1.00 95.75 ? 22  C   A "O3'" 1 
ATOM   433  C  "C2'" . C   A 1 21 ? -9.214  -25.075 8.288   1.00 90.48 ? 22  C   A "C2'" 1 
ATOM   434  O  "O2'" . C   A 1 21 ? -9.315  -25.991 7.218   1.00 87.76 ? 22  C   A "O2'" 1 
ATOM   435  C  "C1'" . C   A 1 21 ? -7.980  -24.183 8.167   1.00 90.51 ? 22  C   A "C1'" 1 
ATOM   436  N  N1    . C   A 1 21 ? -6.725  -24.788 8.635   1.00 88.94 ? 22  C   A N1    1 
ATOM   437  C  C2    . C   A 1 21 ? -5.764  -25.191 7.699   1.00 87.35 ? 22  C   A C2    1 
ATOM   438  O  O2    . C   A 1 21 ? -5.996  -25.048 6.486   1.00 86.32 ? 22  C   A O2    1 
ATOM   439  N  N3    . C   A 1 21 ? -4.608  -25.739 8.146   1.00 83.76 ? 22  C   A N3    1 
ATOM   440  C  C4    . C   A 1 21 ? -4.396  -25.877 9.458   1.00 80.98 ? 22  C   A C4    1 
ATOM   441  N  N4    . C   A 1 21 ? -3.242  -26.419 9.851   1.00 76.34 ? 22  C   A N4    1 
ATOM   442  C  C5    . C   A 1 21 ? -5.355  -25.465 10.427  1.00 83.05 ? 22  C   A C5    1 
ATOM   443  C  C6    . C   A 1 21 ? -6.491  -24.925 9.975   1.00 85.43 ? 22  C   A C6    1 
ATOM   444  P  P     . G   A 1 22 ? -11.919 -22.854 6.566   1.00 98.17 ? 23  G   A P     1 
ATOM   445  O  OP1   . G   A 1 22 ? -13.022 -23.686 7.114   1.00 94.98 ? 23  G   A OP1   1 
ATOM   446  O  OP2   . G   A 1 22 ? -11.851 -22.611 5.101   1.00 93.13 ? 23  G   A OP2   1 
ATOM   447  O  "O5'" . G   A 1 22 ? -11.954 -21.433 7.290   1.00 93.83 ? 23  G   A "O5'" 1 
ATOM   448  C  "C5'" . G   A 1 22 ? -11.285 -20.296 6.752   1.00 91.11 ? 23  G   A "C5'" 1 
ATOM   449  C  "C4'" . G   A 1 22 ? -11.422 -19.114 7.679   1.00 89.29 ? 23  G   A "C4'" 1 
ATOM   450  O  "O4'" . G   A 1 22 ? -11.368 -19.588 9.045   1.00 88.75 ? 23  G   A "O4'" 1 
ATOM   451  C  "C3'" . G   A 1 22 ? -10.335 -18.043 7.600   1.00 88.13 ? 23  G   A "C3'" 1 
ATOM   452  O  "O3'" . G   A 1 22 ? -10.596 -17.070 6.597   1.00 88.68 ? 23  G   A "O3'" 1 
ATOM   453  C  "C2'" . G   A 1 22 ? -10.337 -17.441 9.004   1.00 87.10 ? 23  G   A "C2'" 1 
ATOM   454  O  "O2'" . G   A 1 22 ? -11.334 -16.435 9.119   1.00 85.93 ? 23  G   A "O2'" 1 
ATOM   455  C  "C1'" . G   A 1 22 ? -10.752 -18.632 9.872   1.00 88.84 ? 23  G   A "C1'" 1 
ATOM   456  N  N9    . G   A 1 22 ? -9.632  -19.269 10.595  1.00 87.58 ? 23  G   A N9    1 
ATOM   457  C  C8    . G   A 1 22 ? -9.587  -19.394 11.962  1.00 87.49 ? 23  G   A C8    1 
ATOM   458  N  N7    . G   A 1 22 ? -8.517  -19.998 12.394  1.00 89.15 ? 23  G   A N7    1 
ATOM   459  C  C5    . G   A 1 22 ? -7.804  -20.300 11.243  1.00 87.23 ? 23  G   A C5    1 
ATOM   460  C  C6    . G   A 1 22 ? -6.556  -20.961 11.101  1.00 83.87 ? 23  G   A C6    1 
ATOM   461  O  O6    . G   A 1 22 ? -5.818  -21.416 11.982  1.00 80.16 ? 23  G   A O6    1 
ATOM   462  N  N1    . G   A 1 22 ? -6.183  -21.070 9.768   1.00 83.65 ? 23  G   A N1    1 
ATOM   463  C  C2    . G   A 1 22 ? -6.912  -20.599 8.705   1.00 83.98 ? 23  G   A C2    1 
ATOM   464  N  N2    . G   A 1 22 ? -6.376  -20.816 7.496   1.00 79.30 ? 23  G   A N2    1 
ATOM   465  N  N3    . G   A 1 22 ? -8.085  -19.986 8.823   1.00 86.83 ? 23  G   A N3    1 
ATOM   466  C  C4    . G   A 1 22 ? -8.476  -19.861 10.115  1.00 87.94 ? 23  G   A C4    1 
ATOM   467  P  P     . G   A 1 23 ? -9.582  -16.821 5.370   1.00 90.56 ? 24  G   A P     1 
ATOM   468  O  OP1   . G   A 1 23 ? -10.200 -15.795 4.492   1.00 87.60 ? 24  G   A OP1   1 
ATOM   469  O  OP2   . G   A 1 23 ? -9.201  -18.142 4.798   1.00 87.16 ? 24  G   A OP2   1 
ATOM   470  O  "O5'" . G   A 1 23 ? -8.271  -16.196 6.033   1.00 87.44 ? 24  G   A "O5'" 1 
ATOM   471  C  "C5'" . G   A 1 23 ? -8.333  -15.099 6.936   1.00 82.45 ? 24  G   A "C5'" 1 
ATOM   472  C  "C4'" . G   A 1 23 ? -7.475  -15.353 8.153   1.00 81.54 ? 24  G   A "C4'" 1 
ATOM   473  O  "O4'" . G   A 1 23 ? -7.317  -16.787 8.330   1.00 83.10 ? 24  G   A "O4'" 1 
ATOM   474  C  "C3'" . G   A 1 23 ? -6.042  -14.835 8.106   1.00 78.12 ? 24  G   A "C3'" 1 
ATOM   475  O  "O3'" . G   A 1 23 ? -5.930  -13.461 8.432   1.00 78.31 ? 24  G   A "O3'" 1 
ATOM   476  C  "C2'" . G   A 1 23 ? -5.335  -15.742 9.101   1.00 75.06 ? 24  G   A "C2'" 1 
ATOM   477  O  "O2'" . G   A 1 23 ? -5.632  -15.347 10.433  1.00 73.73 ? 24  G   A "O2'" 1 
ATOM   478  C  "C1'" . G   A 1 23 ? -6.031  -17.071 8.839   1.00 79.33 ? 24  G   A "C1'" 1 
ATOM   479  N  N9    . G   A 1 23 ? -5.297  -17.882 7.854   1.00 74.39 ? 24  G   A N9    1 
ATOM   480  C  C8    . G   A 1 23 ? -5.623  -18.125 6.541   1.00 76.29 ? 24  G   A C8    1 
ATOM   481  N  N7    . G   A 1 23 ? -4.752  -18.893 5.940   1.00 75.97 ? 24  G   A N7    1 
ATOM   482  C  C5    . G   A 1 23 ? -3.794  -19.162 6.910   1.00 72.63 ? 24  G   A C5    1 
ATOM   483  C  C6    . G   A 1 23 ? -2.604  -19.934 6.851   1.00 67.82 ? 24  G   A C6    1 
ATOM   484  O  O6    . G   A 1 23 ? -2.143  -20.562 5.891   1.00 66.54 ? 24  G   A O6    1 
ATOM   485  N  N1    . G   A 1 23 ? -1.929  -19.933 8.071   1.00 65.44 ? 24  G   A N1    1 
ATOM   486  C  C2    . G   A 1 23 ? -2.344  -19.274 9.204   1.00 68.78 ? 24  G   A C2    1 
ATOM   487  N  N2    . G   A 1 23 ? -1.555  -19.394 10.284  1.00 66.02 ? 24  G   A N2    1 
ATOM   488  N  N3    . G   A 1 23 ? -3.451  -18.550 9.273   1.00 71.59 ? 24  G   A N3    1 
ATOM   489  C  C4    . G   A 1 23 ? -4.118  -18.540 8.098   1.00 72.32 ? 24  G   A C4    1 
ATOM   490  P  P     . G   A 1 24 ? -4.637  -12.618 7.973   1.00 77.78 ? 25  G   A P     1 
ATOM   491  O  OP1   . G   A 1 24 ? -4.824  -11.212 8.423   1.00 76.37 ? 25  G   A OP1   1 
ATOM   492  O  OP2   . G   A 1 24 ? -4.380  -12.917 6.539   1.00 77.46 ? 25  G   A OP2   1 
ATOM   493  O  "O5'" . G   A 1 24 ? -3.435  -13.246 8.811   1.00 71.77 ? 25  G   A "O5'" 1 
ATOM   494  C  "C5'" . G   A 1 24 ? -3.391  -13.120 10.223  1.00 68.83 ? 25  G   A "C5'" 1 
ATOM   495  C  "C4'" . G   A 1 24 ? -2.178  -13.800 10.806  1.00 66.93 ? 25  G   A "C4'" 1 
ATOM   496  O  "O4'" . G   A 1 24 ? -2.206  -15.229 10.547  1.00 65.63 ? 25  G   A "O4'" 1 
ATOM   497  C  "C3'" . G   A 1 24 ? -0.838  -13.371 10.245  1.00 62.27 ? 25  G   A "C3'" 1 
ATOM   498  O  "O3'" . G   A 1 24 ? -0.408  -12.117 10.729  1.00 60.64 ? 25  G   A "O3'" 1 
ATOM   499  C  "C2'" . G   A 1 24 ? 0.061   -14.526 10.649  1.00 59.28 ? 25  G   A "C2'" 1 
ATOM   500  O  "O2'" . G   A 1 24 ? 0.361   -14.456 12.035  1.00 59.95 ? 25  G   A "O2'" 1 
ATOM   501  C  "C1'" . G   A 1 24 ? -0.879  -15.710 10.422  1.00 62.95 ? 25  G   A "C1'" 1 
ATOM   502  N  N9    . G   A 1 24 ? -0.701  -16.286 9.078   1.00 61.27 ? 25  G   A N9    1 
ATOM   503  C  C8    . G   A 1 24 ? -1.592  -16.267 8.034   1.00 64.00 ? 25  G   A C8    1 
ATOM   504  N  N7    . G   A 1 24 ? -1.131  -16.866 6.966   1.00 62.20 ? 25  G   A N7    1 
ATOM   505  C  C5    . G   A 1 24 ? 0.137   -17.302 7.328   1.00 57.94 ? 25  G   A C5    1 
ATOM   506  C  C6    . G   A 1 24 ? 1.117   -18.013 6.586   1.00 54.29 ? 25  G   A C6    1 
ATOM   507  O  O6    . G   A 1 24 ? 1.063   -18.418 5.420   1.00 55.77 ? 25  G   A O6    1 
ATOM   508  N  N1    . G   A 1 24 ? 2.262   -18.247 7.338   1.00 52.81 ? 25  G   A N1    1 
ATOM   509  C  C2    . G   A 1 24 ? 2.442   -17.849 8.635   1.00 51.46 ? 25  G   A C2    1 
ATOM   510  N  N2    . G   A 1 24 ? 3.620   -18.168 9.185   1.00 51.63 ? 25  G   A N2    1 
ATOM   511  N  N3    . G   A 1 24 ? 1.538   -17.186 9.339   1.00 57.07 ? 25  G   A N3    1 
ATOM   512  C  C4    . G   A 1 24 ? 0.417   -16.947 8.629   1.00 56.11 ? 25  G   A C4    1 
ATOM   513  P  P     . C   A 1 25 ? 0.419   -11.157 9.751   1.00 60.81 ? 26  C   A P     1 
ATOM   514  O  OP1   . C   A 1 25 ? 0.516   -9.824  10.405  1.00 55.01 ? 26  C   A OP1   1 
ATOM   515  O  OP2   . C   A 1 25 ? -0.171  -11.286 8.395   1.00 59.61 ? 26  C   A OP2   1 
ATOM   516  O  "O5'" . C   A 1 25 ? 1.864   -11.829 9.716   1.00 53.44 ? 26  C   A "O5'" 1 
ATOM   517  C  "C5'" . C   A 1 25 ? 2.596   -12.010 10.917  1.00 46.51 ? 26  C   A "C5'" 1 
ATOM   518  C  "C4'" . C   A 1 25 ? 3.896   -12.736 10.688  1.00 46.06 ? 26  C   A "C4'" 1 
ATOM   519  O  "O4'" . C   A 1 25 ? 3.654   -14.095 10.239  1.00 45.63 ? 26  C   A "O4'" 1 
ATOM   520  C  "C3'" . C   A 1 25 ? 4.812   -12.177 9.620   1.00 43.10 ? 26  C   A "C3'" 1 
ATOM   521  O  "O3'" . C   A 1 25 ? 5.500   -11.010 10.015  1.00 41.58 ? 26  C   A "O3'" 1 
ATOM   522  C  "C2'" . C   A 1 25 ? 5.719   -13.360 9.339   1.00 41.28 ? 26  C   A "C2'" 1 
ATOM   523  O  "O2'" . C   A 1 25 ? 6.647   -13.533 10.403  1.00 39.12 ? 26  C   A "O2'" 1 
ATOM   524  C  "C1'" . C   A 1 25 ? 4.711   -14.507 9.396   1.00 45.01 ? 26  C   A "C1'" 1 
ATOM   525  N  N1    . C   A 1 25 ? 4.164   -14.815 8.056   1.00 42.86 ? 26  C   A N1    1 
ATOM   526  C  C2    . C   A 1 25 ? 4.935   -15.586 7.189   1.00 43.54 ? 26  C   A C2    1 
ATOM   527  O  O2    . C   A 1 25 ? 6.043   -15.988 7.576   1.00 45.93 ? 26  C   A O2    1 
ATOM   528  N  N3    . C   A 1 25 ? 4.462   -15.876 5.953   1.00 43.38 ? 26  C   A N3    1 
ATOM   529  C  C4    . C   A 1 25 ? 3.269   -15.421 5.581   1.00 42.48 ? 26  C   A C4    1 
ATOM   530  N  N4    . C   A 1 25 ? 2.838   -15.730 4.358   1.00 43.83 ? 26  C   A N4    1 
ATOM   531  C  C5    . C   A 1 25 ? 2.463   -14.630 6.444   1.00 48.09 ? 26  C   A C5    1 
ATOM   532  C  C6    . C   A 1 25 ? 2.942   -14.349 7.660   1.00 47.44 ? 26  C   A C6    1 
ATOM   533  P  P     . G   A 1 26 ? 5.793   -9.876  8.918   1.00 40.60 ? 27  G   A P     1 
ATOM   534  O  OP1   . G   A 1 26 ? 6.335   -8.707  9.657   1.00 39.07 ? 27  G   A OP1   1 
ATOM   535  O  OP2   . G   A 1 26 ? 4.616   -9.756  8.030   1.00 36.63 ? 27  G   A OP2   1 
ATOM   536  O  "O5'" . G   A 1 26 ? 6.926   -10.512 7.993   1.00 34.78 ? 27  G   A "O5'" 1 
ATOM   537  C  "C5'" . G   A 1 26 ? 8.208   -10.806 8.514   1.00 35.69 ? 27  G   A "C5'" 1 
ATOM   538  C  "C4'" . G   A 1 26 ? 8.992   -11.706 7.590   1.00 35.18 ? 27  G   A "C4'" 1 
ATOM   539  O  "O4'" . G   A 1 26 ? 8.230   -12.903 7.273   1.00 33.96 ? 27  G   A "O4'" 1 
ATOM   540  C  "C3'" . G   A 1 26 ? 9.361   -11.144 6.227   1.00 30.39 ? 27  G   A "C3'" 1 
ATOM   541  O  "O3'" . G   A 1 26 ? 10.457  -10.241 6.287   1.00 28.09 ? 27  G   A "O3'" 1 
ATOM   542  C  "C2'" . G   A 1 26 ? 9.657   -12.416 5.439   1.00 31.65 ? 27  G   A "C2'" 1 
ATOM   543  O  "O2'" . G   A 1 26 ? 10.921  -12.939 5.811   1.00 28.04 ? 27  G   A "O2'" 1 
ATOM   544  C  "C1'" . G   A 1 26 ? 8.589   -13.365 5.989   1.00 31.35 ? 27  G   A "C1'" 1 
ATOM   545  N  N9    . G   A 1 26 ? 7.389   -13.407 5.134   1.00 35.41 ? 27  G   A N9    1 
ATOM   546  C  C8    . G   A 1 26 ? 6.141   -12.893 5.401   1.00 34.81 ? 27  G   A C8    1 
ATOM   547  N  N7    . G   A 1 26 ? 5.288   -13.096 4.435   1.00 33.41 ? 27  G   A N7    1 
ATOM   548  C  C5    . G   A 1 26 ? 6.014   -13.784 3.476   1.00 33.39 ? 27  G   A C5    1 
ATOM   549  C  C6    . G   A 1 26 ? 5.625   -14.272 2.205   1.00 35.57 ? 27  G   A C6    1 
ATOM   550  O  O6    . G   A 1 26 ? 4.520   -14.198 1.661   1.00 34.88 ? 27  G   A O6    1 
ATOM   551  N  N1    . G   A 1 26 ? 6.672   -14.910 1.550   1.00 32.79 ? 27  G   A N1    1 
ATOM   552  C  C2    . G   A 1 26 ? 7.935   -15.054 2.054   1.00 34.82 ? 27  G   A C2    1 
ATOM   553  N  N2    . G   A 1 26 ? 8.801   -15.696 1.262   1.00 36.69 ? 27  G   A N2    1 
ATOM   554  N  N3    . G   A 1 26 ? 8.319   -14.608 3.239   1.00 32.88 ? 27  G   A N3    1 
ATOM   555  C  C4    . G   A 1 26 ? 7.311   -13.986 3.890   1.00 34.33 ? 27  G   A C4    1 
ATOM   556  P  P     . C   A 1 27 ? 10.670  -9.087  5.184   1.00 28.90 ? 28  C   A P     1 
ATOM   557  O  OP1   . C   A 1 27 ? 11.975  -8.445  5.526   1.00 24.58 ? 28  C   A OP1   1 
ATOM   558  O  OP2   . C   A 1 27 ? 9.448   -8.251  5.061   1.00 30.33 ? 28  C   A OP2   1 
ATOM   559  O  "O5'" . C   A 1 27 ? 10.883  -9.872  3.823   1.00 27.16 ? 28  C   A "O5'" 1 
ATOM   560  C  "C5'" . C   A 1 27 ? 12.097  -10.560 3.578   1.00 27.68 ? 28  C   A "C5'" 1 
ATOM   561  C  "C4'" . C   A 1 27 ? 12.093  -11.213 2.224   1.00 29.85 ? 28  C   A "C4'" 1 
ATOM   562  O  "O4'" . C   A 1 27 ? 10.972  -12.123 2.117   1.00 30.54 ? 28  C   A "O4'" 1 
ATOM   563  C  "C3'" . C   A 1 27 ? 11.934  -10.277 1.040   1.00 27.27 ? 28  C   A "C3'" 1 
ATOM   564  O  "O3'" . C   A 1 27 ? 13.177  -9.691  0.688   1.00 29.41 ? 28  C   A "O3'" 1 
ATOM   565  C  "C2'" . C   A 1 27 ? 11.374  -11.193 -0.046  1.00 28.41 ? 28  C   A "C2'" 1 
ATOM   566  O  "O2'" . C   A 1 27 ? 12.425  -11.880 -0.714  1.00 28.48 ? 28  C   A "O2'" 1 
ATOM   567  C  "C1'" . C   A 1 27 ? 10.556  -12.207 0.771   1.00 28.55 ? 28  C   A "C1'" 1 
ATOM   568  N  N1    . C   A 1 27 ? 9.093   -11.976 0.708   1.00 29.10 ? 28  C   A N1    1 
ATOM   569  C  C2    . C   A 1 27 ? 8.407   -12.399 -0.435  1.00 33.27 ? 28  C   A C2    1 
ATOM   570  O  O2    . C   A 1 27 ? 9.061   -12.933 -1.351  1.00 31.72 ? 28  C   A O2    1 
ATOM   571  N  N3    . C   A 1 27 ? 7.066   -12.203 -0.519  1.00 31.21 ? 28  C   A N3    1 
ATOM   572  C  C4    . C   A 1 27 ? 6.419   -11.620 0.499   1.00 30.86 ? 28  C   A C4    1 
ATOM   573  N  N4    . C   A 1 27 ? 5.103   -11.440 0.387   1.00 28.86 ? 28  C   A N4    1 
ATOM   574  C  C5    . C   A 1 27 ? 7.092   -11.182 1.675   1.00 29.77 ? 28  C   A C5    1 
ATOM   575  C  C6    . C   A 1 27 ? 8.414   -11.379 1.739   1.00 30.46 ? 28  C   A C6    1 
ATOM   576  P  P     . C   A 1 28 ? 13.313  -8.137  0.300   1.00 27.19 ? 29  C   A P     1 
ATOM   577  O  OP1   . C   A 1 28 ? 12.408  -7.306  1.133   1.00 23.91 ? 29  C   A OP1   1 
ATOM   578  O  OP2   . C   A 1 28 ? 13.249  -8.079  -1.177  1.00 24.85 ? 29  C   A OP2   1 
ATOM   579  O  "O5'" . C   A 1 28 ? 14.812  -7.789  0.691   1.00 23.71 ? 29  C   A "O5'" 1 
ATOM   580  C  "C5'" . C   A 1 28 ? 15.328  -8.137  1.960   1.00 24.64 ? 29  C   A "C5'" 1 
ATOM   581  C  "C4'" . C   A 1 28 ? 16.674  -7.497  2.180   1.00 22.97 ? 29  C   A "C4'" 1 
ATOM   582  O  "O4'" . C   A 1 28 ? 17.652  -8.045  1.257   1.00 23.41 ? 29  C   A "O4'" 1 
ATOM   583  C  "C3'" . C   A 1 28 ? 16.748  -6.003  1.934   1.00 19.82 ? 29  C   A "C3'" 1 
ATOM   584  O  "O3'" . C   A 1 28 ? 16.190  -5.246  2.998   1.00 20.90 ? 29  C   A "O3'" 1 
ATOM   585  C  "C2'" . C   A 1 28 ? 18.240  -5.795  1.735   1.00 25.57 ? 29  C   A "C2'" 1 
ATOM   586  O  "O2'" . C   A 1 28 ? 18.922  -5.854  2.981   1.00 23.93 ? 29  C   A "O2'" 1 
ATOM   587  C  "C1'" . C   A 1 28 ? 18.602  -7.050  0.932   1.00 23.15 ? 29  C   A "C1'" 1 
ATOM   588  N  N1    . C   A 1 28 ? 18.521  -6.796  -0.521  1.00 22.66 ? 29  C   A N1    1 
ATOM   589  C  C2    . C   A 1 28 ? 19.565  -6.097  -1.126  1.00 24.59 ? 29  C   A C2    1 
ATOM   590  O  O2    . C   A 1 28 ? 20.523  -5.710  -0.440  1.00 25.55 ? 29  C   A O2    1 
ATOM   591  N  N3    . C   A 1 28 ? 19.498  -5.850  -2.447  1.00 26.09 ? 29  C   A N3    1 
ATOM   592  C  C4    . C   A 1 28 ? 18.452  -6.282  -3.149  1.00 26.36 ? 29  C   A C4    1 
ATOM   593  N  N4    . C   A 1 28 ? 18.447  -6.001  -4.454  1.00 28.39 ? 29  C   A N4    1 
ATOM   594  C  C5    . C   A 1 28 ? 17.370  -7.003  -2.563  1.00 25.30 ? 29  C   A C5    1 
ATOM   595  C  C6    . C   A 1 28 ? 17.448  -7.234  -1.247  1.00 23.40 ? 29  C   A C6    1 
ATOM   596  P  P     . A   A 1 29 ? 15.505  -3.815  2.712   1.00 20.66 ? 30  A   A P     1 
ATOM   597  O  OP1   . A   A 1 29 ? 15.153  -3.264  4.039   1.00 17.78 ? 30  A   A OP1   1 
ATOM   598  O  OP2   . A   A 1 29 ? 14.469  -3.921  1.646   1.00 20.94 ? 30  A   A OP2   1 
ATOM   599  O  "O5'" . A   A 1 29 ? 16.685  -2.949  2.074   1.00 20.85 ? 30  A   A "O5'" 1 
ATOM   600  C  "C5'" . A   A 1 29 ? 17.780  -2.511  2.865   1.00 21.68 ? 30  A   A "C5'" 1 
ATOM   601  C  "C4'" . A   A 1 29 ? 18.795  -1.777  2.025   1.00 22.72 ? 30  A   A "C4'" 1 
ATOM   602  O  "O4'" . A   A 1 29 ? 19.351  -2.676  1.028   1.00 23.40 ? 30  A   A "O4'" 1 
ATOM   603  C  "C3'" . A   A 1 29 ? 18.256  -0.622  1.201   1.00 20.34 ? 30  A   A "C3'" 1 
ATOM   604  O  "O3'" . A   A 1 29 ? 18.058  0.566   1.951   1.00 22.32 ? 30  A   A "O3'" 1 
ATOM   605  C  "C2'" . A   A 1 29 ? 19.305  -0.500  0.107   1.00 23.08 ? 30  A   A "C2'" 1 
ATOM   606  O  "O2'" . A   A 1 29 ? 20.488  0.093   0.614   1.00 22.87 ? 30  A   A "O2'" 1 
ATOM   607  C  "C1'" . A   A 1 29 ? 19.590  -1.970  -0.174  1.00 23.51 ? 30  A   A "C1'" 1 
ATOM   608  N  N9    . A   A 1 29 ? 18.670  -2.479  -1.206  1.00 22.89 ? 30  A   A N9    1 
ATOM   609  C  C8    . A   A 1 29 ? 17.593  -3.316  -1.065  1.00 22.82 ? 30  A   A C8    1 
ATOM   610  N  N7    . A   A 1 29 ? 16.958  -3.537  -2.203  1.00 23.41 ? 30  A   A N7    1 
ATOM   611  C  C5    . A   A 1 29 ? 17.678  -2.809  -3.142  1.00 24.06 ? 30  A   A C5    1 
ATOM   612  C  C6    . A   A 1 29 ? 17.524  -2.631  -4.531  1.00 25.20 ? 30  A   A C6    1 
ATOM   613  N  N6    . A   A 1 29 ? 16.554  -3.215  -5.240  1.00 24.91 ? 30  A   A N6    1 
ATOM   614  N  N1    . A   A 1 29 ? 18.406  -1.825  -5.167  1.00 24.85 ? 30  A   A N1    1 
ATOM   615  C  C2    . A   A 1 29 ? 19.382  -1.246  -4.451  1.00 24.55 ? 30  A   A C2    1 
ATOM   616  N  N3    . A   A 1 29 ? 19.627  -1.339  -3.137  1.00 22.99 ? 30  A   A N3    1 
ATOM   617  C  C4    . A   A 1 29 ? 18.728  -2.144  -2.541  1.00 23.96 ? 30  A   A C4    1 
ATOM   618  P  P     . A   A 1 30 ? 16.891  1.583   1.544   1.00 21.10 ? 31  A   A P     1 
ATOM   619  O  OP1   . A   A 1 30 ? 16.953  2.725   2.496   1.00 20.87 ? 31  A   A OP1   1 
ATOM   620  O  OP2   . A   A 1 30 ? 15.671  0.760   1.357   1.00 19.74 ? 31  A   A OP2   1 
ATOM   621  O  "O5'" . A   A 1 30 ? 17.267  2.052   0.069   1.00 21.82 ? 31  A   A "O5'" 1 
ATOM   622  C  "C5'" . A   A 1 30 ? 18.369  2.905   -0.203  1.00 21.48 ? 31  A   A "C5'" 1 
ATOM   623  C  "C4'" . A   A 1 30 ? 18.375  3.290   -1.662  1.00 23.28 ? 31  A   A "C4'" 1 
ATOM   624  O  "O4'" . A   A 1 30 ? 18.496  2.098   -2.479  1.00 22.19 ? 31  A   A "O4'" 1 
ATOM   625  C  "C3'" . A   A 1 30 ? 17.090  3.938   -2.147  1.00 23.17 ? 31  A   A "C3'" 1 
ATOM   626  O  "O3'" . A   A 1 30 ? 17.049  5.318   -1.861  1.00 23.01 ? 31  A   A "O3'" 1 
ATOM   627  C  "C2'" . A   A 1 30 ? 17.075  3.606   -3.634  1.00 22.39 ? 31  A   A "C2'" 1 
ATOM   628  O  "O2'" . A   A 1 30 ? 17.948  4.468   -4.356  1.00 22.78 ? 31  A   A "O2'" 1 
ATOM   629  C  "C1'" . A   A 1 30 ? 17.682  2.207   -3.629  1.00 21.35 ? 31  A   A "C1'" 1 
ATOM   630  N  N9    . A   A 1 30 ? 16.651  1.159   -3.551  1.00 22.90 ? 31  A   A N9    1 
ATOM   631  C  C8    . A   A 1 30 ? 16.382  0.377   -2.446  1.00 22.88 ? 31  A   A C8    1 
ATOM   632  N  N7    . A   A 1 30 ? 15.410  -0.484  -2.638  1.00 23.03 ? 31  A   A N7    1 
ATOM   633  C  C5    . A   A 1 30 ? 15.020  -0.261  -3.957  1.00 21.76 ? 31  A   A C5    1 
ATOM   634  C  C6    . A   A 1 30 ? 14.032  -0.860  -4.760  1.00 22.60 ? 31  A   A C6    1 
ATOM   635  N  N6    . A   A 1 30 ? 13.217  -1.848  -4.348  1.00 22.02 ? 31  A   A N6    1 
ATOM   636  N  N1    . A   A 1 30 ? 13.903  -0.404  -6.033  1.00 22.69 ? 31  A   A N1    1 
ATOM   637  C  C2    . A   A 1 30 ? 14.706  0.587   -6.445  1.00 23.54 ? 31  A   A C2    1 
ATOM   638  N  N3    . A   A 1 30 ? 15.668  1.233   -5.783  1.00 24.05 ? 31  A   A N3    1 
ATOM   639  C  C4    . A   A 1 30 ? 15.780  0.749   -4.529  1.00 22.66 ? 31  A   A C4    1 
ATOM   640  P  P     . U   A 1 31 ? 15.702  5.976   -1.310  1.00 22.87 ? 32  U   A P     1 
ATOM   641  O  OP1   . U   A 1 31 ? 15.969  7.416   -1.082  1.00 21.64 ? 32  U   A OP1   1 
ATOM   642  O  OP2   . U   A 1 31 ? 15.171  5.141   -0.203  1.00 22.07 ? 32  U   A OP2   1 
ATOM   643  O  "O5'" . U   A 1 31 ? 14.684  5.802   -2.517  1.00 22.28 ? 32  U   A "O5'" 1 
ATOM   644  C  "C5'" . U   A 1 31 ? 14.855  6.506   -3.741  1.00 24.48 ? 32  U   A "C5'" 1 
ATOM   645  C  "C4'" . U   A 1 31 ? 13.809  6.087   -4.748  1.00 26.23 ? 32  U   A "C4'" 1 
ATOM   646  O  "O4'" . U   A 1 31 ? 14.016  4.702   -5.128  1.00 26.17 ? 32  U   A "O4'" 1 
ATOM   647  C  "C3'" . U   A 1 31 ? 12.370  6.120   -4.262  1.00 25.85 ? 32  U   A "C3'" 1 
ATOM   648  O  "O3'" . U   A 1 31 ? 11.806  7.424   -4.294  1.00 24.06 ? 32  U   A "O3'" 1 
ATOM   649  C  "C2'" . U   A 1 31 ? 11.683  5.145   -5.214  1.00 24.94 ? 32  U   A "C2'" 1 
ATOM   650  O  "O2'" . U   A 1 31 ? 11.416  5.765   -6.463  1.00 28.57 ? 32  U   A "O2'" 1 
ATOM   651  C  "C1'" . U   A 1 31 ? 12.774  4.087   -5.409  1.00 24.24 ? 32  U   A "C1'" 1 
ATOM   652  N  N1    . U   A 1 31 ? 12.550  2.967   -4.469  1.00 24.60 ? 32  U   A N1    1 
ATOM   653  C  C2    . U   A 1 31 ? 11.653  1.985   -4.861  1.00 23.59 ? 32  U   A C2    1 
ATOM   654  O  O2    . U   A 1 31 ? 11.102  1.977   -5.947  1.00 22.43 ? 32  U   A O2    1 
ATOM   655  N  N3    . U   A 1 31 ? 11.419  1.000   -3.934  1.00 21.38 ? 32  U   A N3    1 
ATOM   656  C  C4    . U   A 1 31 ? 11.974  0.906   -2.676  1.00 22.35 ? 32  U   A C4    1 
ATOM   657  O  O4    . U   A 1 31 ? 11.660  -0.049  -1.960  1.00 22.27 ? 32  U   A O4    1 
ATOM   658  C  C5    . U   A 1 31 ? 12.883  1.961   -2.336  1.00 19.86 ? 32  U   A C5    1 
ATOM   659  C  C6    . U   A 1 31 ? 13.123  2.938   -3.213  1.00 23.14 ? 32  U   A C6    1 
ATOM   660  P  P     . C   A 1 32 ? 11.386  8.195   -2.956  1.00 27.89 ? 33  C   A P     1 
ATOM   661  O  OP1   . C   A 1 32 ? 11.624  9.648   -3.190  1.00 29.53 ? 33  C   A OP1   1 
ATOM   662  O  OP2   . C   A 1 32 ? 11.970  7.541   -1.759  1.00 25.69 ? 33  C   A OP2   1 
ATOM   663  O  "O5'" . C   A 1 32 ? 9.806   8.071   -2.923  1.00 27.94 ? 33  C   A "O5'" 1 
ATOM   664  C  "C5'" . C   A 1 32 ? 9.174   6.851   -2.572  1.00 22.36 ? 33  C   A "C5'" 1 
ATOM   665  C  "C4'" . C   A 1 32 ? 7.953   7.100   -1.724  1.00 23.28 ? 33  C   A "C4'" 1 
ATOM   666  O  "O4'" . C   A 1 32 ? 6.813   7.425   -2.571  1.00 24.91 ? 33  C   A "O4'" 1 
ATOM   667  C  "C3'" . C   A 1 32 ? 7.486   5.912   -0.903  1.00 22.34 ? 33  C   A "C3'" 1 
ATOM   668  O  "O3'" . C   A 1 32 ? 8.202   5.796   0.310   1.00 23.56 ? 33  C   A "O3'" 1 
ATOM   669  C  "C2'" . C   A 1 32 ? 6.012   6.211   -0.693  1.00 21.32 ? 33  C   A "C2'" 1 
ATOM   670  O  "O2'" . C   A 1 32 ? 5.851   7.169   0.340   1.00 21.17 ? 33  C   A "O2'" 1 
ATOM   671  C  "C1'" . C   A 1 32 ? 5.636   6.857   -2.032  1.00 23.51 ? 33  C   A "C1'" 1 
ATOM   672  N  N1    . C   A 1 32 ? 5.123   5.843   -2.981  1.00 21.55 ? 33  C   A N1    1 
ATOM   673  C  C2    . C   A 1 32 ? 3.883   5.293   -2.703  1.00 21.78 ? 33  C   A C2    1 
ATOM   674  O  O2    . C   A 1 32 ? 3.267   5.707   -1.708  1.00 21.30 ? 33  C   A O2    1 
ATOM   675  N  N3    . C   A 1 32 ? 3.385   4.345   -3.530  1.00 23.35 ? 33  C   A N3    1 
ATOM   676  C  C4    . C   A 1 32 ? 4.080   3.939   -4.589  1.00 21.06 ? 33  C   A C4    1 
ATOM   677  N  N4    . C   A 1 32 ? 3.533   2.993   -5.357  1.00 20.24 ? 33  C   A N4    1 
ATOM   678  C  C5    . C   A 1 32 ? 5.357   4.483   -4.893  1.00 21.47 ? 33  C   A C5    1 
ATOM   679  C  C6    . C   A 1 32 ? 5.841   5.421   -4.072  1.00 22.91 ? 33  C   A C6    1 
ATOM   680  P  P     . G   A 1 33 ? 8.883   4.410   0.737   1.00 21.60 ? 34  G   A P     1 
ATOM   681  O  OP1   . G   A 1 33 ? 9.380   4.585   2.123   1.00 19.65 ? 34  G   A OP1   1 
ATOM   682  O  OP2   . G   A 1 33 ? 9.818   3.988   -0.340  1.00 20.08 ? 34  G   A OP2   1 
ATOM   683  O  "O5'" . G   A 1 33 ? 7.672   3.371   0.731   1.00 19.65 ? 34  G   A "O5'" 1 
ATOM   684  C  "C5'" . G   A 1 33 ? 6.575   3.510   1.629   1.00 21.71 ? 34  G   A "C5'" 1 
ATOM   685  C  "C4'" . G   A 1 33 ? 5.423   2.622   1.227   1.00 21.22 ? 34  G   A "C4'" 1 
ATOM   686  O  "O4'" . G   A 1 33 ? 4.933   3.016   -0.083  1.00 21.99 ? 34  G   A "O4'" 1 
ATOM   687  C  "C3'" . G   A 1 33 ? 5.747   1.149   1.069   1.00 22.04 ? 34  G   A "C3'" 1 
ATOM   688  O  "O3'" . G   A 1 33 ? 5.738   0.455   2.293   1.00 23.14 ? 34  G   A "O3'" 1 
ATOM   689  C  "C2'" . G   A 1 33 ? 4.663   0.670   0.118   1.00 22.47 ? 34  G   A "C2'" 1 
ATOM   690  O  "O2'" . G   A 1 33 ? 3.437   0.497   0.824   1.00 20.65 ? 34  G   A "O2'" 1 
ATOM   691  C  "C1'" . G   A 1 33 ? 4.538   1.870   -0.811  1.00 21.21 ? 34  G   A "C1'" 1 
ATOM   692  N  N9    . G   A 1 33 ? 5.402   1.763   -2.004  1.00 19.85 ? 34  G   A N9    1 
ATOM   693  C  C8    . G   A 1 33 ? 6.646   2.337   -2.185  1.00 21.14 ? 34  G   A C8    1 
ATOM   694  N  N7    . G   A 1 33 ? 7.163   2.094   -3.368  1.00 21.99 ? 34  G   A N7    1 
ATOM   695  C  C5    . G   A 1 33 ? 6.205   1.312   -4.006  1.00 20.61 ? 34  G   A C5    1 
ATOM   696  C  C6    . G   A 1 33 ? 6.191   0.755   -5.311  1.00 23.42 ? 34  G   A C6    1 
ATOM   697  O  O6    . G   A 1 33 ? 7.066   0.830   -6.192  1.00 22.17 ? 34  G   A O6    1 
ATOM   698  N  N1    . G   A 1 33 ? 5.013   0.045   -5.553  1.00 22.08 ? 34  G   A N1    1 
ATOM   699  C  C2    . G   A 1 33 ? 3.985   -0.107  -4.654  1.00 21.69 ? 34  G   A C2    1 
ATOM   700  N  N2    . G   A 1 33 ? 2.942   -0.837  -5.062  1.00 21.10 ? 34  G   A N2    1 
ATOM   701  N  N3    . G   A 1 33 ? 3.986   0.411   -3.440  1.00 21.11 ? 34  G   A N3    1 
ATOM   702  C  C4    . G   A 1 33 ? 5.112   1.105   -3.178  1.00 21.96 ? 34  G   A C4    1 
ATOM   703  P  P     . U   A 1 34 ? 6.715   -0.796  2.508   1.00 23.16 ? 35  U   A P     1 
ATOM   704  O  OP1   . U   A 1 34 ? 6.301   -1.383  3.802   1.00 20.31 ? 35  U   A OP1   1 
ATOM   705  O  OP2   . U   A 1 34 ? 8.111   -0.354  2.269   1.00 20.80 ? 35  U   A OP2   1 
ATOM   706  O  "O5'" . U   A 1 34 ? 6.307   -1.798  1.345   1.00 22.64 ? 35  U   A "O5'" 1 
ATOM   707  C  "C5'" . U   A 1 34 ? 5.075   -2.497  1.404   1.00 20.10 ? 35  U   A "C5'" 1 
ATOM   708  C  "C4'" . U   A 1 34 ? 4.801   -3.241  0.126   1.00 19.39 ? 35  U   A "C4'" 1 
ATOM   709  O  "O4'" . U   A 1 34 ? 4.869   -2.352  -1.009  1.00 21.40 ? 35  U   A "O4'" 1 
ATOM   710  C  "C3'" . U   A 1 34 ? 5.781   -4.343  -0.226  1.00 20.75 ? 35  U   A "C3'" 1 
ATOM   711  O  "O3'" . U   A 1 34 ? 5.551   -5.504  0.538   1.00 23.09 ? 35  U   A "O3'" 1 
ATOM   712  C  "C2'" . U   A 1 34 ? 5.544   -4.530  -1.716  1.00 23.58 ? 35  U   A "C2'" 1 
ATOM   713  O  "O2'" . U   A 1 34 ? 4.405   -5.349  -1.956  1.00 23.15 ? 35  U   A "O2'" 1 
ATOM   714  C  "C1'" . U   A 1 34 ? 5.242   -3.091  -2.158  1.00 22.17 ? 35  U   A "C1'" 1 
ATOM   715  N  N1    . U   A 1 34 ? 6.417   -2.444  -2.783  1.00 22.21 ? 35  U   A N1    1 
ATOM   716  C  C2    . U   A 1 34 ? 6.620   -2.718  -4.125  1.00 21.41 ? 35  U   A C2    1 
ATOM   717  O  O2    . U   A 1 34 ? 5.869   -3.442  -4.755  1.00 21.97 ? 35  U   A O2    1 
ATOM   718  N  N3    . U   A 1 34 ? 7.710   -2.103  -4.690  1.00 20.60 ? 35  U   A N3    1 
ATOM   719  C  C4    . U   A 1 34 ? 8.613   -1.270  -4.051  1.00 22.69 ? 35  U   A C4    1 
ATOM   720  O  O4    . U   A 1 34 ? 9.566   -0.781  -4.676  1.00 21.80 ? 35  U   A O4    1 
ATOM   721  C  C5    . U   A 1 34 ? 8.339   -1.049  -2.665  1.00 22.54 ? 35  U   A C5    1 
ATOM   722  C  C6    . U   A 1 34 ? 7.273   -1.624  -2.083  1.00 22.21 ? 35  U   A C6    1 
ATOM   723  P  P     . A   A 1 35 ? 6.777   -6.220  1.271   1.00 22.32 ? 36  A   A P     1 
ATOM   724  O  OP1   . A   A 1 35 ? 6.202   -7.283  2.126   1.00 24.72 ? 36  A   A OP1   1 
ATOM   725  O  OP2   . A   A 1 35 ? 7.657   -5.175  1.870   1.00 20.30 ? 36  A   A OP2   1 
ATOM   726  O  "O5'" . A   A 1 35 ? 7.562   -6.877  0.058   1.00 23.64 ? 36  A   A "O5'" 1 
ATOM   727  C  "C5'" . A   A 1 35 ? 8.880   -7.372  0.207   1.00 24.59 ? 36  A   A "C5'" 1 
ATOM   728  C  "C4'" . A   A 1 35 ? 9.281   -8.137  -1.025  1.00 24.82 ? 36  A   A "C4'" 1 
ATOM   729  O  "O4'" . A   A 1 35 ? 8.497   -9.351  -1.100  1.00 26.92 ? 36  A   A "O4'" 1 
ATOM   730  C  "C3'" . A   A 1 35 ? 9.003   -7.431  -2.345  1.00 26.21 ? 36  A   A "C3'" 1 
ATOM   731  O  "O3'" . A   A 1 35 ? 10.033  -6.527  -2.705  1.00 25.14 ? 36  A   A "O3'" 1 
ATOM   732  C  "C2'" . A   A 1 35 ? 8.833   -8.587  -3.321  1.00 28.88 ? 36  A   A "C2'" 1 
ATOM   733  O  "O2'" . A   A 1 35 ? 10.096  -9.115  -3.692  1.00 29.02 ? 36  A   A "O2'" 1 
ATOM   734  C  "C1'" . A   A 1 35 ? 8.144   -9.622  -2.439  1.00 28.87 ? 36  A   A "C1'" 1 
ATOM   735  N  N9    . A   A 1 35 ? 6.677   -9.582  -2.538  1.00 28.62 ? 36  A   A N9    1 
ATOM   736  C  C8    . A   A 1 35 ? 5.825   -9.105  -1.575  1.00 27.93 ? 36  A   A C8    1 
ATOM   737  N  N7    . A   A 1 35 ? 4.560   -9.200  -1.894  1.00 29.98 ? 36  A   A N7    1 
ATOM   738  C  C5    . A   A 1 35 ? 4.581   -9.787  -3.152  1.00 29.95 ? 36  A   A C5    1 
ATOM   739  C  C6    . A   A 1 35 ? 3.544   -10.155 -4.028  1.00 33.05 ? 36  A   A C6    1 
ATOM   740  N  N6    . A   A 1 35 ? 2.249   -9.975  -3.751  1.00 34.50 ? 36  A   A N6    1 
ATOM   741  N  N1    . A   A 1 35 ? 3.893   -10.715 -5.204  1.00 34.00 ? 36  A   A N1    1 
ATOM   742  C  C2    . A   A 1 35 ? 5.198   -10.891 -5.476  1.00 32.46 ? 36  A   A C2    1 
ATOM   743  N  N3    . A   A 1 35 ? 6.260   -10.588 -4.728  1.00 33.58 ? 36  A   A N3    1 
ATOM   744  C  C4    . A   A 1 35 ? 5.876   -10.034 -3.564  1.00 31.16 ? 36  A   A C4    1 
ATOM   745  P  P     . G   A 1 36 ? 9.662   -5.033  -3.157  1.00 23.75 ? 37  G   A P     1 
ATOM   746  O  OP1   . G   A 1 36 ? 10.969  -4.327  -3.281  1.00 23.51 ? 37  G   A OP1   1 
ATOM   747  O  OP2   . G   A 1 36 ? 8.596   -4.501  -2.258  1.00 22.60 ? 37  G   A OP2   1 
ATOM   748  O  "O5'" . G   A 1 36 ? 9.057   -5.216  -4.610  1.00 24.14 ? 37  G   A "O5'" 1 
ATOM   749  C  "C5'" . G   A 1 36 ? 9.854   -5.767  -5.642  1.00 21.61 ? 37  G   A "C5'" 1 
ATOM   750  C  "C4'" . G   A 1 36 ? 9.012   -6.313  -6.763  1.00 25.97 ? 37  G   A "C4'" 1 
ATOM   751  O  "O4'" . G   A 1 36 ? 8.134   -7.355  -6.267  1.00 24.98 ? 37  G   A "O4'" 1 
ATOM   752  C  "C3'" . G   A 1 36 ? 8.070   -5.332  -7.435  1.00 25.32 ? 37  G   A "C3'" 1 
ATOM   753  O  "O3'" . G   A 1 36 ? 8.740   -4.499  -8.367  1.00 25.64 ? 37  G   A "O3'" 1 
ATOM   754  C  "C2'" . G   A 1 36 ? 7.049   -6.257  -8.077  1.00 25.09 ? 37  G   A "C2'" 1 
ATOM   755  O  "O2'" . G   A 1 36 ? 7.580   -6.818  -9.272  1.00 25.15 ? 37  G   A "O2'" 1 
ATOM   756  C  "C1'" . G   A 1 36 ? 6.944   -7.368  -7.028  1.00 27.04 ? 37  G   A "C1'" 1 
ATOM   757  N  N9    . G   A 1 36 ? 5.814   -7.158  -6.115  1.00 28.51 ? 37  G   A N9    1 
ATOM   758  C  C8    . G   A 1 36 ? 5.873   -6.676  -4.832  1.00 24.61 ? 37  G   A C8    1 
ATOM   759  N  N7    . G   A 1 36 ? 4.702   -6.610  -4.273  1.00 26.19 ? 37  G   A N7    1 
ATOM   760  C  C5    . G   A 1 36 ? 3.822   -7.073  -5.242  1.00 26.88 ? 37  G   A C5    1 
ATOM   761  C  C6    . G   A 1 36 ? 2.414   -7.229  -5.213  1.00 27.92 ? 37  G   A C6    1 
ATOM   762  O  O6    . G   A 1 36 ? 1.632   -6.982  -4.286  1.00 26.41 ? 37  G   A O6    1 
ATOM   763  N  N1    . G   A 1 36 ? 1.928   -7.729  -6.418  1.00 26.82 ? 37  G   A N1    1 
ATOM   764  C  C2    . G   A 1 36 ? 2.700   -8.046  -7.512  1.00 29.94 ? 37  G   A C2    1 
ATOM   765  N  N2    . G   A 1 36 ? 2.040   -8.515  -8.588  1.00 31.35 ? 37  G   A N2    1 
ATOM   766  N  N3    . G   A 1 36 ? 4.014   -7.907  -7.549  1.00 27.09 ? 37  G   A N3    1 
ATOM   767  C  C4    . G   A 1 36 ? 4.497   -7.418  -6.391  1.00 27.78 ? 37  G   A C4    1 
ATOM   768  P  P     . C   A 1 37 ? 8.200   -3.022  -8.696  1.00 26.92 ? 38  C   A P     1 
ATOM   769  O  OP1   . C   A 1 37 ? 9.229   -2.412  -9.565  1.00 28.31 ? 38  C   A OP1   1 
ATOM   770  O  OP2   . C   A 1 37 ? 7.752   -2.285  -7.485  1.00 25.39 ? 38  C   A OP2   1 
ATOM   771  O  "O5'" . C   A 1 37 ? 6.887   -3.285  -9.540  1.00 27.59 ? 38  C   A "O5'" 1 
ATOM   772  C  "C5'" . C   A 1 37 ? 6.933   -3.823  -10.850 1.00 24.48 ? 38  C   A "C5'" 1 
ATOM   773  C  "C4'" . C   A 1 37 ? 5.538   -4.021  -11.385 1.00 23.82 ? 38  C   A "C4'" 1 
ATOM   774  O  "O4'" . C   A 1 37 ? 4.869   -5.082  -10.650 1.00 26.60 ? 38  C   A "O4'" 1 
ATOM   775  C  "C3'" . C   A 1 37 ? 4.589   -2.849  -11.221 1.00 26.70 ? 38  C   A "C3'" 1 
ATOM   776  O  "O3'" . C   A 1 37 ? 4.804   -1.800  -12.135 1.00 28.77 ? 38  C   A "O3'" 1 
ATOM   777  C  "C2'" . C   A 1 37 ? 3.242   -3.527  -11.376 1.00 26.36 ? 38  C   A "C2'" 1 
ATOM   778  O  "O2'" . C   A 1 37 ? 3.048   -3.896  -12.734 1.00 25.66 ? 38  C   A "O2'" 1 
ATOM   779  C  "C1'" . C   A 1 37 ? 3.483   -4.800  -10.571 1.00 26.01 ? 38  C   A "C1'" 1 
ATOM   780  N  N1    . C   A 1 37 ? 3.093   -4.601  -9.153  1.00 25.80 ? 38  C   A N1    1 
ATOM   781  C  C2    . C   A 1 37 ? 1.754   -4.785  -8.835  1.00 28.45 ? 38  C   A C2    1 
ATOM   782  O  O2    . C   A 1 37 ? 0.979   -5.134  -9.746  1.00 27.84 ? 38  C   A O2    1 
ATOM   783  N  N3    . C   A 1 37 ? 1.338   -4.594  -7.555  1.00 26.62 ? 38  C   A N3    1 
ATOM   784  C  C4    . C   A 1 37 ? 2.205   -4.222  -6.609  1.00 26.73 ? 38  C   A C4    1 
ATOM   785  N  N4    . C   A 1 37 ? 1.744   -4.040  -5.367  1.00 26.22 ? 38  C   A N4    1 
ATOM   786  C  C5    . C   A 1 37 ? 3.581   -4.009  -6.906  1.00 26.84 ? 38  C   A C5    1 
ATOM   787  C  C6    . C   A 1 37 ? 3.974   -4.202  -8.176  1.00 26.35 ? 38  C   A C6    1 
ATOM   788  P  P     . G   A 1 38 ? 4.483   -0.283  -11.710 1.00 26.94 ? 39  G   A P     1 
ATOM   789  O  OP1   . G   A 1 38 ? 4.871   0.523   -12.898 1.00 29.08 ? 39  G   A OP1   1 
ATOM   790  O  OP2   . G   A 1 38 ? 5.042   0.033   -10.370 1.00 27.79 ? 39  G   A OP2   1 
ATOM   791  O  "O5'" . G   A 1 38 ? 2.897   -0.245  -11.599 1.00 26.43 ? 39  G   A "O5'" 1 
ATOM   792  C  "C5'" . G   A 1 38 ? 2.094   -0.491  -12.741 1.00 27.23 ? 39  G   A "C5'" 1 
ATOM   793  C  "C4'" . G   A 1 38 ? 0.649   -0.695  -12.373 1.00 27.82 ? 39  G   A "C4'" 1 
ATOM   794  O  "O4'" . G   A 1 38 ? 0.512   -1.779  -11.415 1.00 25.24 ? 39  G   A "O4'" 1 
ATOM   795  C  "C3'" . G   A 1 38 ? -0.037  0.470   -11.690 1.00 28.09 ? 39  G   A "C3'" 1 
ATOM   796  O  "O3'" . G   A 1 38 ? -0.392  1.512   -12.582 1.00 27.85 ? 39  G   A "O3'" 1 
ATOM   797  C  "C2'" . G   A 1 38 ? -1.225  -0.210  -11.029 1.00 27.52 ? 39  G   A "C2'" 1 
ATOM   798  O  "O2'" . G   A 1 38 ? -2.219  -0.513  -12.000 1.00 28.31 ? 39  G   A "O2'" 1 
ATOM   799  C  "C1'" . G   A 1 38 ? -0.591  -1.524  -10.568 1.00 25.27 ? 39  G   A "C1'" 1 
ATOM   800  N  N9    . G   A 1 38 ? -0.131  -1.449  -9.163  1.00 24.46 ? 39  G   A N9    1 
ATOM   801  C  C8    . G   A 1 38 ? 1.158   -1.359  -8.679  1.00 27.07 ? 39  G   A C8    1 
ATOM   802  N  N7    . G   A 1 38 ? 1.210   -1.315  -7.370  1.00 24.39 ? 39  G   A N7    1 
ATOM   803  C  C5    . G   A 1 38 ? -0.119  -1.378  -6.961  1.00 24.54 ? 39  G   A C5    1 
ATOM   804  C  C6    . G   A 1 38 ? -0.706  -1.365  -5.666  1.00 26.04 ? 39  G   A C6    1 
ATOM   805  O  O6    . G   A 1 38 ? -0.148  -1.296  -4.561  1.00 25.42 ? 39  G   A O6    1 
ATOM   806  N  N1    . G   A 1 38 ? -2.093  -1.456  -5.723  1.00 25.25 ? 39  G   A N1    1 
ATOM   807  C  C2    . G   A 1 38 ? -2.833  -1.536  -6.880  1.00 26.89 ? 39  G   A C2    1 
ATOM   808  N  N2    . G   A 1 38 ? -4.168  -1.612  -6.745  1.00 24.44 ? 39  G   A N2    1 
ATOM   809  N  N3    . G   A 1 38 ? -2.303  -1.544  -8.088  1.00 23.96 ? 39  G   A N3    1 
ATOM   810  C  C4    . G   A 1 38 ? -0.953  -1.466  -8.059  1.00 27.44 ? 39  G   A C4    1 
ATOM   811  P  P     . U   A 1 39 ? -0.303  3.042   -12.102 1.00 27.29 ? 40  U   A P     1 
ATOM   812  O  OP1   . U   A 1 39 ? -0.619  3.896   -13.278 1.00 28.18 ? 40  U   A OP1   1 
ATOM   813  O  OP2   . U   A 1 39 ? 0.949   3.266   -11.344 1.00 29.36 ? 40  U   A OP2   1 
ATOM   814  O  "O5'" . U   A 1 39 ? -1.548  3.187   -11.118 1.00 25.82 ? 40  U   A "O5'" 1 
ATOM   815  C  "C5'" . U   A 1 39 ? -2.853  2.806   -11.540 1.00 28.01 ? 40  U   A "C5'" 1 
ATOM   816  C  "C4'" . U   A 1 39 ? -3.806  2.720   -10.378 1.00 25.05 ? 40  U   A "C4'" 1 
ATOM   817  O  "O4'" . U   A 1 39 ? -3.351  1.717   -9.436  1.00 27.01 ? 40  U   A "O4'" 1 
ATOM   818  C  "C3'" . U   A 1 39 ? -3.928  3.986   -9.555  1.00 26.98 ? 40  U   A "C3'" 1 
ATOM   819  O  "O3'" . U   A 1 39 ? -4.851  4.885   -10.144 1.00 28.45 ? 40  U   A "O3'" 1 
ATOM   820  C  "C2'" . U   A 1 39 ? -4.369  3.478   -8.186  1.00 24.73 ? 40  U   A "C2'" 1 
ATOM   821  O  "O2'" . U   A 1 39 ? -5.781  3.312   -8.150  1.00 26.72 ? 40  U   A "O2'" 1 
ATOM   822  C  "C1'" . U   A 1 39 ? -3.705  2.092   -8.123  1.00 26.46 ? 40  U   A "C1'" 1 
ATOM   823  N  N1    . U   A 1 39 ? -2.489  2.042   -7.274  1.00 23.42 ? 40  U   A N1    1 
ATOM   824  C  C2    . U   A 1 39 ? -2.646  1.842   -5.918  1.00 23.20 ? 40  U   A C2    1 
ATOM   825  O  O2    . U   A 1 39 ? -3.735  1.749   -5.382  1.00 23.63 ? 40  U   A O2    1 
ATOM   826  N  N3    . U   A 1 39 ? -1.474  1.780   -5.210  1.00 24.13 ? 40  U   A N3    1 
ATOM   827  C  C4    . U   A 1 39 ? -0.187  1.870   -5.709  1.00 24.17 ? 40  U   A C4    1 
ATOM   828  O  O4    . U   A 1 39 ? 0.764   1.795   -4.932  1.00 23.65 ? 40  U   A O4    1 
ATOM   829  C  C5    . U   A 1 39 ? -0.099  2.053   -7.130  1.00 25.62 ? 40  U   A C5    1 
ATOM   830  C  C6    . U   A 1 39 ? -1.232  2.122   -7.838  1.00 26.58 ? 40  U   A C6    1 
ATOM   831  P  P     . G   A 1 40 ? -4.647  6.468   -10.027 1.00 29.34 ? 41  G   A P     1 
ATOM   832  O  OP1   . G   A 1 40 ? -5.788  7.101   -10.747 1.00 25.02 ? 41  G   A OP1   1 
ATOM   833  O  OP2   . G   A 1 40 ? -3.242  6.820   -10.351 1.00 28.41 ? 41  G   A OP2   1 
ATOM   834  O  "O5'" . G   A 1 40 ? -4.881  6.768   -8.492  1.00 25.82 ? 41  G   A "O5'" 1 
ATOM   835  C  "C5'" . G   A 1 40 ? -5.047  8.102   -8.025  1.00 25.24 ? 41  G   A "C5'" 1 
ATOM   836  C  "C4'" . G   A 1 40 ? -4.864  8.132   -6.539  1.00 23.30 ? 41  G   A "C4'" 1 
ATOM   837  O  "O4'" . G   A 1 40 ? -3.492  7.800   -6.224  1.00 28.64 ? 41  G   A "O4'" 1 
ATOM   838  C  "C3'" . G   A 1 40 ? -5.174  9.447   -5.827  1.00 22.31 ? 41  G   A "C3'" 1 
ATOM   839  O  "O3'" . G   A 1 40 ? -6.111  9.186   -4.789  1.00 25.50 ? 41  G   A "O3'" 1 
ATOM   840  C  "C2'" . G   A 1 40 ? -3.822  9.891   -5.232  1.00 23.66 ? 41  G   A "C2'" 1 
ATOM   841  O  "O2'" . G   A 1 40 ? -3.937  10.475  -3.953  1.00 25.03 ? 41  G   A "O2'" 1 
ATOM   842  C  "C1'" . G   A 1 40 ? -3.060  8.577   -5.135  1.00 23.66 ? 41  G   A "C1'" 1 
ATOM   843  N  N9    . G   A 1 40 ? -1.599  8.655   -5.213  1.00 23.91 ? 41  G   A N9    1 
ATOM   844  C  C8    . G   A 1 40 ? -0.829  9.000   -6.302  1.00 25.27 ? 41  G   A C8    1 
ATOM   845  N  N7    . G   A 1 40 ? 0.456   8.915   -6.073  1.00 24.11 ? 41  G   A N7    1 
ATOM   846  C  C5    . G   A 1 40 ? 0.541   8.465   -4.757  1.00 23.72 ? 41  G   A C5    1 
ATOM   847  C  C6    . G   A 1 40 ? 1.682   8.171   -3.959  1.00 24.87 ? 41  G   A C6    1 
ATOM   848  O  O6    . G   A 1 40 ? 2.885   8.260   -4.251  1.00 23.82 ? 41  G   A O6    1 
ATOM   849  N  N1    . G   A 1 40 ? 1.321   7.742   -2.694  1.00 22.90 ? 41  G   A N1    1 
ATOM   850  C  C2    . G   A 1 40 ? 0.024   7.603   -2.249  1.00 22.80 ? 41  G   A C2    1 
ATOM   851  N  N2    . G   A 1 40 ? -0.111  7.170   -0.988  1.00 20.46 ? 41  G   A N2    1 
ATOM   852  N  N3    . G   A 1 40 ? -1.049  7.865   -2.986  1.00 20.32 ? 41  G   A N3    1 
ATOM   853  C  C4    . G   A 1 40 ? -0.716  8.281   -4.222  1.00 23.54 ? 41  G   A C4    1 
ATOM   854  P  P     . U   A 1 41 ? -7.575  9.859   -4.866  1.00 23.55 ? 42  U   A P     1 
ATOM   855  O  OP1   . U   A 1 41 ? -8.258  9.513   -6.133  1.00 26.17 ? 42  U   A OP1   1 
ATOM   856  O  OP2   . U   A 1 41 ? -7.438  11.279  -4.492  1.00 23.16 ? 42  U   A OP2   1 
ATOM   857  O  "O5'" . U   A 1 41 ? -8.356  9.098   -3.712  1.00 25.16 ? 42  U   A "O5'" 1 
ATOM   858  C  "C5'" . U   A 1 41 ? -8.802  7.759   -3.899  1.00 26.01 ? 42  U   A "C5'" 1 
ATOM   859  C  "C4'" . U   A 1 41 ? -9.183  7.119   -2.589  1.00 28.82 ? 42  U   A "C4'" 1 
ATOM   860  O  "O4'" . U   A 1 41 ? -7.989  6.628   -1.927  1.00 26.29 ? 42  U   A "O4'" 1 
ATOM   861  C  "C3'" . U   A 1 41 ? -9.875  8.039   -1.585  1.00 25.75 ? 42  U   A "C3'" 1 
ATOM   862  O  "O3'" . U   A 1 41 ? -10.730 7.247   -0.770  1.00 33.04 ? 42  U   A "O3'" 1 
ATOM   863  C  "C2'" . U   A 1 41 ? -8.714  8.503   -0.714  1.00 25.31 ? 42  U   A "C2'" 1 
ATOM   864  O  "O2'" . U   A 1 41 ? -9.092  8.954   0.571   1.00 27.40 ? 42  U   A "O2'" 1 
ATOM   865  C  "C1'" . U   A 1 41 ? -7.873  7.229   -0.648  1.00 24.18 ? 42  U   A "C1'" 1 
ATOM   866  N  N1    . U   A 1 41 ? -6.442  7.447   -0.389  1.00 23.90 ? 42  U   A N1    1 
ATOM   867  C  C2    . U   A 1 41 ? -5.992  7.330   0.913   1.00 24.37 ? 42  U   A C2    1 
ATOM   868  O  O2    . U   A 1 41 ? -6.729  7.083   1.845   1.00 26.56 ? 42  U   A O2    1 
ATOM   869  N  N3    . U   A 1 41 ? -4.648  7.526   1.086   1.00 22.35 ? 42  U   A N3    1 
ATOM   870  C  C4    . U   A 1 41 ? -3.730  7.810   0.097   1.00 22.32 ? 42  U   A C4    1 
ATOM   871  O  O4    . U   A 1 41 ? -2.552  7.958   0.408   1.00 21.44 ? 42  U   A O4    1 
ATOM   872  C  C5    . U   A 1 41 ? -4.267  7.907   -1.230  1.00 24.00 ? 42  U   A C5    1 
ATOM   873  C  C6    . U   A 1 41 ? -5.581  7.724   -1.419  1.00 23.21 ? 42  U   A C6    1 
ATOM   874  P  P     . C   A 1 42 ? -12.321 7.258   -0.975  1.00 38.16 ? 43  C   A P     1 
ATOM   875  O  OP1   . C   A 1 42 ? -12.666 6.117   -1.862  1.00 36.85 ? 43  C   A OP1   1 
ATOM   876  O  OP2   . C   A 1 42 ? -12.733 8.642   -1.291  1.00 34.42 ? 43  C   A OP2   1 
ATOM   877  O  "O5'" . C   A 1 42 ? -12.859 6.917   0.470   1.00 39.30 ? 43  C   A "O5'" 1 
ATOM   878  C  "C5'" . C   A 1 42 ? -14.206 6.550   0.687   1.00 44.48 ? 43  C   A "C5'" 1 
ATOM   879  C  "C4'" . C   A 1 42 ? -14.456 6.458   2.161   1.00 42.26 ? 43  C   A "C4'" 1 
ATOM   880  O  "O4'" . C   A 1 42 ? -13.587 5.443   2.729   1.00 43.33 ? 43  C   A "O4'" 1 
ATOM   881  C  "C3'" . C   A 1 42 ? -14.097 7.704   2.946   1.00 42.32 ? 43  C   A "C3'" 1 
ATOM   882  O  "O3'" . C   A 1 42 ? -15.061 8.733   2.862   1.00 39.10 ? 43  C   A "O3'" 1 
ATOM   883  C  "C2'" . C   A 1 42 ? -13.887 7.151   4.342   1.00 43.13 ? 43  C   A "C2'" 1 
ATOM   884  O  "O2'" . C   A 1 42 ? -15.137 6.848   4.940   1.00 46.53 ? 43  C   A "O2'" 1 
ATOM   885  C  "C1'" . C   A 1 42 ? -13.175 5.841   4.021   1.00 41.03 ? 43  C   A "C1'" 1 
ATOM   886  N  N1    . C   A 1 42 ? -11.702 6.002   4.037   1.00 43.77 ? 43  C   A N1    1 
ATOM   887  C  C2    . C   A 1 42 ? -11.079 5.854   5.277   1.00 42.08 ? 43  C   A C2    1 
ATOM   888  O  O2    . C   A 1 42 ? -11.792 5.596   6.264   1.00 43.91 ? 43  C   A O2    1 
ATOM   889  N  N3    . C   A 1 42 ? -9.737  5.992   5.374   1.00 38.20 ? 43  C   A N3    1 
ATOM   890  C  C4    . C   A 1 42 ? -9.017  6.276   4.290   1.00 35.30 ? 43  C   A C4    1 
ATOM   891  N  N4    . C   A 1 42 ? -7.693  6.397   4.438   1.00 30.95 ? 43  C   A N4    1 
ATOM   892  C  C5    . C   A 1 42 ? -9.627  6.438   3.009   1.00 34.32 ? 43  C   A C5    1 
ATOM   893  C  C6    . C   A 1 42 ? -10.959 6.294   2.921   1.00 36.92 ? 43  C   A C6    1 
ATOM   894  P  P     . G   A 1 43 ? -14.596 10.248  3.102   1.00 41.95 ? 44  G   A P     1 
ATOM   895  O  OP1   . G   A 1 43 ? -15.808 11.056  3.405   1.00 47.61 ? 44  G   A OP1   1 
ATOM   896  O  OP2   . G   A 1 43 ? -13.704 10.664  1.983   1.00 38.47 ? 44  G   A OP2   1 
ATOM   897  O  "O5'" . G   A 1 43 ? -13.740 10.139  4.442   1.00 40.83 ? 44  G   A "O5'" 1 
ATOM   898  C  "C5'" . G   A 1 43 ? -12.771 11.113  4.793   1.00 33.11 ? 44  G   A "C5'" 1 
ATOM   899  C  "C4'" . G   A 1 43 ? -11.944 10.649  5.967   1.00 31.69 ? 44  G   A "C4'" 1 
ATOM   900  O  "O4'" . G   A 1 43 ? -11.128 9.513   5.576   1.00 31.87 ? 44  G   A "O4'" 1 
ATOM   901  C  "C3'" . G   A 1 43 ? -10.950 11.664  6.504   1.00 29.56 ? 44  G   A "C3'" 1 
ATOM   902  O  "O3'" . G   A 1 43 ? -11.553 12.564  7.415   1.00 27.98 ? 44  G   A "O3'" 1 
ATOM   903  C  "C2'" . G   A 1 43 ? -9.880  10.789  7.138   1.00 29.00 ? 44  G   A "C2'" 1 
ATOM   904  O  "O2'" . G   A 1 43 ? -10.316 10.329  8.410   1.00 27.04 ? 44  G   A "O2'" 1 
ATOM   905  C  "C1'" . G   A 1 43 ? -9.855  9.603   6.177   1.00 28.32 ? 44  G   A "C1'" 1 
ATOM   906  N  N9    . G   A 1 43 ? -8.851  9.765   5.104   1.00 28.05 ? 44  G   A N9    1 
ATOM   907  C  C8    . G   A 1 43 ? -9.105  9.745   3.754   1.00 28.15 ? 44  G   A C8    1 
ATOM   908  N  N7    . G   A 1 43 ? -8.039  9.903   3.018   1.00 27.50 ? 44  G   A N7    1 
ATOM   909  C  C5    . G   A 1 43 ? -7.005  10.022  3.945   1.00 26.77 ? 44  G   A C5    1 
ATOM   910  C  C6    . G   A 1 43 ? -5.609  10.211  3.737   1.00 25.53 ? 44  G   A C6    1 
ATOM   911  O  O6    . G   A 1 43 ? -5.012  10.303  2.651   1.00 20.55 ? 44  G   A O6    1 
ATOM   912  N  N1    . G   A 1 43 ? -4.913  10.288  4.948   1.00 22.01 ? 44  G   A N1    1 
ATOM   913  C  C2    . G   A 1 43 ? -5.493  10.189  6.194   1.00 25.47 ? 44  G   A C2    1 
ATOM   914  N  N2    . G   A 1 43 ? -4.666  10.291  7.250   1.00 24.47 ? 44  G   A N2    1 
ATOM   915  N  N3    . G   A 1 43 ? -6.802  10.018  6.398   1.00 25.58 ? 44  G   A N3    1 
ATOM   916  C  C4    . G   A 1 43 ? -7.490  9.938   5.239   1.00 28.59 ? 44  G   A C4    1 
ATOM   917  P  P     . G   A 1 44 ? -11.200 14.122  7.370   1.00 29.42 ? 45  G   A P     1 
ATOM   918  O  OP1   . G   A 1 44 ? -12.030 14.792  8.407   1.00 29.24 ? 45  G   A OP1   1 
ATOM   919  O  OP2   . G   A 1 44 ? -11.300 14.582  5.952   1.00 25.20 ? 45  G   A OP2   1 
ATOM   920  O  "O5'" . G   A 1 44 ? -9.663  14.187  7.774   1.00 28.28 ? 45  G   A "O5'" 1 
ATOM   921  C  "C5'" . G   A 1 44 ? -9.234  13.921  9.099   1.00 29.78 ? 45  G   A "C5'" 1 
ATOM   922  C  "C4'" . G   A 1 44 ? -7.744  14.101  9.215   1.00 30.01 ? 45  G   A "C4'" 1 
ATOM   923  O  "O4'" . G   A 1 44 ? -7.064  13.088  8.424   1.00 27.70 ? 45  G   A "O4'" 1 
ATOM   924  C  "C3'" . G   A 1 44 ? -7.203  15.416  8.674   1.00 26.80 ? 45  G   A "C3'" 1 
ATOM   925  O  "O3'" . G   A 1 44 ? -7.314  16.475  9.604   1.00 30.77 ? 45  G   A "O3'" 1 
ATOM   926  C  "C2'" . G   A 1 44 ? -5.762  15.068  8.343   1.00 28.51 ? 45  G   A "C2'" 1 
ATOM   927  O  "O2'" . G   A 1 44 ? -4.990  15.024  9.532   1.00 26.94 ? 45  G   A "O2'" 1 
ATOM   928  C  "C1'" . G   A 1 44 ? -5.912  13.639  7.826   1.00 28.42 ? 45  G   A "C1'" 1 
ATOM   929  N  N9    . G   A 1 44 ? -6.073  13.573  6.359   1.00 26.65 ? 45  G   A N9    1 
ATOM   930  C  C8    . G   A 1 44 ? -7.251  13.361  5.672   1.00 26.14 ? 45  G   A C8    1 
ATOM   931  N  N7    . G   A 1 44 ? -7.095  13.334  4.371   1.00 25.28 ? 45  G   A N7    1 
ATOM   932  C  C5    . G   A 1 44 ? -5.729  13.529  4.193   1.00 22.77 ? 45  G   A C5    1 
ATOM   933  C  C6    . G   A 1 44 ? -4.970  13.597  2.998   1.00 22.82 ? 45  G   A C6    1 
ATOM   934  O  O6    . G   A 1 44 ? -5.375  13.482  1.842   1.00 21.60 ? 45  G   A O6    1 
ATOM   935  N  N1    . G   A 1 44 ? -3.616  13.817  3.241   1.00 22.68 ? 45  G   A N1    1 
ATOM   936  C  C2    . G   A 1 44 ? -3.072  13.952  4.494   1.00 22.41 ? 45  G   A C2    1 
ATOM   937  N  N2    . G   A 1 44 ? -1.745  14.156  4.540   1.00 22.49 ? 45  G   A N2    1 
ATOM   938  N  N3    . G   A 1 44 ? -3.768  13.889  5.617   1.00 22.63 ? 45  G   A N3    1 
ATOM   939  C  C4    . G   A 1 44 ? -5.083  13.674  5.400   1.00 24.60 ? 45  G   A C4    1 
ATOM   940  P  P     . C   A 1 45 ? -7.679  17.958  9.113   1.00 29.39 ? 46  C   A P     1 
ATOM   941  O  OP1   . C   A 1 45 ? -7.888  18.790  10.324  1.00 29.67 ? 46  C   A OP1   1 
ATOM   942  O  OP2   . C   A 1 45 ? -8.765  17.879  8.095   1.00 24.41 ? 46  C   A OP2   1 
ATOM   943  O  "O5'" . C   A 1 45 ? -6.367  18.447  8.366   1.00 29.07 ? 46  C   A "O5'" 1 
ATOM   944  C  "C5'" . C   A 1 45 ? -5.193  18.760  9.087   1.00 28.85 ? 46  C   A "C5'" 1 
ATOM   945  C  "C4'" . C   A 1 45 ? -4.032  18.927  8.151   1.00 30.56 ? 46  C   A "C4'" 1 
ATOM   946  O  "O4'" . C   A 1 45 ? -3.827  17.698  7.403   1.00 28.73 ? 46  C   A "O4'" 1 
ATOM   947  C  "C3'" . C   A 1 45 ? -4.199  19.972  7.064   1.00 27.30 ? 46  C   A "C3'" 1 
ATOM   948  O  "O3'" . C   A 1 45 ? -4.062  21.310  7.523   1.00 28.07 ? 46  C   A "O3'" 1 
ATOM   949  C  "C2'" . C   A 1 45 ? -3.163  19.521  6.045   1.00 25.34 ? 46  C   A "C2'" 1 
ATOM   950  O  "O2'" . C   A 1 45 ? -1.849  19.797  6.503   1.00 23.83 ? 46  C   A "O2'" 1 
ATOM   951  C  "C1'" . C   A 1 45 ? -3.353  18.008  6.104   1.00 26.62 ? 46  C   A "C1'" 1 
ATOM   952  N  N1    . C   A 1 45 ? -4.341  17.540  5.100   1.00 23.39 ? 46  C   A N1    1 
ATOM   953  C  C2    . C   A 1 45 ? -3.872  17.326  3.802   1.00 26.45 ? 46  C   A C2    1 
ATOM   954  O  O2    . C   A 1 45 ? -2.671  17.533  3.573   1.00 23.26 ? 46  C   A O2    1 
ATOM   955  N  N3    . C   A 1 45 ? -4.727  16.904  2.838   1.00 23.75 ? 46  C   A N3    1 
ATOM   956  C  C4    . C   A 1 45 ? -6.005  16.700  3.135   1.00 23.53 ? 46  C   A C4    1 
ATOM   957  N  N4    . C   A 1 45 ? -6.808  16.274  2.161   1.00 21.93 ? 46  C   A N4    1 
ATOM   958  C  C5    . C   A 1 45 ? -6.517  16.905  4.454   1.00 23.55 ? 46  C   A C5    1 
ATOM   959  C  C6    . C   A 1 45 ? -5.654  17.318  5.394   1.00 23.45 ? 46  C   A C6    1 
ATOM   960  P  P     . G   A 1 46 ? -4.952  22.484  6.865   1.00 30.71 ? 47  G   A P     1 
ATOM   961  O  OP1   . G   A 1 46 ? -4.784  23.692  7.702   1.00 32.42 ? 47  G   A OP1   1 
ATOM   962  O  OP2   . G   A 1 46 ? -6.311  21.963  6.564   1.00 25.87 ? 47  G   A OP2   1 
ATOM   963  O  "O5'" . G   A 1 46 ? -4.218  22.768  5.475   1.00 25.83 ? 47  G   A "O5'" 1 
ATOM   964  C  "C5'" . G   A 1 46 ? -2.878  23.239  5.447   1.00 26.92 ? 47  G   A "C5'" 1 
ATOM   965  C  "C4'" . G   A 1 46 ? -2.311  23.233  4.051   1.00 26.92 ? 47  G   A "C4'" 1 
ATOM   966  O  "O4'" . G   A 1 46 ? -2.250  21.876  3.548   1.00 25.15 ? 47  G   A "O4'" 1 
ATOM   967  C  "C3'" . G   A 1 46 ? -3.131  23.969  3.007   1.00 26.53 ? 47  G   A "C3'" 1 
ATOM   968  O  "O3'" . G   A 1 46 ? -2.927  25.367  3.042   1.00 30.29 ? 47  G   A "O3'" 1 
ATOM   969  C  "C2'" . G   A 1 46 ? -2.669  23.308  1.713   1.00 25.34 ? 47  G   A "C2'" 1 
ATOM   970  O  "O2'" . G   A 1 46 ? -1.375  23.764  1.353   1.00 26.80 ? 47  G   A "O2'" 1 
ATOM   971  C  "C1'" . G   A 1 46 ? -2.530  21.863  2.164   1.00 23.76 ? 47  G   A "C1'" 1 
ATOM   972  N  N9    . G   A 1 46 ? -3.757  21.082  1.930   1.00 24.33 ? 47  G   A N9    1 
ATOM   973  C  C8    . G   A 1 46 ? -4.691  20.632  2.834   1.00 22.90 ? 47  G   A C8    1 
ATOM   974  N  N7    . G   A 1 46 ? -5.648  19.943  2.267   1.00 23.41 ? 47  G   A N7    1 
ATOM   975  C  C5    . G   A 1 46 ? -5.322  19.947  0.905   1.00 20.77 ? 47  G   A C5    1 
ATOM   976  C  C6    . G   A 1 46 ? -5.967  19.381  -0.221  1.00 19.57 ? 47  G   A C6    1 
ATOM   977  O  O6    . G   A 1 46 ? -6.994  18.711  -0.278  1.00 20.53 ? 47  G   A O6    1 
ATOM   978  N  N1    . G   A 1 46 ? -5.275  19.637  -1.399  1.00 21.55 ? 47  G   A N1    1 
ATOM   979  C  C2    . G   A 1 46 ? -4.112  20.357  -1.494  1.00 20.25 ? 47  G   A C2    1 
ATOM   980  N  N2    . G   A 1 46 ? -3.584  20.513  -2.713  1.00 21.75 ? 47  G   A N2    1 
ATOM   981  N  N3    . G   A 1 46 ? -3.501  20.890  -0.455  1.00 22.12 ? 47  G   A N3    1 
ATOM   982  C  C4    . G   A 1 46 ? -4.164  20.648  0.694   1.00 20.80 ? 47  G   A C4    1 
ATOM   983  P  P     . C   A 1 47 ? -4.076  26.361  2.526   1.00 30.94 ? 48  C   A P     1 
ATOM   984  O  OP1   . C   A 1 47 ? -3.635  27.727  2.885   1.00 32.57 ? 48  C   A OP1   1 
ATOM   985  O  OP2   . C   A 1 47 ? -5.391  25.837  2.977   1.00 27.81 ? 48  C   A OP2   1 
ATOM   986  O  "O5'" . C   A 1 47 ? -4.023  26.221  0.939   1.00 25.13 ? 48  C   A "O5'" 1 
ATOM   987  C  "C5'" . C   A 1 47 ? -2.867  26.588  0.202   1.00 24.97 ? 48  C   A "C5'" 1 
ATOM   988  C  "C4'" . C   A 1 47 ? -3.028  26.256  -1.261  1.00 21.92 ? 48  C   A "C4'" 1 
ATOM   989  O  "O4'" . C   A 1 47 ? -3.221  24.830  -1.413  1.00 23.77 ? 48  C   A "O4'" 1 
ATOM   990  C  "C3'" . C   A 1 47 ? -4.247  26.866  -1.921  1.00 24.38 ? 48  C   A "C3'" 1 
ATOM   991  O  "O3'" . C   A 1 47 ? -4.026  28.196  -2.328  1.00 25.05 ? 48  C   A "O3'" 1 
ATOM   992  C  "C2'" . C   A 1 47 ? -4.544  25.904  -3.066  1.00 23.64 ? 48  C   A "C2'" 1 
ATOM   993  O  "O2'" . C   A 1 47 ? -3.705  26.154  -4.187  1.00 25.59 ? 48  C   A "O2'" 1 
ATOM   994  C  "C1'" . C   A 1 47 ? -4.132  24.568  -2.457  1.00 22.62 ? 48  C   A "C1'" 1 
ATOM   995  N  N1    . C   A 1 47 ? -5.274  23.802  -1.909  1.00 21.58 ? 48  C   A N1    1 
ATOM   996  C  C2    . C   A 1 47 ? -6.022  23.060  -2.806  1.00 19.59 ? 48  C   A C2    1 
ATOM   997  O  O2    . C   A 1 47 ? -5.723  23.105  -4.006  1.00 21.95 ? 48  C   A O2    1 
ATOM   998  N  N3    . C   A 1 47 ? -7.059  22.333  -2.358  1.00 21.92 ? 48  C   A N3    1 
ATOM   999  C  C4    . C   A 1 47 ? -7.357  22.323  -1.066  1.00 22.28 ? 48  C   A C4    1 
ATOM   1000 N  N4    . C   A 1 47 ? -8.391  21.577  -0.689  1.00 22.13 ? 48  C   A N4    1 
ATOM   1001 C  C5    . C   A 1 47 ? -6.599  23.068  -0.114  1.00 22.51 ? 48  C   A C5    1 
ATOM   1002 C  C6    . C   A 1 47 ? -5.573  23.790  -0.575  1.00 22.57 ? 48  C   A C6    1 
ATOM   1003 P  P     . C   A 1 48 ? -5.235  29.247  -2.292  1.00 24.43 ? 49  C   A P     1 
ATOM   1004 O  OP1   . C   A 1 48 ? -4.672  30.537  -2.749  1.00 28.31 ? 49  C   A OP1   1 
ATOM   1005 O  OP2   . C   A 1 48 ? -5.949  29.127  -0.997  1.00 27.62 ? 49  C   A OP2   1 
ATOM   1006 O  "O5'" . C   A 1 48 ? -6.226  28.739  -3.426  1.00 26.10 ? 49  C   A "O5'" 1 
ATOM   1007 C  "C5'" . C   A 1 48 ? -5.887  28.877  -4.798  1.00 24.22 ? 49  C   A "C5'" 1 
ATOM   1008 C  "C4'" . C   A 1 48 ? -6.938  28.257  -5.676  1.00 21.32 ? 49  C   A "C4'" 1 
ATOM   1009 O  "O4'" . C   A 1 48 ? -7.087  26.869  -5.331  1.00 25.03 ? 49  C   A "O4'" 1 
ATOM   1010 C  "C3'" . C   A 1 48 ? -8.341  28.828  -5.549  1.00 26.39 ? 49  C   A "C3'" 1 
ATOM   1011 O  "O3'" . C   A 1 48 ? -8.509  29.937  -6.411  1.00 28.42 ? 49  C   A "O3'" 1 
ATOM   1012 C  "C2'" . C   A 1 48 ? -9.241  27.669  -5.961  1.00 24.87 ? 49  C   A "C2'" 1 
ATOM   1013 O  "O2'" . C   A 1 48 ? -9.462  27.713  -7.362  1.00 24.43 ? 49  C   A "O2'" 1 
ATOM   1014 C  "C1'" . C   A 1 48 ? -8.393  26.439  -5.621  1.00 21.39 ? 49  C   A "C1'" 1 
ATOM   1015 N  N1    . C   A 1 48 ? -8.913  25.684  -4.467  1.00 20.55 ? 49  C   A N1    1 
ATOM   1016 C  C2    . C   A 1 48 ? -9.838  24.689  -4.750  1.00 22.39 ? 49  C   A C2    1 
ATOM   1017 O  O2    . C   A 1 48 ? -10.169 24.498  -5.934  1.00 22.17 ? 49  C   A O2    1 
ATOM   1018 N  N3    . C   A 1 48 ? -10.342 23.969  -3.724  1.00 21.90 ? 49  C   A N3    1 
ATOM   1019 C  C4    . C   A 1 48 ? -9.962  24.210  -2.470  1.00 20.79 ? 49  C   A C4    1 
ATOM   1020 N  N4    . C   A 1 48 ? -10.513 23.454  -1.510  1.00 24.54 ? 49  C   A N4    1 
ATOM   1021 C  C5    . C   A 1 48 ? -9.021  25.224  -2.151  1.00 22.03 ? 49  C   A C5    1 
ATOM   1022 C  C6    . C   A 1 48 ? -8.521  25.936  -3.179  1.00 20.84 ? 49  C   A C6    1 
HETATM 1023 P  PG    . GTP B 2 .  ? -16.462 17.044  1.356   1.00 57.04 ? 101 GTP A PG    1 
HETATM 1024 O  O1G   . GTP B 2 .  ? -17.634 17.344  2.271   1.00 48.48 ? 101 GTP A O1G   1 
HETATM 1025 O  O2G   . GTP B 2 .  ? -16.110 15.570  1.423   1.00 46.99 ? 101 GTP A O2G   1 
HETATM 1026 O  O3G   . GTP B 2 .  ? -15.250 17.865  1.752   1.00 47.36 ? 101 GTP A O3G   1 
HETATM 1027 O  O3B   . GTP B 2 .  ? -16.852 17.459  -0.152  1.00 37.59 ? 101 GTP A O3B   1 
HETATM 1028 P  PB    . GTP B 2 .  ? -18.024 16.658  -0.889  1.00 35.57 ? 101 GTP A PB    1 
HETATM 1029 O  O1B   . GTP B 2 .  ? -18.338 15.405  -0.094  1.00 35.88 ? 101 GTP A O1B   1 
HETATM 1030 O  O2B   . GTP B 2 .  ? -19.230 17.551  -1.101  1.00 29.27 ? 101 GTP A O2B   1 
HETATM 1031 O  O3A   . GTP B 2 .  ? -17.402 16.302  -2.317  1.00 37.20 ? 101 GTP A O3A   1 
HETATM 1032 P  PA    . GTP B 2 .  ? -16.525 15.006  -2.685  1.00 33.16 ? 101 GTP A PA    1 
HETATM 1033 O  O1A   . GTP B 2 .  ? -15.315 14.912  -1.799  1.00 30.21 ? 101 GTP A O1A   1 
HETATM 1034 O  O2A   . GTP B 2 .  ? -17.362 13.756  -2.774  1.00 30.16 ? 101 GTP A O2A   1 
HETATM 1035 O  "O5'" . GTP B 2 .  ? -16.126 15.460  -4.173  1.00 26.78 ? 101 GTP A "O5'" 1 
HETATM 1036 C  "C5'" . GTP B 2 .  ? -17.111 15.521  -5.176  1.00 25.91 ? 101 GTP A "C5'" 1 
HETATM 1037 C  "C4'" . GTP B 2 .  ? -16.625 16.442  -6.285  1.00 25.56 ? 101 GTP A "C4'" 1 
HETATM 1038 O  "O4'" . GTP B 2 .  ? -16.815 17.768  -5.838  1.00 24.25 ? 101 GTP A "O4'" 1 
HETATM 1039 C  "C3'" . GTP B 2 .  ? -15.127 16.341  -6.574  1.00 22.56 ? 101 GTP A "C3'" 1 
HETATM 1040 O  "O3'" . GTP B 2 .  ? -14.790 15.329  -7.504  1.00 24.15 ? 101 GTP A "O3'" 1 
HETATM 1041 C  "C2'" . GTP B 2 .  ? -14.853 17.723  -7.117  1.00 23.89 ? 101 GTP A "C2'" 1 
HETATM 1042 O  "O2'" . GTP B 2 .  ? -15.354 17.801  -8.432  1.00 22.38 ? 101 GTP A "O2'" 1 
HETATM 1043 C  "C1'" . GTP B 2 .  ? -15.760 18.594  -6.271  1.00 23.31 ? 101 GTP A "C1'" 1 
HETATM 1044 N  N9    . GTP B 2 .  ? -15.037 19.086  -5.092  1.00 21.40 ? 101 GTP A N9    1 
HETATM 1045 C  C8    . GTP B 2 .  ? -15.196 18.659  -3.798  1.00 23.65 ? 101 GTP A C8    1 
HETATM 1046 N  N7    . GTP B 2 .  ? -14.366 19.369  -3.001  1.00 23.05 ? 101 GTP A N7    1 
HETATM 1047 C  C5    . GTP B 2 .  ? -13.691 20.247  -3.772  1.00 23.44 ? 101 GTP A C5    1 
HETATM 1048 C  C6    . GTP B 2 .  ? -12.731 21.193  -3.462  1.00 24.28 ? 101 GTP A C6    1 
HETATM 1049 O  O6    . GTP B 2 .  ? -12.359 21.343  -2.291  1.00 24.05 ? 101 GTP A O6    1 
HETATM 1050 N  N1    . GTP B 2 .  ? -12.212 21.968  -4.476  1.00 23.75 ? 101 GTP A N1    1 
HETATM 1051 C  C2    . GTP B 2 .  ? -12.644 21.785  -5.776  1.00 23.00 ? 101 GTP A C2    1 
HETATM 1052 N  N2    . GTP B 2 .  ? -12.137 22.517  -6.755  1.00 21.68 ? 101 GTP A N2    1 
HETATM 1053 N  N3    . GTP B 2 .  ? -13.598 20.837  -6.077  1.00 21.50 ? 101 GTP A N3    1 
HETATM 1054 C  C4    . GTP B 2 .  ? -14.112 20.082  -5.083  1.00 20.88 ? 101 GTP A C4    1 
HETATM 1055 MG MG    . MG  C 3 .  ? 13.704  4.857   1.109   1.00 22.52 ? 102 MG  A MG    1 
HETATM 1056 MG MG    . MG  D 3 .  ? -7.397  12.700  -3.069  1.00 21.60 ? 103 MG  A MG    1 
HETATM 1057 MG MG    . MG  E 3 .  ? 13.395  -3.192  0.146   1.00 22.81 ? 104 MG  A MG    1 
HETATM 1058 MG MG    . MG  F 3 .  ? 3.930   5.660   5.882   1.00 22.17 ? 105 MG  A MG    1 
HETATM 1059 MG MG    . MG  G 3 .  ? -9.922  20.097  2.750   1.00 35.09 ? 106 MG  A MG    1 
HETATM 1060 C  C10   . J93 H 4 .  ? -4.363  4.906   -2.911  1.00 22.82 ? 107 J93 A C10   1 
HETATM 1061 C  C13   . J93 H 4 .  ? 0.161   5.181   -5.547  1.00 23.65 ? 107 J93 A C13   1 
HETATM 1062 C  C17   . J93 H 4 .  ? 0.574   5.779   -7.995  1.00 26.19 ? 107 J93 A C17   1 
HETATM 1063 C  C20   . J93 H 4 .  ? 0.199   6.434   -10.382 1.00 30.27 ? 107 J93 A C20   1 
HETATM 1064 C  C21   . J93 H 4 .  ? 2.542   6.002   -9.519  1.00 30.43 ? 107 J93 A C21   1 
HETATM 1065 C  C22   . J93 H 4 .  ? -0.164  7.919   -10.307 1.00 30.95 ? 107 J93 A C22   1 
HETATM 1066 C  C01   . J93 H 4 .  ? -2.538  4.328   0.413   1.00 25.17 ? 107 J93 A C01   1 
HETATM 1067 C  C02   . J93 H 4 .  ? -3.539  4.369   -0.544  1.00 23.98 ? 107 J93 A C02   1 
HETATM 1068 C  C03   . J93 H 4 .  ? -4.879  4.271   -0.192  1.00 24.79 ? 107 J93 A C03   1 
HETATM 1069 C  C04   . J93 H 4 .  ? -5.227  4.082   1.135   1.00 23.89 ? 107 J93 A C04   1 
HETATM 1070 C  C05   . J93 H 4 .  ? -4.222  4.021   2.093   1.00 22.34 ? 107 J93 A C05   1 
HETATM 1071 C  C06   . J93 H 4 .  ? -2.888  4.139   1.737   1.00 23.38 ? 107 J93 A C06   1 
HETATM 1072 C  C07   . J93 H 4 .  ? -4.577  3.816   3.559   1.00 25.39 ? 107 J93 A C07   1 
HETATM 1073 C  C08   . J93 H 4 .  ? -3.192  4.604   -1.999  1.00 23.10 ? 107 J93 A C08   1 
HETATM 1074 C  C09   . J93 H 4 .  ? -1.942  4.551   -2.408  1.00 25.10 ? 107 J93 A C09   1 
HETATM 1075 C  C11   . J93 H 4 .  ? -1.456  4.835   -3.823  1.00 24.92 ? 107 J93 A C11   1 
HETATM 1076 C  C12   . J93 H 4 .  ? -0.094  4.850   -4.182  1.00 24.52 ? 107 J93 A C12   1 
HETATM 1077 C  C14   . J93 H 4 .  ? -1.015  5.450   -6.281  1.00 24.88 ? 107 J93 A C14   1 
HETATM 1078 C  C18   . J93 H 4 .  ? -0.784  5.778   -7.645  1.00 24.88 ? 107 J93 A C18   1 
HETATM 1079 N  N19   . J93 H 4 .  ? 1.101   6.071   -9.302  1.00 26.58 ? 107 J93 A N19   1 
HETATM 1080 N  N24   . J93 H 4 .  ? -5.236  5.118   -3.581  1.00 26.25 ? 107 J93 A N24   1 
HETATM 1081 N  N25   . J93 H 4 .  ? -4.837  3.666   4.653   1.00 26.91 ? 107 J93 A N25   1 
HETATM 1082 O  O23   . J93 H 4 .  ? 1.005   8.691   -10.381 1.00 41.95 ? 107 J93 A O23   1 
HETATM 1083 S  S15   . J93 H 4 .  ? -2.330  5.261   -5.232  1.00 24.36 ? 107 J93 A S15   1 
HETATM 1084 S  S16   . J93 H 4 .  ? 1.469   5.364   -6.611  1.00 26.16 ? 107 J93 A S16   1 
HETATM 1085 O  O     . HOH I 5 .  ? -9.066  29.440  -8.326  1.00 27.45 ? 201 HOH A O     1 
HETATM 1086 O  O     . HOH I 5 .  ? 1.494   -25.769 5.835   1.00 51.94 ? 202 HOH A O     1 
HETATM 1087 O  O     . HOH I 5 .  ? -13.822 10.208  -0.281  1.00 45.62 ? 203 HOH A O     1 
HETATM 1088 O  O     . HOH I 5 .  ? 12.305  -17.948 -3.765  1.00 53.71 ? 204 HOH A O     1 
HETATM 1089 O  O     . HOH I 5 .  ? 5.850   12.729  -4.436  1.00 35.96 ? 205 HOH A O     1 
HETATM 1090 O  O     . HOH I 5 .  ? 14.071  8.738   -0.451  1.00 31.19 ? 206 HOH A O     1 
HETATM 1091 O  O     . HOH I 5 .  ? -10.117 -10.252 -9.648  1.00 41.41 ? 207 HOH A O     1 
HETATM 1092 O  O     . HOH I 5 .  ? -19.430 18.457  3.415   1.00 34.44 ? 208 HOH A O     1 
HETATM 1093 O  O     . HOH I 5 .  ? 3.118   1.173   3.625   1.00 26.43 ? 209 HOH A O     1 
HETATM 1094 O  O     . HOH I 5 .  ? -10.842 -8.685  -0.610  0.50 38.63 ? 210 HOH A O     1 
HETATM 1095 O  O     . HOH I 5 .  ? -2.744  -11.497 -3.850  1.00 42.15 ? 211 HOH A O     1 
HETATM 1096 O  O     . HOH I 5 .  ? -13.772 16.753  -1.252  1.00 33.57 ? 212 HOH A O     1 
HETATM 1097 O  O     . HOH I 5 .  ? 1.372   -12.513 -1.099  1.00 38.60 ? 213 HOH A O     1 
HETATM 1098 O  O     . HOH I 5 .  ? 2.598   5.735   12.325  1.00 27.10 ? 214 HOH A O     1 
HETATM 1099 O  O     . HOH I 5 .  ? 2.995   -6.661  -0.342  1.00 31.62 ? 215 HOH A O     1 
HETATM 1100 O  O     . HOH I 5 .  ? -20.519 18.839  0.629   1.00 27.27 ? 216 HOH A O     1 
HETATM 1101 O  O     . HOH I 5 .  ? 9.411   -3.893  0.051   1.00 23.34 ? 217 HOH A O     1 
HETATM 1102 O  O     . HOH I 5 .  ? -9.368  17.981  -13.062 1.00 22.44 ? 218 HOH A O     1 
HETATM 1103 O  O     . HOH I 5 .  ? -14.533 18.846  -0.473  1.00 32.11 ? 219 HOH A O     1 
HETATM 1104 O  O     . HOH I 5 .  ? 6.933   1.475   -9.490  1.00 31.30 ? 220 HOH A O     1 
HETATM 1105 O  O     . HOH I 5 .  ? 11.862  -6.707  7.379   1.00 25.50 ? 221 HOH A O     1 
HETATM 1106 O  O     . HOH I 5 .  ? -5.797  13.068  -11.418 1.00 26.88 ? 222 HOH A O     1 
HETATM 1107 O  O     . HOH I 5 .  ? 6.996   -8.506  4.352   1.00 34.88 ? 223 HOH A O     1 
HETATM 1108 O  O     . HOH I 5 .  ? 12.191  -2.509  -1.466  1.00 21.75 ? 224 HOH A O     1 
HETATM 1109 O  O     . HOH I 5 .  ? 15.113  4.511   2.645   1.00 20.08 ? 225 HOH A O     1 
HETATM 1110 O  O     . HOH I 5 .  ? 9.755   1.258   3.411   1.00 24.78 ? 226 HOH A O     1 
HETATM 1111 O  O     . HOH I 5 .  ? 5.080   -1.139  -8.075  1.00 25.04 ? 227 HOH A O     1 
HETATM 1112 O  O     . HOH I 5 .  ? 19.049  4.041   3.229   1.00 21.72 ? 228 HOH A O     1 
HETATM 1113 O  O     . HOH I 5 .  ? -8.032  20.053  6.220   1.00 28.38 ? 229 HOH A O     1 
HETATM 1114 O  O     . HOH I 5 .  ? 11.365  -19.144 -0.503  1.00 55.44 ? 230 HOH A O     1 
HETATM 1115 O  O     . HOH I 5 .  ? 12.143  5.162   -0.330  1.00 20.07 ? 231 HOH A O     1 
HETATM 1116 O  O     . HOH I 5 .  ? 8.522   4.918   4.567   1.00 29.74 ? 232 HOH A O     1 
HETATM 1117 O  O     . HOH I 5 .  ? 12.985  -5.961  -2.976  1.00 23.84 ? 233 HOH A O     1 
HETATM 1118 O  O     . HOH I 5 .  ? -3.957  22.513  -5.878  1.00 8.51  ? 234 HOH A O     1 
HETATM 1119 O  O     . HOH I 5 .  ? 20.920  -4.293  3.727   1.00 28.07 ? 235 HOH A O     1 
HETATM 1120 O  O     . HOH I 5 .  ? -10.126 13.885  -6.395  1.00 26.69 ? 236 HOH A O     1 
HETATM 1121 O  O     . HOH I 5 .  ? -10.960 18.347  -1.230  1.00 29.12 ? 237 HOH A O     1 
HETATM 1122 O  O     . HOH I 5 .  ? -2.224  1.006   -14.443 1.00 39.02 ? 238 HOH A O     1 
HETATM 1123 O  O     . HOH I 5 .  ? -10.748 10.483  -6.401  1.00 33.37 ? 239 HOH A O     1 
HETATM 1124 O  O     . HOH I 5 .  ? 0.578   1.431   -2.172  1.00 23.03 ? 240 HOH A O     1 
HETATM 1125 O  O     . HOH I 5 .  ? 13.622  0.140   2.982   1.00 19.48 ? 241 HOH A O     1 
HETATM 1126 O  O     . HOH I 5 .  ? -0.026  -5.409  -2.324  1.00 17.91 ? 242 HOH A O     1 
HETATM 1127 O  O     . HOH I 5 .  ? 9.351   0.090   -7.408  1.00 12.56 ? 243 HOH A O     1 
HETATM 1128 O  O     . HOH I 5 .  ? -10.690 11.039  1.163   1.00 37.16 ? 244 HOH A O     1 
HETATM 1129 O  O     . HOH I 5 .  ? 11.019  -14.581 -2.190  1.00 42.92 ? 245 HOH A O     1 
HETATM 1130 O  O     . HOH I 5 .  ? 1.203   4.003   11.526  1.00 19.05 ? 246 HOH A O     1 
HETATM 1131 O  O     . HOH I 5 .  ? 9.383   -0.549  -11.509 1.00 30.85 ? 247 HOH A O     1 
HETATM 1132 O  O     . HOH I 5 .  ? 6.989   11.314  4.338   1.00 32.25 ? 248 HOH A O     1 
HETATM 1133 O  O     . HOH I 5 .  ? 4.865   5.082   10.136  1.00 31.76 ? 249 HOH A O     1 
HETATM 1134 O  O     . HOH I 5 .  ? 2.564   14.019  3.807   1.00 32.86 ? 250 HOH A O     1 
HETATM 1135 O  O     . HOH I 5 .  ? 9.965   -6.691  -10.545 1.00 34.71 ? 251 HOH A O     1 
HETATM 1136 O  O     . HOH I 5 .  ? -4.699  9.788   9.912   1.00 33.04 ? 252 HOH A O     1 
HETATM 1137 O  O     . HOH I 5 .  ? -17.997 19.898  1.441   1.00 34.78 ? 253 HOH A O     1 
HETATM 1138 O  O     . HOH I 5 .  ? 12.912  -6.579  3.798   1.00 24.69 ? 254 HOH A O     1 
HETATM 1139 O  O     . HOH I 5 .  ? -5.763  -8.403  -3.182  1.00 37.52 ? 255 HOH A O     1 
HETATM 1140 O  O     . HOH I 5 .  ? 2.055   -13.076 1.869   1.00 37.96 ? 256 HOH A O     1 
HETATM 1141 O  O     . HOH I 5 .  ? 1.985   2.745   8.248   1.00 22.47 ? 257 HOH A O     1 
HETATM 1142 O  O     . HOH I 5 .  ? 0.670   -5.156  -13.136 1.00 36.11 ? 258 HOH A O     1 
HETATM 1143 O  O     . HOH I 5 .  ? 6.917   -3.980  4.338   1.00 25.83 ? 259 HOH A O     1 
HETATM 1144 O  O     . HOH I 5 .  ? 7.511   7.787   2.410   1.00 28.38 ? 260 HOH A O     1 
HETATM 1145 O  O     . HOH I 5 .  ? -7.953  12.975  1.111   1.00 22.70 ? 261 HOH A O     1 
HETATM 1146 O  O     . HOH I 5 .  ? 2.336   9.513   -8.144  1.00 31.93 ? 262 HOH A O     1 
HETATM 1147 O  O     . HOH I 5 .  ? -7.353  14.007  -1.576  1.00 24.74 ? 263 HOH A O     1 
HETATM 1148 O  O     . HOH I 5 .  ? -12.464 16.200  -4.063  1.00 29.76 ? 264 HOH A O     1 
HETATM 1149 O  O     . HOH I 5 .  ? -11.003 25.434  -8.362  1.00 28.79 ? 265 HOH A O     1 
HETATM 1150 O  O     . HOH I 5 .  ? 14.787  -1.578  -0.208  1.00 18.10 ? 266 HOH A O     1 
HETATM 1151 O  O     . HOH I 5 .  ? -8.246  -1.110  -5.599  1.00 32.34 ? 267 HOH A O     1 
HETATM 1152 O  O     . HOH I 5 .  ? -9.371  19.070  1.033   1.00 29.81 ? 268 HOH A O     1 
HETATM 1153 O  O     . HOH I 5 .  ? 9.959   -1.198  0.431   1.00 21.56 ? 269 HOH A O     1 
HETATM 1154 O  O     . HOH I 5 .  ? -18.769 12.248  -4.578  1.00 44.58 ? 270 HOH A O     1 
HETATM 1155 O  O     . HOH I 5 .  ? -6.301  10.615  0.243   1.00 22.41 ? 271 HOH A O     1 
HETATM 1156 O  O     . HOH I 5 .  ? -8.556  7.058   -7.361  1.00 30.52 ? 272 HOH A O     1 
HETATM 1157 O  O     . HOH I 5 .  ? 12.116  4.493   2.516   1.00 20.41 ? 273 HOH A O     1 
HETATM 1158 O  O     . HOH I 5 .  ? 11.979  -4.645  0.509   1.00 19.99 ? 274 HOH A O     1 
HETATM 1159 O  O     . HOH I 5 .  ? 4.284   4.004   6.978   1.00 24.40 ? 275 HOH A O     1 
HETATM 1160 O  O     . HOH I 5 .  ? -6.386  13.954  -6.881  1.00 24.08 ? 276 HOH A O     1 
HETATM 1161 O  O     . HOH I 5 .  ? 14.458  -4.282  -1.269  1.00 21.22 ? 277 HOH A O     1 
HETATM 1162 O  O     . HOH I 5 .  ? -11.548 -3.444  -2.896  1.00 35.55 ? 278 HOH A O     1 
HETATM 1163 O  O     . HOH I 5 .  ? 4.400   -3.216  -15.057 1.00 36.93 ? 279 HOH A O     1 
HETATM 1164 O  O     . HOH I 5 .  ? 5.481   6.522   7.230   1.00 25.48 ? 280 HOH A O     1 
HETATM 1165 O  O     . HOH I 5 .  ? -3.287  13.259  -5.181  1.00 24.64 ? 281 HOH A O     1 
HETATM 1166 O  O     . HOH I 5 .  ? -4.035  -1.801  -10.250 1.00 31.68 ? 282 HOH A O     1 
HETATM 1167 O  O     . HOH I 5 .  ? -2.897  -5.699  -1.913  1.00 31.61 ? 283 HOH A O     1 
HETATM 1168 O  O     . HOH I 5 .  ? 8.792   6.701   -6.289  1.00 28.49 ? 284 HOH A O     1 
HETATM 1169 O  O     . HOH I 5 .  ? 4.041   13.121  -7.867  1.00 32.21 ? 285 HOH A O     1 
HETATM 1170 O  O     . HOH I 5 .  ? -2.078  11.109  9.740   1.00 25.90 ? 286 HOH A O     1 
HETATM 1171 O  O     . HOH I 5 .  ? 9.856   -5.534  3.568   1.00 28.60 ? 287 HOH A O     1 
HETATM 1172 O  O     . HOH I 5 .  ? -2.545  -4.268  1.916   1.00 25.33 ? 288 HOH A O     1 
HETATM 1173 O  O     . HOH I 5 .  ? 0.099   17.360  3.962   1.00 30.26 ? 289 HOH A O     1 
HETATM 1174 O  O     . HOH I 5 .  ? 5.471   5.184   4.548   1.00 20.09 ? 290 HOH A O     1 
HETATM 1175 O  O     . HOH I 5 .  ? -3.666  11.401  -8.392  1.00 30.91 ? 291 HOH A O     1 
HETATM 1176 O  O     . HOH I 5 .  ? -5.755  11.646  -2.154  1.00 21.24 ? 292 HOH A O     1 
HETATM 1177 O  O     . HOH I 5 .  ? -1.738  20.830  -6.093  1.00 22.33 ? 293 HOH A O     1 
HETATM 1178 O  O     . HOH I 5 .  ? 0.004   -7.192  -11.510 1.00 33.25 ? 294 HOH A O     1 
HETATM 1179 O  O     . HOH I 5 .  ? -10.212 -6.122  -9.715  0.50 36.01 ? 295 HOH A O     1 
HETATM 1180 O  O     . HOH I 5 .  ? 4.675   2.808   -7.936  1.00 26.61 ? 296 HOH A O     1 
HETATM 1181 O  O     . HOH I 5 .  ? 5.990   10.168  -3.170  1.00 30.07 ? 297 HOH A O     1 
HETATM 1182 O  O     . HOH I 5 .  ? 2.155   -0.631  -1.435  1.00 23.47 ? 298 HOH A O     1 
HETATM 1183 O  O     . HOH I 5 .  ? 0.465   0.545   0.984   1.00 19.22 ? 299 HOH A O     1 
HETATM 1184 O  O     . HOH I 5 .  ? 9.675   3.428   -3.203  1.00 22.80 ? 300 HOH A O     1 
HETATM 1185 O  O     . HOH I 5 .  ? -8.240  19.428  3.339   1.00 29.44 ? 301 HOH A O     1 
HETATM 1186 O  O     . HOH I 5 .  ? 11.131  1.605   0.521   1.00 18.87 ? 302 HOH A O     1 
HETATM 1187 O  O     . HOH I 5 .  ? 8.635   3.196   -6.705  1.00 25.18 ? 303 HOH A O     1 
HETATM 1188 O  O     . HOH I 5 .  ? 1.812   -3.306  -2.604  1.00 28.34 ? 304 HOH A O     1 
HETATM 1189 O  O     . HOH I 5 .  ? -5.925  13.853  -4.124  1.00 24.14 ? 305 HOH A O     1 
HETATM 1190 O  O     . HOH I 5 .  ? 3.696   11.632  -4.944  1.00 30.46 ? 306 HOH A O     1 
HETATM 1191 O  O     . HOH I 5 .  ? -9.714  16.936  5.559   1.00 28.22 ? 307 HOH A O     1 
HETATM 1192 O  O     . HOH I 5 .  ? 14.746  -5.428  -5.018  1.00 29.08 ? 308 HOH A O     1 
HETATM 1193 O  O     . HOH I 5 .  ? 2.698   2.040   -9.430  1.00 29.13 ? 309 HOH A O     1 
HETATM 1194 O  O     . HOH I 5 .  ? -11.329 12.048  -9.366  1.00 38.12 ? 310 HOH A O     1 
HETATM 1195 O  O     . HOH I 5 .  ? -3.110  13.617  -11.749 1.00 23.23 ? 311 HOH A O     1 
HETATM 1196 O  O     . HOH I 5 .  ? 15.355  -11.591 0.553   1.00 32.07 ? 312 HOH A O     1 
HETATM 1197 O  O     . HOH I 5 .  ? -0.475  -3.893  -0.076  1.00 33.58 ? 313 HOH A O     1 
HETATM 1198 O  O     . HOH I 5 .  ? -5.394  16.400  12.055  1.00 30.36 ? 314 HOH A O     1 
HETATM 1199 O  O     . HOH I 5 .  ? -0.720  16.558  -11.122 1.00 20.77 ? 315 HOH A O     1 
HETATM 1200 O  O     . HOH I 5 .  ? -4.877  -6.138  -0.056  1.00 34.94 ? 316 HOH A O     1 
HETATM 1201 O  O     . HOH I 5 .  ? 13.586  2.853   0.722   1.00 22.20 ? 317 HOH A O     1 
HETATM 1202 O  O     . HOH I 5 .  ? -12.359 -5.958  -2.194  1.00 34.63 ? 318 HOH A O     1 
HETATM 1203 O  O     . HOH I 5 .  ? 4.603   -9.384  5.117   1.00 36.49 ? 319 HOH A O     1 
HETATM 1204 O  O     . HOH I 5 .  ? -20.169 12.893  -2.502  1.00 44.30 ? 320 HOH A O     1 
HETATM 1205 O  O     . HOH I 5 .  ? 21.783  -4.153  -3.252  1.00 35.92 ? 321 HOH A O     1 
HETATM 1206 O  O     . HOH I 5 .  ? -8.755  11.767  -1.885  1.00 21.70 ? 322 HOH A O     1 
HETATM 1207 O  O     . HOH I 5 .  ? 2.602   -11.904 4.037   1.00 40.31 ? 323 HOH A O     1 
HETATM 1208 O  O     . HOH I 5 .  ? -3.254  -8.444  -2.324  1.00 37.19 ? 324 HOH A O     1 
HETATM 1209 O  O     . HOH I 5 .  ? -16.354 15.646  -10.220 1.00 29.06 ? 325 HOH A O     1 
HETATM 1210 O  O     . HOH I 5 .  ? -7.306  23.144  4.023   1.00 30.86 ? 326 HOH A O     1 
HETATM 1211 O  O     . HOH I 5 .  ? -9.777  16.130  2.293   1.00 30.16 ? 327 HOH A O     1 
HETATM 1212 O  O     . HOH I 5 .  ? 12.319  -1.815  1.524   1.00 18.40 ? 328 HOH A O     1 
HETATM 1213 O  O     . HOH I 5 .  ? 0.947   -2.178  1.294   1.00 34.64 ? 329 HOH A O     1 
HETATM 1214 O  O     . HOH I 5 .  ? -9.840  13.216  3.101   1.00 31.52 ? 330 HOH A O     1 
HETATM 1215 O  O     . HOH I 5 .  ? 13.620  6.918   1.699   1.00 24.32 ? 331 HOH A O     1 
HETATM 1216 O  O     . HOH I 5 .  ? -8.911  13.872  -3.897  1.00 20.45 ? 332 HOH A O     1 
HETATM 1217 O  O     . HOH I 5 .  ? 0.975   21.367  -4.801  1.00 34.86 ? 333 HOH A O     1 
HETATM 1218 O  O     . HOH I 5 .  ? 2.741   20.415  -5.509  1.00 35.59 ? 334 HOH A O     1 
HETATM 1219 O  O     . HOH I 5 .  ? -10.365 15.508  -2.630  1.00 30.44 ? 335 HOH A O     1 
HETATM 1220 O  O     . HOH I 5 .  ? 0.772   14.892  6.151   1.00 38.09 ? 336 HOH A O     1 
HETATM 1221 O  O     . HOH I 5 .  ? 11.941  -3.800  3.419   1.00 8.33  ? 337 HOH A O     1 
HETATM 1222 O  O     . HOH I 5 .  ? -10.891 21.534  -11.305 1.00 34.00 ? 338 HOH A O     1 
HETATM 1223 O  O     . HOH I 5 .  ? 11.775  -16.764 -1.585  1.00 45.54 ? 339 HOH A O     1 
HETATM 1224 O  O     . HOH I 5 .  ? 5.049   1.810   5.018   1.00 28.47 ? 340 HOH A O     1 
HETATM 1225 O  O     . HOH I 5 .  ? -6.728  -1.424  -8.531  1.00 31.05 ? 341 HOH A O     1 
HETATM 1226 O  O     . HOH I 5 .  ? 3.036   -8.574  -11.588 1.00 34.33 ? 342 HOH A O     1 
HETATM 1227 O  O     . HOH I 5 .  ? 10.136  -2.093  4.275   1.00 26.83 ? 343 HOH A O     1 
HETATM 1228 O  O     . HOH I 5 .  ? -10.069 31.021  -3.441  1.00 33.76 ? 344 HOH A O     1 
HETATM 1229 O  O     . HOH I 5 .  ? 2.905   15.992  -9.255  1.00 33.36 ? 345 HOH A O     1 
HETATM 1230 O  O     . HOH I 5 .  ? 12.506  -15.322 0.702   1.00 38.87 ? 346 HOH A O     1 
HETATM 1231 O  O     . HOH I 5 .  ? 0.184   -7.528  -0.740  1.00 36.59 ? 347 HOH A O     1 
HETATM 1232 O  O     . HOH I 5 .  ? 5.380   13.534  5.018   1.00 31.17 ? 348 HOH A O     1 
HETATM 1233 O  O     . HOH I 5 .  ? 5.001   10.305  10.974  1.00 30.69 ? 349 HOH A O     1 
HETATM 1234 O  O     . HOH I 5 .  ? 12.420  6.889   4.258   1.00 33.85 ? 350 HOH A O     1 
HETATM 1235 O  O     . HOH I 5 .  ? -10.741 18.290  3.381   1.00 31.43 ? 351 HOH A O     1 
# 
loop_
_pdbx_poly_seq_scheme.asym_id 
_pdbx_poly_seq_scheme.entity_id 
_pdbx_poly_seq_scheme.seq_id 
_pdbx_poly_seq_scheme.mon_id 
_pdbx_poly_seq_scheme.ndb_seq_num 
_pdbx_poly_seq_scheme.pdb_seq_num 
_pdbx_poly_seq_scheme.auth_seq_num 
_pdbx_poly_seq_scheme.pdb_mon_id 
_pdbx_poly_seq_scheme.auth_mon_id 
_pdbx_poly_seq_scheme.pdb_strand_id 
_pdbx_poly_seq_scheme.pdb_ins_code 
_pdbx_poly_seq_scheme.hetero 
A 1 1  G 1  2  2  G G A . n 
A 1 2  C 2  3  3  C C A . n 
A 1 3  G 3  4  4  G G A . n 
A 1 4  C 4  5  5  C C A . n 
A 1 5  A 5  6  6  A A A . n 
A 1 6  C 6  7  7  C C A . n 
A 1 7  U 7  8  8  U U A . n 
A 1 8  G 8  9  9  G G A . n 
A 1 9  G 9  10 10 G G A . n 
A 1 10 C 10 11 11 C C A . n 
A 1 11 G 11 12 12 G G A . n 
A 1 12 C 12 13 13 C C A . n 
A 1 13 U 13 14 14 U U A . n 
A 1 14 G 14 15 15 G G A . n 
A 1 15 C 15 16 16 C C A . n 
A 1 16 G 16 17 17 G G A . n 
A 1 17 C 17 18 18 C C A . n 
A 1 18 C 18 19 19 C C A . n 
A 1 19 U 19 20 20 U U A . n 
A 1 20 U 20 21 21 U U A . n 
A 1 21 C 21 22 22 C C A . n 
A 1 22 G 22 23 23 G G A . n 
A 1 23 G 23 24 24 G G A . n 
A 1 24 G 24 25 25 G G A . n 
A 1 25 C 25 26 26 C C A . n 
A 1 26 G 26 27 27 G G A . n 
A 1 27 C 27 28 28 C C A . n 
A 1 28 C 28 29 29 C C A . n 
A 1 29 A 29 30 30 A A A . n 
A 1 30 A 30 31 31 A A A . n 
A 1 31 U 31 32 32 U U A . n 
A 1 32 C 32 33 33 C C A . n 
A 1 33 G 33 34 34 G G A . n 
A 1 34 U 34 35 35 U U A . n 
A 1 35 A 35 36 36 A A A . n 
A 1 36 G 36 37 37 G G A . n 
A 1 37 C 37 38 38 C C A . n 
A 1 38 G 38 39 39 G G A . n 
A 1 39 U 39 40 40 U U A . n 
A 1 40 G 40 41 41 G G A . n 
A 1 41 U 41 42 42 U U A . n 
A 1 42 C 42 43 43 C C A . n 
A 1 43 G 43 44 44 G G A . n 
A 1 44 G 44 45 45 G G A . n 
A 1 45 C 45 46 46 C C A . n 
A 1 46 G 46 47 47 G G A . n 
A 1 47 C 47 48 48 C C A . n 
A 1 48 C 48 49 49 C C A . n 
# 
loop_
_pdbx_nonpoly_scheme.asym_id 
_pdbx_nonpoly_scheme.entity_id 
_pdbx_nonpoly_scheme.mon_id 
_pdbx_nonpoly_scheme.ndb_seq_num 
_pdbx_nonpoly_scheme.pdb_seq_num 
_pdbx_nonpoly_scheme.auth_seq_num 
_pdbx_nonpoly_scheme.pdb_mon_id 
_pdbx_nonpoly_scheme.auth_mon_id 
_pdbx_nonpoly_scheme.pdb_strand_id 
_pdbx_nonpoly_scheme.pdb_ins_code 
B 2 GTP 1   101 1   GTP GTP A . 
C 3 MG  1   102 1   MG  MG  A . 
D 3 MG  1   103 2   MG  MG  A . 
E 3 MG  1   104 3   MG  MG  A . 
F 3 MG  1   105 4   MG  MG  A . 
G 3 MG  1   106 5   MG  MG  A . 
H 4 J93 1   107 1   J93 LIG A . 
I 5 HOH 1   201 51  HOH HOH A . 
I 5 HOH 2   202 74  HOH HOH A . 
I 5 HOH 3   203 56  HOH HOH A . 
I 5 HOH 4   204 122 HOH HOH A . 
I 5 HOH 5   205 110 HOH HOH A . 
I 5 HOH 6   206 91  HOH HOH A . 
I 5 HOH 7   207 73  HOH HOH A . 
I 5 HOH 8   208 101 HOH HOH A . 
I 5 HOH 9   209 136 HOH HOH A . 
I 5 HOH 10  210 114 HOH HOH A . 
I 5 HOH 11  211 33  HOH HOH A . 
I 5 HOH 12  212 140 HOH HOH A . 
I 5 HOH 13  213 144 HOH HOH A . 
I 5 HOH 14  214 65  HOH HOH A . 
I 5 HOH 15  215 85  HOH HOH A . 
I 5 HOH 16  216 104 HOH HOH A . 
I 5 HOH 17  217 22  HOH HOH A . 
I 5 HOH 18  218 38  HOH HOH A . 
I 5 HOH 19  219 141 HOH HOH A . 
I 5 HOH 20  220 24  HOH HOH A . 
I 5 HOH 21  221 80  HOH HOH A . 
I 5 HOH 22  222 39  HOH HOH A . 
I 5 HOH 23  223 88  HOH HOH A . 
I 5 HOH 24  224 7   HOH HOH A . 
I 5 HOH 25  225 13  HOH HOH A . 
I 5 HOH 26  226 17  HOH HOH A . 
I 5 HOH 27  227 67  HOH HOH A . 
I 5 HOH 28  228 37  HOH HOH A . 
I 5 HOH 29  229 102 HOH HOH A . 
I 5 HOH 30  230 76  HOH HOH A . 
I 5 HOH 31  231 12  HOH HOH A . 
I 5 HOH 32  232 96  HOH HOH A . 
I 5 HOH 33  233 89  HOH HOH A . 
I 5 HOH 34  234 123 HOH HOH A . 
I 5 HOH 35  235 54  HOH HOH A . 
I 5 HOH 36  236 43  HOH HOH A . 
I 5 HOH 37  237 61  HOH HOH A . 
I 5 HOH 38  238 121 HOH HOH A . 
I 5 HOH 39  239 127 HOH HOH A . 
I 5 HOH 40  240 29  HOH HOH A . 
I 5 HOH 41  241 21  HOH HOH A . 
I 5 HOH 42  242 34  HOH HOH A . 
I 5 HOH 43  243 28  HOH HOH A . 
I 5 HOH 44  244 55  HOH HOH A . 
I 5 HOH 45  245 77  HOH HOH A . 
I 5 HOH 46  246 113 HOH HOH A . 
I 5 HOH 47  247 151 HOH HOH A . 
I 5 HOH 48  248 128 HOH HOH A . 
I 5 HOH 49  249 64  HOH HOH A . 
I 5 HOH 50  250 129 HOH HOH A . 
I 5 HOH 51  251 126 HOH HOH A . 
I 5 HOH 52  252 94  HOH HOH A . 
I 5 HOH 53  253 107 HOH HOH A . 
I 5 HOH 54  254 79  HOH HOH A . 
I 5 HOH 55  255 143 HOH HOH A . 
I 5 HOH 56  256 71  HOH HOH A . 
I 5 HOH 57  257 66  HOH HOH A . 
I 5 HOH 58  258 118 HOH HOH A . 
I 5 HOH 59  259 32  HOH HOH A . 
I 5 HOH 60  260 98  HOH HOH A . 
I 5 HOH 61  261 49  HOH HOH A . 
I 5 HOH 62  262 150 HOH HOH A . 
I 5 HOH 63  263 48  HOH HOH A . 
I 5 HOH 64  264 59  HOH HOH A . 
I 5 HOH 65  265 52  HOH HOH A . 
I 5 HOH 66  266 10  HOH HOH A . 
I 5 HOH 67  267 31  HOH HOH A . 
I 5 HOH 68  268 105 HOH HOH A . 
I 5 HOH 69  269 8   HOH HOH A . 
I 5 HOH 70  270 108 HOH HOH A . 
I 5 HOH 71  271 50  HOH HOH A . 
I 5 HOH 72  272 99  HOH HOH A . 
I 5 HOH 73  273 16  HOH HOH A . 
I 5 HOH 74  274 11  HOH HOH A . 
I 5 HOH 75  275 2   HOH HOH A . 
I 5 HOH 76  276 45  HOH HOH A . 
I 5 HOH 77  277 9   HOH HOH A . 
I 5 HOH 78  278 115 HOH HOH A . 
I 5 HOH 79  279 125 HOH HOH A . 
I 5 HOH 80  280 4   HOH HOH A . 
I 5 HOH 81  281 47  HOH HOH A . 
I 5 HOH 82  282 120 HOH HOH A . 
I 5 HOH 83  283 35  HOH HOH A . 
I 5 HOH 84  284 26  HOH HOH A . 
I 5 HOH 85  285 97  HOH HOH A . 
I 5 HOH 86  286 93  HOH HOH A . 
I 5 HOH 87  287 82  HOH HOH A . 
I 5 HOH 88  288 68  HOH HOH A . 
I 5 HOH 89  289 58  HOH HOH A . 
I 5 HOH 90  290 3   HOH HOH A . 
I 5 HOH 91  291 109 HOH HOH A . 
I 5 HOH 92  292 44  HOH HOH A . 
I 5 HOH 93  293 81  HOH HOH A . 
I 5 HOH 94  294 116 HOH HOH A . 
I 5 HOH 95  295 6   HOH HOH A . 
I 5 HOH 96  296 70  HOH HOH A . 
I 5 HOH 97  297 63  HOH HOH A . 
I 5 HOH 98  298 1   HOH HOH A . 
I 5 HOH 99  299 30  HOH HOH A . 
I 5 HOH 100 300 27  HOH HOH A . 
I 5 HOH 101 301 103 HOH HOH A . 
I 5 HOH 102 302 19  HOH HOH A . 
I 5 HOH 103 303 25  HOH HOH A . 
I 5 HOH 104 304 5   HOH HOH A . 
I 5 HOH 105 305 46  HOH HOH A . 
I 5 HOH 106 306 62  HOH HOH A . 
I 5 HOH 107 307 57  HOH HOH A . 
I 5 HOH 108 308 90  HOH HOH A . 
I 5 HOH 109 309 69  HOH HOH A . 
I 5 HOH 110 310 60  HOH HOH A . 
I 5 HOH 111 311 40  HOH HOH A . 
I 5 HOH 112 312 84  HOH HOH A . 
I 5 HOH 113 313 138 HOH HOH A . 
I 5 HOH 114 314 148 HOH HOH A . 
I 5 HOH 115 315 18  HOH HOH A . 
I 5 HOH 116 316 142 HOH HOH A . 
I 5 HOH 117 317 14  HOH HOH A . 
I 5 HOH 118 318 87  HOH HOH A . 
I 5 HOH 119 319 145 HOH HOH A . 
I 5 HOH 120 320 131 HOH HOH A . 
I 5 HOH 121 321 147 HOH HOH A . 
I 5 HOH 122 322 42  HOH HOH A . 
I 5 HOH 123 323 72  HOH HOH A . 
I 5 HOH 124 324 86  HOH HOH A . 
I 5 HOH 125 325 149 HOH HOH A . 
I 5 HOH 126 326 100 HOH HOH A . 
I 5 HOH 127 327 133 HOH HOH A . 
I 5 HOH 128 328 23  HOH HOH A . 
I 5 HOH 129 329 139 HOH HOH A . 
I 5 HOH 130 330 134 HOH HOH A . 
I 5 HOH 131 331 15  HOH HOH A . 
I 5 HOH 132 332 41  HOH HOH A . 
I 5 HOH 133 333 146 HOH HOH A . 
I 5 HOH 134 334 20  HOH HOH A . 
I 5 HOH 135 335 132 HOH HOH A . 
I 5 HOH 136 336 111 HOH HOH A . 
I 5 HOH 137 337 124 HOH HOH A . 
I 5 HOH 138 338 53  HOH HOH A . 
I 5 HOH 139 339 78  HOH HOH A . 
I 5 HOH 140 340 137 HOH HOH A . 
I 5 HOH 141 341 119 HOH HOH A . 
I 5 HOH 142 342 117 HOH HOH A . 
I 5 HOH 143 343 83  HOH HOH A . 
I 5 HOH 144 344 135 HOH HOH A . 
I 5 HOH 145 345 95  HOH HOH A . 
I 5 HOH 146 346 75  HOH HOH A . 
I 5 HOH 147 347 36  HOH HOH A . 
I 5 HOH 148 348 112 HOH HOH A . 
I 5 HOH 149 349 92  HOH HOH A . 
I 5 HOH 150 350 130 HOH HOH A . 
I 5 HOH 151 351 106 HOH HOH A . 
# 
_pdbx_struct_assembly.id                   1 
_pdbx_struct_assembly.details              author_and_software_defined_assembly 
_pdbx_struct_assembly.method_details       PISA 
_pdbx_struct_assembly.oligomeric_details   monomeric 
_pdbx_struct_assembly.oligomeric_count     1 
# 
_pdbx_struct_assembly_gen.assembly_id       1 
_pdbx_struct_assembly_gen.oper_expression   1 
_pdbx_struct_assembly_gen.asym_id_list      A,B,C,D,E,F,G,H,I 
# 
loop_
_pdbx_struct_assembly_prop.biol_id 
_pdbx_struct_assembly_prop.type 
_pdbx_struct_assembly_prop.value 
_pdbx_struct_assembly_prop.details 
1 'ABSA (A^2)' 440  ? 
1 MORE         -9   ? 
1 'SSA (A^2)'  8300 ? 
# 
_pdbx_struct_oper_list.id                   1 
_pdbx_struct_oper_list.type                 'identity operation' 
_pdbx_struct_oper_list.name                 1_555 
_pdbx_struct_oper_list.symmetry_operation   x,y,z 
_pdbx_struct_oper_list.matrix[1][1]         1.0000000000 
_pdbx_struct_oper_list.matrix[1][2]         0.0000000000 
_pdbx_struct_oper_list.matrix[1][3]         0.0000000000 
_pdbx_struct_oper_list.vector[1]            0.0000000000 
_pdbx_struct_oper_list.matrix[2][1]         0.0000000000 
_pdbx_struct_oper_list.matrix[2][2]         1.0000000000 
_pdbx_struct_oper_list.matrix[2][3]         0.0000000000 
_pdbx_struct_oper_list.vector[2]            0.0000000000 
_pdbx_struct_oper_list.matrix[3][1]         0.0000000000 
_pdbx_struct_oper_list.matrix[3][2]         0.0000000000 
_pdbx_struct_oper_list.matrix[3][3]         1.0000000000 
_pdbx_struct_oper_list.vector[3]            0.0000000000 
# 
loop_
_pdbx_struct_special_symmetry.id 
_pdbx_struct_special_symmetry.PDB_model_num 
_pdbx_struct_special_symmetry.auth_asym_id 
_pdbx_struct_special_symmetry.auth_comp_id 
_pdbx_struct_special_symmetry.auth_seq_id 
_pdbx_struct_special_symmetry.PDB_ins_code 
_pdbx_struct_special_symmetry.label_asym_id 
_pdbx_struct_special_symmetry.label_comp_id 
_pdbx_struct_special_symmetry.label_seq_id 
1 1 A HOH 210 ? I HOH . 
2 1 A HOH 295 ? I HOH . 
# 
loop_
_pdbx_struct_conn_angle.id 
_pdbx_struct_conn_angle.ptnr1_label_atom_id 
_pdbx_struct_conn_angle.ptnr1_label_alt_id 
_pdbx_struct_conn_angle.ptnr1_label_asym_id 
_pdbx_struct_conn_angle.ptnr1_label_comp_id 
_pdbx_struct_conn_angle.ptnr1_label_seq_id 
_pdbx_struct_conn_angle.ptnr1_auth_atom_id 
_pdbx_struct_conn_angle.ptnr1_auth_asym_id 
_pdbx_struct_conn_angle.ptnr1_auth_comp_id 
_pdbx_struct_conn_angle.ptnr1_auth_seq_id 
_pdbx_struct_conn_angle.ptnr1_PDB_ins_code 
_pdbx_struct_conn_angle.ptnr1_symmetry 
_pdbx_struct_conn_angle.ptnr2_label_atom_id 
_pdbx_struct_conn_angle.ptnr2_label_alt_id 
_pdbx_struct_conn_angle.ptnr2_label_asym_id 
_pdbx_struct_conn_angle.ptnr2_label_comp_id 
_pdbx_struct_conn_angle.ptnr2_label_seq_id 
_pdbx_struct_conn_angle.ptnr2_auth_atom_id 
_pdbx_struct_conn_angle.ptnr2_auth_asym_id 
_pdbx_struct_conn_angle.ptnr2_auth_comp_id 
_pdbx_struct_conn_angle.ptnr2_auth_seq_id 
_pdbx_struct_conn_angle.ptnr2_PDB_ins_code 
_pdbx_struct_conn_angle.ptnr2_symmetry 
_pdbx_struct_conn_angle.ptnr3_label_atom_id 
_pdbx_struct_conn_angle.ptnr3_label_alt_id 
_pdbx_struct_conn_angle.ptnr3_label_asym_id 
_pdbx_struct_conn_angle.ptnr3_label_comp_id 
_pdbx_struct_conn_angle.ptnr3_label_seq_id 
_pdbx_struct_conn_angle.ptnr3_auth_atom_id 
_pdbx_struct_conn_angle.ptnr3_auth_asym_id 
_pdbx_struct_conn_angle.ptnr3_auth_comp_id 
_pdbx_struct_conn_angle.ptnr3_auth_seq_id 
_pdbx_struct_conn_angle.ptnr3_PDB_ins_code 
_pdbx_struct_conn_angle.ptnr3_symmetry 
_pdbx_struct_conn_angle.value 
_pdbx_struct_conn_angle.value_esd 
1  OP2 ? A C   6  ? A C   7   ? 1_555 MG ? F MG . ? A MG 105 ? 1_555 OP2 ? A U   7 ? A U   8   ? 1_555 89.2  ? 
2  OP2 ? A C   6  ? A C   7   ? 1_555 MG ? F MG . ? A MG 105 ? 1_555 O   ? I HOH . ? A HOH 275 ? 1_555 170.8 ? 
3  OP2 ? A U   7  ? A U   8   ? 1_555 MG ? F MG . ? A MG 105 ? 1_555 O   ? I HOH . ? A HOH 275 ? 1_555 87.9  ? 
4  OP2 ? A C   6  ? A C   7   ? 1_555 MG ? F MG . ? A MG 105 ? 1_555 O   ? I HOH . ? A HOH 280 ? 1_555 88.6  ? 
5  OP2 ? A U   7  ? A U   8   ? 1_555 MG ? F MG . ? A MG 105 ? 1_555 O   ? I HOH . ? A HOH 280 ? 1_555 82.6  ? 
6  O   ? I HOH .  ? A HOH 275 ? 1_555 MG ? F MG . ? A MG 105 ? 1_555 O   ? I HOH . ? A HOH 280 ? 1_555 82.3  ? 
7  OP2 ? A C   6  ? A C   7   ? 1_555 MG ? F MG . ? A MG 105 ? 1_555 O   ? I HOH . ? A HOH 290 ? 1_555 89.6  ? 
8  OP2 ? A U   7  ? A U   8   ? 1_555 MG ? F MG . ? A MG 105 ? 1_555 O   ? I HOH . ? A HOH 290 ? 1_555 170.3 ? 
9  O   ? I HOH .  ? A HOH 275 ? 1_555 MG ? F MG . ? A MG 105 ? 1_555 O   ? I HOH . ? A HOH 290 ? 1_555 91.8  ? 
10 O   ? I HOH .  ? A HOH 280 ? 1_555 MG ? F MG . ? A MG 105 ? 1_555 O   ? I HOH . ? A HOH 290 ? 1_555 87.8  ? 
11 OP2 ? A A   29 ? A A   30  ? 1_555 MG ? E MG . ? A MG 104 ? 1_555 O   ? I HOH . ? A HOH 224 ? 1_555 177.0 ? 
12 OP2 ? A A   29 ? A A   30  ? 1_555 MG ? E MG . ? A MG 104 ? 1_555 O   ? I HOH . ? A HOH 266 ? 1_555 92.8  ? 
13 O   ? I HOH .  ? A HOH 224 ? 1_555 MG ? E MG . ? A MG 104 ? 1_555 O   ? I HOH . ? A HOH 266 ? 1_555 90.0  ? 
14 OP2 ? A A   29 ? A A   30  ? 1_555 MG ? E MG . ? A MG 104 ? 1_555 O   ? I HOH . ? A HOH 274 ? 1_555 88.8  ? 
15 O   ? I HOH .  ? A HOH 224 ? 1_555 MG ? E MG . ? A MG 104 ? 1_555 O   ? I HOH . ? A HOH 274 ? 1_555 88.4  ? 
16 O   ? I HOH .  ? A HOH 266 ? 1_555 MG ? E MG . ? A MG 104 ? 1_555 O   ? I HOH . ? A HOH 274 ? 1_555 176.5 ? 
17 OP2 ? A A   29 ? A A   30  ? 1_555 MG ? E MG . ? A MG 104 ? 1_555 O   ? I HOH . ? A HOH 277 ? 1_555 92.6  ? 
18 O   ? I HOH .  ? A HOH 224 ? 1_555 MG ? E MG . ? A MG 104 ? 1_555 O   ? I HOH . ? A HOH 277 ? 1_555 86.7  ? 
19 O   ? I HOH .  ? A HOH 266 ? 1_555 MG ? E MG . ? A MG 104 ? 1_555 O   ? I HOH . ? A HOH 277 ? 1_555 87.2  ? 
20 O   ? I HOH .  ? A HOH 274 ? 1_555 MG ? E MG . ? A MG 104 ? 1_555 O   ? I HOH . ? A HOH 277 ? 1_555 95.9  ? 
21 OP2 ? A A   29 ? A A   30  ? 1_555 MG ? E MG . ? A MG 104 ? 1_555 O   ? I HOH . ? A HOH 328 ? 1_555 91.2  ? 
22 O   ? I HOH .  ? A HOH 224 ? 1_555 MG ? E MG . ? A MG 104 ? 1_555 O   ? I HOH . ? A HOH 328 ? 1_555 89.8  ? 
23 O   ? I HOH .  ? A HOH 266 ? 1_555 MG ? E MG . ? A MG 104 ? 1_555 O   ? I HOH . ? A HOH 328 ? 1_555 87.2  ? 
24 O   ? I HOH .  ? A HOH 274 ? 1_555 MG ? E MG . ? A MG 104 ? 1_555 O   ? I HOH . ? A HOH 328 ? 1_555 89.7  ? 
25 O   ? I HOH .  ? A HOH 277 ? 1_555 MG ? E MG . ? A MG 104 ? 1_555 O   ? I HOH . ? A HOH 328 ? 1_555 173.3 ? 
26 OP2 ? A U   31 ? A U   32  ? 1_555 MG ? C MG . ? A MG 102 ? 1_555 O   ? I HOH . ? A HOH 225 ? 1_555 90.7  ? 
27 OP2 ? A U   31 ? A U   32  ? 1_555 MG ? C MG . ? A MG 102 ? 1_555 O   ? I HOH . ? A HOH 231 ? 1_555 94.3  ? 
28 O   ? I HOH .  ? A HOH 225 ? 1_555 MG ? C MG . ? A MG 102 ? 1_555 O   ? I HOH . ? A HOH 231 ? 1_555 175.0 ? 
29 OP2 ? A U   31 ? A U   32  ? 1_555 MG ? C MG . ? A MG 102 ? 1_555 O   ? I HOH . ? A HOH 273 ? 1_555 178.4 ? 
30 O   ? I HOH .  ? A HOH 225 ? 1_555 MG ? C MG . ? A MG 102 ? 1_555 O   ? I HOH . ? A HOH 273 ? 1_555 89.3  ? 
31 O   ? I HOH .  ? A HOH 231 ? 1_555 MG ? C MG . ? A MG 102 ? 1_555 O   ? I HOH . ? A HOH 273 ? 1_555 85.7  ? 
32 OP2 ? A U   31 ? A U   32  ? 1_555 MG ? C MG . ? A MG 102 ? 1_555 O   ? I HOH . ? A HOH 317 ? 1_555 93.3  ? 
33 O   ? I HOH .  ? A HOH 225 ? 1_555 MG ? C MG . ? A MG 102 ? 1_555 O   ? I HOH . ? A HOH 317 ? 1_555 90.9  ? 
34 O   ? I HOH .  ? A HOH 231 ? 1_555 MG ? C MG . ? A MG 102 ? 1_555 O   ? I HOH . ? A HOH 317 ? 1_555 88.3  ? 
35 O   ? I HOH .  ? A HOH 273 ? 1_555 MG ? C MG . ? A MG 102 ? 1_555 O   ? I HOH . ? A HOH 317 ? 1_555 85.1  ? 
36 OP2 ? A U   31 ? A U   32  ? 1_555 MG ? C MG . ? A MG 102 ? 1_555 O   ? I HOH . ? A HOH 331 ? 1_555 94.2  ? 
37 O   ? I HOH .  ? A HOH 225 ? 1_555 MG ? C MG . ? A MG 102 ? 1_555 O   ? I HOH . ? A HOH 331 ? 1_555 89.0  ? 
38 O   ? I HOH .  ? A HOH 231 ? 1_555 MG ? C MG . ? A MG 102 ? 1_555 O   ? I HOH . ? A HOH 331 ? 1_555 91.1  ? 
39 O   ? I HOH .  ? A HOH 273 ? 1_555 MG ? C MG . ? A MG 102 ? 1_555 O   ? I HOH . ? A HOH 331 ? 1_555 87.3  ? 
40 O   ? I HOH .  ? A HOH 317 ? 1_555 MG ? C MG . ? A MG 102 ? 1_555 O   ? I HOH . ? A HOH 331 ? 1_555 172.4 ? 
41 OP2 ? A U   41 ? A U   42  ? 1_555 MG ? D MG . ? A MG 103 ? 1_555 O   ? I HOH . ? A HOH 263 ? 1_555 176.2 ? 
42 OP2 ? A U   41 ? A U   42  ? 1_555 MG ? D MG . ? A MG 103 ? 1_555 O   ? I HOH . ? A HOH 292 ? 1_555 88.3  ? 
43 O   ? I HOH .  ? A HOH 263 ? 1_555 MG ? D MG . ? A MG 103 ? 1_555 O   ? I HOH . ? A HOH 292 ? 1_555 89.2  ? 
44 OP2 ? A U   41 ? A U   42  ? 1_555 MG ? D MG . ? A MG 103 ? 1_555 O   ? I HOH . ? A HOH 305 ? 1_555 92.6  ? 
45 O   ? I HOH .  ? A HOH 263 ? 1_555 MG ? D MG . ? A MG 103 ? 1_555 O   ? I HOH . ? A HOH 305 ? 1_555 90.1  ? 
46 O   ? I HOH .  ? A HOH 292 ? 1_555 MG ? D MG . ? A MG 103 ? 1_555 O   ? I HOH . ? A HOH 305 ? 1_555 87.1  ? 
47 OP2 ? A U   41 ? A U   42  ? 1_555 MG ? D MG . ? A MG 103 ? 1_555 O   ? I HOH . ? A HOH 322 ? 1_555 94.3  ? 
48 O   ? I HOH .  ? A HOH 263 ? 1_555 MG ? D MG . ? A MG 103 ? 1_555 O   ? I HOH . ? A HOH 322 ? 1_555 83.0  ? 
49 O   ? I HOH .  ? A HOH 292 ? 1_555 MG ? D MG . ? A MG 103 ? 1_555 O   ? I HOH . ? A HOH 322 ? 1_555 92.1  ? 
50 O   ? I HOH .  ? A HOH 305 ? 1_555 MG ? D MG . ? A MG 103 ? 1_555 O   ? I HOH . ? A HOH 322 ? 1_555 173.1 ? 
51 OP2 ? A U   41 ? A U   42  ? 1_555 MG ? D MG . ? A MG 103 ? 1_555 O   ? I HOH . ? A HOH 332 ? 1_555 95.8  ? 
52 O   ? I HOH .  ? A HOH 263 ? 1_555 MG ? D MG . ? A MG 103 ? 1_555 O   ? I HOH . ? A HOH 332 ? 1_555 86.8  ? 
53 O   ? I HOH .  ? A HOH 292 ? 1_555 MG ? D MG . ? A MG 103 ? 1_555 O   ? I HOH . ? A HOH 332 ? 1_555 175.1 ? 
54 O   ? I HOH .  ? A HOH 305 ? 1_555 MG ? D MG . ? A MG 103 ? 1_555 O   ? I HOH . ? A HOH 332 ? 1_555 90.1  ? 
55 O   ? I HOH .  ? A HOH 322 ? 1_555 MG ? D MG . ? A MG 103 ? 1_555 O   ? I HOH . ? A HOH 332 ? 1_555 90.2  ? 
56 O   ? I HOH .  ? A HOH 208 ? 2_656 MG ? G MG . ? A MG 106 ? 1_555 O   ? I HOH . ? A HOH 216 ? 2_656 86.7  ? 
57 O   ? I HOH .  ? A HOH 208 ? 2_656 MG ? G MG . ? A MG 106 ? 1_555 O   ? I HOH . ? A HOH 253 ? 2_656 85.0  ? 
58 O   ? I HOH .  ? A HOH 216 ? 2_656 MG ? G MG . ? A MG 106 ? 1_555 O   ? I HOH . ? A HOH 253 ? 2_656 88.0  ? 
59 O   ? I HOH .  ? A HOH 208 ? 2_656 MG ? G MG . ? A MG 106 ? 1_555 O   ? I HOH . ? A HOH 268 ? 1_555 172.6 ? 
60 O   ? I HOH .  ? A HOH 216 ? 2_656 MG ? G MG . ? A MG 106 ? 1_555 O   ? I HOH . ? A HOH 268 ? 1_555 99.9  ? 
61 O   ? I HOH .  ? A HOH 253 ? 2_656 MG ? G MG . ? A MG 106 ? 1_555 O   ? I HOH . ? A HOH 268 ? 1_555 98.5  ? 
62 O   ? I HOH .  ? A HOH 208 ? 2_656 MG ? G MG . ? A MG 106 ? 1_555 O   ? I HOH . ? A HOH 301 ? 1_555 95.3  ? 
63 O   ? I HOH .  ? A HOH 216 ? 2_656 MG ? G MG . ? A MG 106 ? 1_555 O   ? I HOH . ? A HOH 301 ? 1_555 91.5  ? 
64 O   ? I HOH .  ? A HOH 253 ? 2_656 MG ? G MG . ? A MG 106 ? 1_555 O   ? I HOH . ? A HOH 301 ? 1_555 179.4 ? 
65 O   ? I HOH .  ? A HOH 268 ? 1_555 MG ? G MG . ? A MG 106 ? 1_555 O   ? I HOH . ? A HOH 301 ? 1_555 81.2  ? 
66 O   ? I HOH .  ? A HOH 208 ? 2_656 MG ? G MG . ? A MG 106 ? 1_555 O   ? I HOH . ? A HOH 351 ? 1_555 87.5  ? 
67 O   ? I HOH .  ? A HOH 216 ? 2_656 MG ? G MG . ? A MG 106 ? 1_555 O   ? I HOH . ? A HOH 351 ? 1_555 173.9 ? 
68 O   ? I HOH .  ? A HOH 253 ? 2_656 MG ? G MG . ? A MG 106 ? 1_555 O   ? I HOH . ? A HOH 351 ? 1_555 93.5  ? 
69 O   ? I HOH .  ? A HOH 268 ? 1_555 MG ? G MG . ? A MG 106 ? 1_555 O   ? I HOH . ? A HOH 351 ? 1_555 85.8  ? 
70 O   ? I HOH .  ? A HOH 301 ? 1_555 MG ? G MG . ? A MG 106 ? 1_555 O   ? I HOH . ? A HOH 351 ? 1_555 87.1  ? 
# 
loop_
_pdbx_audit_revision_history.ordinal 
_pdbx_audit_revision_history.data_content_type 
_pdbx_audit_revision_history.major_revision 
_pdbx_audit_revision_history.minor_revision 
_pdbx_audit_revision_history.revision_date 
1 'Structure model' 1 0 2021-11-24 
2 'Structure model' 1 1 2022-02-16 
3 'Structure model' 1 2 2023-11-29 
# 
_pdbx_audit_revision_details.ordinal             1 
_pdbx_audit_revision_details.revision_ordinal    1 
_pdbx_audit_revision_details.data_content_type   'Structure model' 
_pdbx_audit_revision_details.provider            repository 
_pdbx_audit_revision_details.type                'Initial release' 
_pdbx_audit_revision_details.description         ? 
_pdbx_audit_revision_details.details             ? 
# 
loop_
_pdbx_audit_revision_group.ordinal 
_pdbx_audit_revision_group.revision_ordinal 
_pdbx_audit_revision_group.data_content_type 
_pdbx_audit_revision_group.group 
1 2 'Structure model' 'Database references'    
2 3 'Structure model' 'Data collection'        
3 3 'Structure model' 'Refinement description' 
# 
loop_
_pdbx_audit_revision_category.ordinal 
_pdbx_audit_revision_category.revision_ordinal 
_pdbx_audit_revision_category.data_content_type 
_pdbx_audit_revision_category.category 
1 2 'Structure model' citation                      
2 2 'Structure model' citation_author               
3 3 'Structure model' chem_comp_atom                
4 3 'Structure model' chem_comp_bond                
5 3 'Structure model' pdbx_initial_refinement_model 
# 
loop_
_pdbx_audit_revision_item.ordinal 
_pdbx_audit_revision_item.revision_ordinal 
_pdbx_audit_revision_item.data_content_type 
_pdbx_audit_revision_item.item 
1 2 'Structure model' '_citation.journal_volume'          
2 2 'Structure model' '_citation.page_first'              
3 2 'Structure model' '_citation.page_last'               
4 2 'Structure model' '_citation_author.identifier_ORCID' 
# 
loop_
_software.citation_id 
_software.classification 
_software.compiler_name 
_software.compiler_version 
_software.contact_author 
_software.contact_author_email 
_software.date 
_software.description 
_software.dependencies 
_software.hardware 
_software.language 
_software.location 
_software.mods 
_software.name 
_software.os 
_software.os_version 
_software.type 
_software.version 
_software.pdbx_ordinal 
? 'data scaling'    ? ? ? ? ? ? ? ? ? ? ? HKL-2000    ? ? ? .         1 
? refinement        ? ? ? ? ? ? ? ? ? ? ? PHENIX      ? ? ? 1.14_3260 2 
? 'data extraction' ? ? ? ? ? ? ? ? ? ? ? PDB_EXTRACT ? ? ? 3.25      3 
? 'data reduction'  ? ? ? ? ? ? ? ? ? ? ? HKL-3000    ? ? ? .         4 
? phasing           ? ? ? ? ? ? ? ? ? ? ? PHASER      ? ? ? .         5 
# 
_pdbx_entry_details.entry_id                 7EOP 
_pdbx_entry_details.has_ligand_of_interest   Y 
_pdbx_entry_details.compound_details         ? 
_pdbx_entry_details.source_details           ? 
_pdbx_entry_details.nonpolymer_details       ? 
_pdbx_entry_details.sequence_details         ? 
# 
loop_
_pdbx_validate_close_contact.id 
_pdbx_validate_close_contact.PDB_model_num 
_pdbx_validate_close_contact.auth_atom_id_1 
_pdbx_validate_close_contact.auth_asym_id_1 
_pdbx_validate_close_contact.auth_comp_id_1 
_pdbx_validate_close_contact.auth_seq_id_1 
_pdbx_validate_close_contact.PDB_ins_code_1 
_pdbx_validate_close_contact.label_alt_id_1 
_pdbx_validate_close_contact.auth_atom_id_2 
_pdbx_validate_close_contact.auth_asym_id_2 
_pdbx_validate_close_contact.auth_comp_id_2 
_pdbx_validate_close_contact.auth_seq_id_2 
_pdbx_validate_close_contact.PDB_ins_code_2 
_pdbx_validate_close_contact.label_alt_id_2 
_pdbx_validate_close_contact.dist 
1 1 "O2'" A C   49  ? ? O A HOH 201 ? ? 2.02 
2 1 "O3'" A C   49  ? ? O A HOH 201 ? ? 2.06 
3 1 O4    A U   20  ? ? O A HOH 202 ? ? 2.11 
4 1 O     A HOH 333 ? ? O A HOH 334 ? ? 2.13 
5 1 OP2   A C   43  ? ? O A HOH 203 ? ? 2.16 
# 
_pdbx_validate_rmsd_angle.id                         1 
_pdbx_validate_rmsd_angle.PDB_model_num              1 
_pdbx_validate_rmsd_angle.auth_atom_id_1             "O4'" 
_pdbx_validate_rmsd_angle.auth_asym_id_1             A 
_pdbx_validate_rmsd_angle.auth_comp_id_1             G 
_pdbx_validate_rmsd_angle.auth_seq_id_1              9 
_pdbx_validate_rmsd_angle.PDB_ins_code_1             ? 
_pdbx_validate_rmsd_angle.label_alt_id_1             ? 
_pdbx_validate_rmsd_angle.auth_atom_id_2             "C1'" 
_pdbx_validate_rmsd_angle.auth_asym_id_2             A 
_pdbx_validate_rmsd_angle.auth_comp_id_2             G 
_pdbx_validate_rmsd_angle.auth_seq_id_2              9 
_pdbx_validate_rmsd_angle.PDB_ins_code_2             ? 
_pdbx_validate_rmsd_angle.label_alt_id_2             ? 
_pdbx_validate_rmsd_angle.auth_atom_id_3             N9 
_pdbx_validate_rmsd_angle.auth_asym_id_3             A 
_pdbx_validate_rmsd_angle.auth_comp_id_3             G 
_pdbx_validate_rmsd_angle.auth_seq_id_3              9 
_pdbx_validate_rmsd_angle.PDB_ins_code_3             ? 
_pdbx_validate_rmsd_angle.label_alt_id_3             ? 
_pdbx_validate_rmsd_angle.angle_value                112.76 
_pdbx_validate_rmsd_angle.angle_target_value         108.50 
_pdbx_validate_rmsd_angle.angle_deviation            4.26 
_pdbx_validate_rmsd_angle.angle_standard_deviation   0.70 
_pdbx_validate_rmsd_angle.linker_flag                N 
# 
loop_
_chem_comp_atom.comp_id 
_chem_comp_atom.atom_id 
_chem_comp_atom.type_symbol 
_chem_comp_atom.pdbx_aromatic_flag 
_chem_comp_atom.pdbx_stereo_config 
_chem_comp_atom.pdbx_ordinal 
A   OP3    O  N N 1   
A   P      P  N N 2   
A   OP1    O  N N 3   
A   OP2    O  N N 4   
A   "O5'"  O  N N 5   
A   "C5'"  C  N N 6   
A   "C4'"  C  N R 7   
A   "O4'"  O  N N 8   
A   "C3'"  C  N S 9   
A   "O3'"  O  N N 10  
A   "C2'"  C  N R 11  
A   "O2'"  O  N N 12  
A   "C1'"  C  N R 13  
A   N9     N  Y N 14  
A   C8     C  Y N 15  
A   N7     N  Y N 16  
A   C5     C  Y N 17  
A   C6     C  Y N 18  
A   N6     N  N N 19  
A   N1     N  Y N 20  
A   C2     C  Y N 21  
A   N3     N  Y N 22  
A   C4     C  Y N 23  
A   HOP3   H  N N 24  
A   HOP2   H  N N 25  
A   "H5'"  H  N N 26  
A   "H5''" H  N N 27  
A   "H4'"  H  N N 28  
A   "H3'"  H  N N 29  
A   "HO3'" H  N N 30  
A   "H2'"  H  N N 31  
A   "HO2'" H  N N 32  
A   "H1'"  H  N N 33  
A   H8     H  N N 34  
A   H61    H  N N 35  
A   H62    H  N N 36  
A   H2     H  N N 37  
C   OP3    O  N N 38  
C   P      P  N N 39  
C   OP1    O  N N 40  
C   OP2    O  N N 41  
C   "O5'"  O  N N 42  
C   "C5'"  C  N N 43  
C   "C4'"  C  N R 44  
C   "O4'"  O  N N 45  
C   "C3'"  C  N S 46  
C   "O3'"  O  N N 47  
C   "C2'"  C  N R 48  
C   "O2'"  O  N N 49  
C   "C1'"  C  N R 50  
C   N1     N  N N 51  
C   C2     C  N N 52  
C   O2     O  N N 53  
C   N3     N  N N 54  
C   C4     C  N N 55  
C   N4     N  N N 56  
C   C5     C  N N 57  
C   C6     C  N N 58  
C   HOP3   H  N N 59  
C   HOP2   H  N N 60  
C   "H5'"  H  N N 61  
C   "H5''" H  N N 62  
C   "H4'"  H  N N 63  
C   "H3'"  H  N N 64  
C   "HO3'" H  N N 65  
C   "H2'"  H  N N 66  
C   "HO2'" H  N N 67  
C   "H1'"  H  N N 68  
C   H41    H  N N 69  
C   H42    H  N N 70  
C   H5     H  N N 71  
C   H6     H  N N 72  
G   OP3    O  N N 73  
G   P      P  N N 74  
G   OP1    O  N N 75  
G   OP2    O  N N 76  
G   "O5'"  O  N N 77  
G   "C5'"  C  N N 78  
G   "C4'"  C  N R 79  
G   "O4'"  O  N N 80  
G   "C3'"  C  N S 81  
G   "O3'"  O  N N 82  
G   "C2'"  C  N R 83  
G   "O2'"  O  N N 84  
G   "C1'"  C  N R 85  
G   N9     N  Y N 86  
G   C8     C  Y N 87  
G   N7     N  Y N 88  
G   C5     C  Y N 89  
G   C6     C  N N 90  
G   O6     O  N N 91  
G   N1     N  N N 92  
G   C2     C  N N 93  
G   N2     N  N N 94  
G   N3     N  N N 95  
G   C4     C  Y N 96  
G   HOP3   H  N N 97  
G   HOP2   H  N N 98  
G   "H5'"  H  N N 99  
G   "H5''" H  N N 100 
G   "H4'"  H  N N 101 
G   "H3'"  H  N N 102 
G   "HO3'" H  N N 103 
G   "H2'"  H  N N 104 
G   "HO2'" H  N N 105 
G   "H1'"  H  N N 106 
G   H8     H  N N 107 
G   H1     H  N N 108 
G   H21    H  N N 109 
G   H22    H  N N 110 
GTP PG     P  N N 111 
GTP O1G    O  N N 112 
GTP O2G    O  N N 113 
GTP O3G    O  N N 114 
GTP O3B    O  N N 115 
GTP PB     P  N N 116 
GTP O1B    O  N N 117 
GTP O2B    O  N N 118 
GTP O3A    O  N N 119 
GTP PA     P  N N 120 
GTP O1A    O  N N 121 
GTP O2A    O  N N 122 
GTP "O5'"  O  N N 123 
GTP "C5'"  C  N N 124 
GTP "C4'"  C  N R 125 
GTP "O4'"  O  N N 126 
GTP "C3'"  C  N S 127 
GTP "O3'"  O  N N 128 
GTP "C2'"  C  N R 129 
GTP "O2'"  O  N N 130 
GTP "C1'"  C  N R 131 
GTP N9     N  Y N 132 
GTP C8     C  Y N 133 
GTP N7     N  Y N 134 
GTP C5     C  Y N 135 
GTP C6     C  N N 136 
GTP O6     O  N N 137 
GTP N1     N  N N 138 
GTP C2     C  N N 139 
GTP N2     N  N N 140 
GTP N3     N  N N 141 
GTP C4     C  Y N 142 
GTP HOG2   H  N N 143 
GTP HOG3   H  N N 144 
GTP HOB2   H  N N 145 
GTP HOA2   H  N N 146 
GTP "H5'"  H  N N 147 
GTP "H5''" H  N N 148 
GTP "H4'"  H  N N 149 
GTP "H3'"  H  N N 150 
GTP "HO3'" H  N N 151 
GTP "H2'"  H  N N 152 
GTP "HO2'" H  N N 153 
GTP "H1'"  H  N N 154 
GTP H8     H  N N 155 
GTP HN1    H  N N 156 
GTP HN21   H  N N 157 
GTP HN22   H  N N 158 
HOH O      O  N N 159 
HOH H1     H  N N 160 
HOH H2     H  N N 161 
J93 C10    C  N N 162 
J93 C13    C  Y N 163 
J93 C17    C  Y N 164 
J93 C20    C  N N 165 
J93 C21    C  N N 166 
J93 C22    C  N N 167 
J93 C01    C  Y N 168 
J93 C02    C  Y N 169 
J93 C03    C  Y N 170 
J93 C04    C  Y N 171 
J93 C05    C  Y N 172 
J93 C06    C  Y N 173 
J93 C07    C  N N 174 
J93 C08    C  N N 175 
J93 C09    C  N N 176 
J93 C11    C  Y N 177 
J93 C12    C  Y N 178 
J93 C14    C  Y N 179 
J93 C18    C  Y N 180 
J93 N19    N  N N 181 
J93 N24    N  N N 182 
J93 N25    N  N N 183 
J93 O23    O  N N 184 
J93 S15    S  Y N 185 
J93 S16    S  Y N 186 
J93 H1     H  N N 187 
J93 H2     H  N N 188 
J93 H3     H  N N 189 
J93 H4     H  N N 190 
J93 H5     H  N N 191 
J93 H6     H  N N 192 
J93 H7     H  N N 193 
J93 H8     H  N N 194 
J93 H9     H  N N 195 
J93 H10    H  N N 196 
J93 H11    H  N N 197 
J93 H12    H  N N 198 
J93 H13    H  N N 199 
J93 H14    H  N N 200 
J93 H15    H  N N 201 
MG  MG     MG N N 202 
U   OP3    O  N N 203 
U   P      P  N N 204 
U   OP1    O  N N 205 
U   OP2    O  N N 206 
U   "O5'"  O  N N 207 
U   "C5'"  C  N N 208 
U   "C4'"  C  N R 209 
U   "O4'"  O  N N 210 
U   "C3'"  C  N S 211 
U   "O3'"  O  N N 212 
U   "C2'"  C  N R 213 
U   "O2'"  O  N N 214 
U   "C1'"  C  N R 215 
U   N1     N  N N 216 
U   C2     C  N N 217 
U   O2     O  N N 218 
U   N3     N  N N 219 
U   C4     C  N N 220 
U   O4     O  N N 221 
U   C5     C  N N 222 
U   C6     C  N N 223 
U   HOP3   H  N N 224 
U   HOP2   H  N N 225 
U   "H5'"  H  N N 226 
U   "H5''" H  N N 227 
U   "H4'"  H  N N 228 
U   "H3'"  H  N N 229 
U   "HO3'" H  N N 230 
U   "H2'"  H  N N 231 
U   "HO2'" H  N N 232 
U   "H1'"  H  N N 233 
U   H3     H  N N 234 
U   H5     H  N N 235 
U   H6     H  N N 236 
# 
loop_
_chem_comp_bond.comp_id 
_chem_comp_bond.atom_id_1 
_chem_comp_bond.atom_id_2 
_chem_comp_bond.value_order 
_chem_comp_bond.pdbx_aromatic_flag 
_chem_comp_bond.pdbx_stereo_config 
_chem_comp_bond.pdbx_ordinal 
A   OP3   P      sing N N 1   
A   OP3   HOP3   sing N N 2   
A   P     OP1    doub N N 3   
A   P     OP2    sing N N 4   
A   P     "O5'"  sing N N 5   
A   OP2   HOP2   sing N N 6   
A   "O5'" "C5'"  sing N N 7   
A   "C5'" "C4'"  sing N N 8   
A   "C5'" "H5'"  sing N N 9   
A   "C5'" "H5''" sing N N 10  
A   "C4'" "O4'"  sing N N 11  
A   "C4'" "C3'"  sing N N 12  
A   "C4'" "H4'"  sing N N 13  
A   "O4'" "C1'"  sing N N 14  
A   "C3'" "O3'"  sing N N 15  
A   "C3'" "C2'"  sing N N 16  
A   "C3'" "H3'"  sing N N 17  
A   "O3'" "HO3'" sing N N 18  
A   "C2'" "O2'"  sing N N 19  
A   "C2'" "C1'"  sing N N 20  
A   "C2'" "H2'"  sing N N 21  
A   "O2'" "HO2'" sing N N 22  
A   "C1'" N9     sing N N 23  
A   "C1'" "H1'"  sing N N 24  
A   N9    C8     sing Y N 25  
A   N9    C4     sing Y N 26  
A   C8    N7     doub Y N 27  
A   C8    H8     sing N N 28  
A   N7    C5     sing Y N 29  
A   C5    C6     sing Y N 30  
A   C5    C4     doub Y N 31  
A   C6    N6     sing N N 32  
A   C6    N1     doub Y N 33  
A   N6    H61    sing N N 34  
A   N6    H62    sing N N 35  
A   N1    C2     sing Y N 36  
A   C2    N3     doub Y N 37  
A   C2    H2     sing N N 38  
A   N3    C4     sing Y N 39  
C   OP3   P      sing N N 40  
C   OP3   HOP3   sing N N 41  
C   P     OP1    doub N N 42  
C   P     OP2    sing N N 43  
C   P     "O5'"  sing N N 44  
C   OP2   HOP2   sing N N 45  
C   "O5'" "C5'"  sing N N 46  
C   "C5'" "C4'"  sing N N 47  
C   "C5'" "H5'"  sing N N 48  
C   "C5'" "H5''" sing N N 49  
C   "C4'" "O4'"  sing N N 50  
C   "C4'" "C3'"  sing N N 51  
C   "C4'" "H4'"  sing N N 52  
C   "O4'" "C1'"  sing N N 53  
C   "C3'" "O3'"  sing N N 54  
C   "C3'" "C2'"  sing N N 55  
C   "C3'" "H3'"  sing N N 56  
C   "O3'" "HO3'" sing N N 57  
C   "C2'" "O2'"  sing N N 58  
C   "C2'" "C1'"  sing N N 59  
C   "C2'" "H2'"  sing N N 60  
C   "O2'" "HO2'" sing N N 61  
C   "C1'" N1     sing N N 62  
C   "C1'" "H1'"  sing N N 63  
C   N1    C2     sing N N 64  
C   N1    C6     sing N N 65  
C   C2    O2     doub N N 66  
C   C2    N3     sing N N 67  
C   N3    C4     doub N N 68  
C   C4    N4     sing N N 69  
C   C4    C5     sing N N 70  
C   N4    H41    sing N N 71  
C   N4    H42    sing N N 72  
C   C5    C6     doub N N 73  
C   C5    H5     sing N N 74  
C   C6    H6     sing N N 75  
G   OP3   P      sing N N 76  
G   OP3   HOP3   sing N N 77  
G   P     OP1    doub N N 78  
G   P     OP2    sing N N 79  
G   P     "O5'"  sing N N 80  
G   OP2   HOP2   sing N N 81  
G   "O5'" "C5'"  sing N N 82  
G   "C5'" "C4'"  sing N N 83  
G   "C5'" "H5'"  sing N N 84  
G   "C5'" "H5''" sing N N 85  
G   "C4'" "O4'"  sing N N 86  
G   "C4'" "C3'"  sing N N 87  
G   "C4'" "H4'"  sing N N 88  
G   "O4'" "C1'"  sing N N 89  
G   "C3'" "O3'"  sing N N 90  
G   "C3'" "C2'"  sing N N 91  
G   "C3'" "H3'"  sing N N 92  
G   "O3'" "HO3'" sing N N 93  
G   "C2'" "O2'"  sing N N 94  
G   "C2'" "C1'"  sing N N 95  
G   "C2'" "H2'"  sing N N 96  
G   "O2'" "HO2'" sing N N 97  
G   "C1'" N9     sing N N 98  
G   "C1'" "H1'"  sing N N 99  
G   N9    C8     sing Y N 100 
G   N9    C4     sing Y N 101 
G   C8    N7     doub Y N 102 
G   C8    H8     sing N N 103 
G   N7    C5     sing Y N 104 
G   C5    C6     sing N N 105 
G   C5    C4     doub Y N 106 
G   C6    O6     doub N N 107 
G   C6    N1     sing N N 108 
G   N1    C2     sing N N 109 
G   N1    H1     sing N N 110 
G   C2    N2     sing N N 111 
G   C2    N3     doub N N 112 
G   N2    H21    sing N N 113 
G   N2    H22    sing N N 114 
G   N3    C4     sing N N 115 
GTP PG    O1G    doub N N 116 
GTP PG    O2G    sing N N 117 
GTP PG    O3G    sing N N 118 
GTP PG    O3B    sing N N 119 
GTP O2G   HOG2   sing N N 120 
GTP O3G   HOG3   sing N N 121 
GTP O3B   PB     sing N N 122 
GTP PB    O1B    doub N N 123 
GTP PB    O2B    sing N N 124 
GTP PB    O3A    sing N N 125 
GTP O2B   HOB2   sing N N 126 
GTP O3A   PA     sing N N 127 
GTP PA    O1A    doub N N 128 
GTP PA    O2A    sing N N 129 
GTP PA    "O5'"  sing N N 130 
GTP O2A   HOA2   sing N N 131 
GTP "O5'" "C5'"  sing N N 132 
GTP "C5'" "C4'"  sing N N 133 
GTP "C5'" "H5'"  sing N N 134 
GTP "C5'" "H5''" sing N N 135 
GTP "C4'" "O4'"  sing N N 136 
GTP "C4'" "C3'"  sing N N 137 
GTP "C4'" "H4'"  sing N N 138 
GTP "O4'" "C1'"  sing N N 139 
GTP "C3'" "O3'"  sing N N 140 
GTP "C3'" "C2'"  sing N N 141 
GTP "C3'" "H3'"  sing N N 142 
GTP "O3'" "HO3'" sing N N 143 
GTP "C2'" "O2'"  sing N N 144 
GTP "C2'" "C1'"  sing N N 145 
GTP "C2'" "H2'"  sing N N 146 
GTP "O2'" "HO2'" sing N N 147 
GTP "C1'" N9     sing N N 148 
GTP "C1'" "H1'"  sing N N 149 
GTP N9    C8     sing Y N 150 
GTP N9    C4     sing Y N 151 
GTP C8    N7     doub Y N 152 
GTP C8    H8     sing N N 153 
GTP N7    C5     sing Y N 154 
GTP C5    C6     sing N N 155 
GTP C5    C4     doub Y N 156 
GTP C6    O6     doub N N 157 
GTP C6    N1     sing N N 158 
GTP N1    C2     sing N N 159 
GTP N1    HN1    sing N N 160 
GTP C2    N2     sing N N 161 
GTP C2    N3     doub N N 162 
GTP N2    HN21   sing N N 163 
GTP N2    HN22   sing N N 164 
GTP N3    C4     sing N N 165 
HOH O     H1     sing N N 166 
HOH O     H2     sing N N 167 
J93 C21   N19    sing N N 168 
J93 S16   C17    sing Y N 169 
J93 S16   C13    sing Y N 170 
J93 N19   C17    sing N N 171 
J93 N19   C20    sing N N 172 
J93 C17   C18    doub Y N 173 
J93 C13   C12    sing Y N 174 
J93 C13   C14    doub Y N 175 
J93 C20   C22    sing N N 176 
J93 C12   C11    doub Y N 177 
J93 C18   C14    sing Y N 178 
J93 C14   S15    sing Y N 179 
J93 O23   C22    sing N N 180 
J93 C11   C09    sing N N 181 
J93 C11   S15    sing Y N 182 
J93 C09   C08    doub N Z 183 
J93 C01   C06    doub Y N 184 
J93 C01   C02    sing Y N 185 
J93 C06   C05    sing Y N 186 
J93 C08   C02    sing N N 187 
J93 C08   C10    sing N N 188 
J93 C02   C03    doub Y N 189 
J93 C10   N24    trip N N 190 
J93 C05   C07    sing N N 191 
J93 C05   C04    doub Y N 192 
J93 C03   C04    sing Y N 193 
J93 C07   N25    trip N N 194 
J93 C20   H1     sing N N 195 
J93 C20   H2     sing N N 196 
J93 C21   H3     sing N N 197 
J93 C21   H4     sing N N 198 
J93 C21   H5     sing N N 199 
J93 C22   H6     sing N N 200 
J93 C22   H7     sing N N 201 
J93 C01   H8     sing N N 202 
J93 C03   H9     sing N N 203 
J93 C04   H10    sing N N 204 
J93 C06   H11    sing N N 205 
J93 C09   H12    sing N N 206 
J93 C12   H13    sing N N 207 
J93 C18   H14    sing N N 208 
J93 O23   H15    sing N N 209 
U   OP3   P      sing N N 210 
U   OP3   HOP3   sing N N 211 
U   P     OP1    doub N N 212 
U   P     OP2    sing N N 213 
U   P     "O5'"  sing N N 214 
U   OP2   HOP2   sing N N 215 
U   "O5'" "C5'"  sing N N 216 
U   "C5'" "C4'"  sing N N 217 
U   "C5'" "H5'"  sing N N 218 
U   "C5'" "H5''" sing N N 219 
U   "C4'" "O4'"  sing N N 220 
U   "C4'" "C3'"  sing N N 221 
U   "C4'" "H4'"  sing N N 222 
U   "O4'" "C1'"  sing N N 223 
U   "C3'" "O3'"  sing N N 224 
U   "C3'" "C2'"  sing N N 225 
U   "C3'" "H3'"  sing N N 226 
U   "O3'" "HO3'" sing N N 227 
U   "C2'" "O2'"  sing N N 228 
U   "C2'" "C1'"  sing N N 229 
U   "C2'" "H2'"  sing N N 230 
U   "O2'" "HO2'" sing N N 231 
U   "C1'" N1     sing N N 232 
U   "C1'" "H1'"  sing N N 233 
U   N1    C2     sing N N 234 
U   N1    C6     sing N N 235 
U   C2    O2     doub N N 236 
U   C2    N3     sing N N 237 
U   N3    C4     sing N N 238 
U   N3    H3     sing N N 239 
U   C4    O4     doub N N 240 
U   C4    C5     sing N N 241 
U   C5    C6     doub N N 242 
U   C5    H5     sing N N 243 
U   C6    H6     sing N N 244 
# 
loop_
_ndb_struct_conf_na.entry_id 
_ndb_struct_conf_na.feature 
7EOP 'double helix'         
7EOP 'a-form double helix'  
7EOP tetraloop              
7EOP 'bulge loop'           
7EOP 'mismatched base pair' 
7EOP 'internal loop'        
7EOP 'triple helix'         
# 
loop_
_ndb_struct_na_base_pair.model_number 
_ndb_struct_na_base_pair.i_label_asym_id 
_ndb_struct_na_base_pair.i_label_comp_id 
_ndb_struct_na_base_pair.i_label_seq_id 
_ndb_struct_na_base_pair.i_symmetry 
_ndb_struct_na_base_pair.j_label_asym_id 
_ndb_struct_na_base_pair.j_label_comp_id 
_ndb_struct_na_base_pair.j_label_seq_id 
_ndb_struct_na_base_pair.j_symmetry 
_ndb_struct_na_base_pair.shear 
_ndb_struct_na_base_pair.stretch 
_ndb_struct_na_base_pair.stagger 
_ndb_struct_na_base_pair.buckle 
_ndb_struct_na_base_pair.propeller 
_ndb_struct_na_base_pair.opening 
_ndb_struct_na_base_pair.pair_number 
_ndb_struct_na_base_pair.pair_name 
_ndb_struct_na_base_pair.i_auth_asym_id 
_ndb_struct_na_base_pair.i_auth_seq_id 
_ndb_struct_na_base_pair.i_PDB_ins_code 
_ndb_struct_na_base_pair.j_auth_asym_id 
_ndb_struct_na_base_pair.j_auth_seq_id 
_ndb_struct_na_base_pair.j_PDB_ins_code 
_ndb_struct_na_base_pair.hbond_type_28 
_ndb_struct_na_base_pair.hbond_type_12 
1 A G 1  1_555 A C 47 1_555 -0.409 -0.142 0.004  2.969   -17.132 1.625   1  A_G2:C48_A  A 2  ? A 48 ? 19 1 
1 A C 2  1_555 A G 46 1_555 0.140  -0.038 -0.139 4.973   -15.490 2.125   2  A_C3:G47_A  A 3  ? A 47 ? 19 1 
1 A G 3  1_555 A C 45 1_555 -0.272 -0.127 -0.052 -11.183 -19.582 3.326   3  A_G4:C46_A  A 4  ? A 46 ? 19 1 
1 A C 4  1_555 A G 44 1_555 0.265  -0.116 0.469  -12.198 -11.753 -1.572  4  A_C5:G45_A  A 5  ? A 45 ? 19 1 
1 A C 6  1_555 A G 43 1_555 0.277  -0.161 -0.185 1.018   -3.448  0.474   5  A_C7:G44_A  A 7  ? A 44 ? 19 1 
1 A U 7  1_555 A U 41 1_555 2.280  -1.777 0.233  -0.976  -12.943 8.797   6  A_U8:U42_A  A 8  ? A 42 ? 16 1 
1 A G 8  1_555 A C 32 1_555 0.031  5.331  0.551  22.952  27.129  127.084 7  A_G9:C33_A  A 9  ? A 33 ? 22 2 
1 A G 9  1_555 A U 39 1_555 -2.543 -0.623 0.128  5.330   -7.011  -7.035  8  A_G10:U40_A A 10 ? A 40 ? 28 1 
1 A C 10 1_555 A G 38 1_555 0.139  -0.124 -0.144 13.034  -19.409 0.772   9  A_C11:G39_A A 11 ? A 39 ? 19 1 
1 A G 11 1_555 A C 37 1_555 -0.143 -0.210 -0.029 -3.453  -17.655 -0.433  10 A_G12:C38_A A 12 ? A 38 ? 19 1 
1 A C 12 1_555 A G 36 1_555 0.081  -0.059 0.311  -7.548  -15.503 1.043   11 A_C13:G37_A A 13 ? A 37 ? 19 1 
1 A U 13 1_555 A A 35 1_555 1.024  -0.213 0.524  -7.384  -9.411  -6.923  12 A_U14:A36_A A 14 ? A 36 ? 20 1 
1 A G 14 1_555 A C 27 1_555 -0.160 -0.181 0.294  2.763   -3.840  2.566   13 A_G15:C28_A A 15 ? A 28 ? 19 1 
1 A C 15 1_555 A G 26 1_555 0.176  -0.238 0.003  4.795   -14.337 0.013   14 A_C16:G27_A A 16 ? A 27 ? 19 1 
1 A G 16 1_555 A C 25 1_555 0.156  -0.543 -0.155 2.332   -9.632  -2.472  15 A_G17:C26_A A 17 ? A 26 ? 19 1 
1 A C 17 1_555 A G 24 1_555 0.669  -0.282 -0.199 4.541   -4.152  5.525   16 A_C18:G25_A A 18 ? A 25 ? 19 1 
1 A C 18 1_555 A G 23 1_555 0.571  -0.238 -0.326 -5.643  -0.193  5.848   17 A_C19:G24_A A 19 ? A 24 ? 19 1 
1 A U 19 1_555 A G 22 1_555 1.594  -5.586 -0.149 -14.808 -0.129  -95.603 18 A_U20:G23_A A 20 ? A 23 ? ?  6 
1 A U 31 1_555 A U 34 1_555 3.454  -0.216 0.072  36.785  17.155  -91.760 19 A_U32:U35_A A 32 ? A 35 ? ?  4 
# 
loop_
_ndb_struct_na_base_pair_step.model_number 
_ndb_struct_na_base_pair_step.i_label_asym_id_1 
_ndb_struct_na_base_pair_step.i_label_comp_id_1 
_ndb_struct_na_base_pair_step.i_label_seq_id_1 
_ndb_struct_na_base_pair_step.i_symmetry_1 
_ndb_struct_na_base_pair_step.j_label_asym_id_1 
_ndb_struct_na_base_pair_step.j_label_comp_id_1 
_ndb_struct_na_base_pair_step.j_label_seq_id_1 
_ndb_struct_na_base_pair_step.j_symmetry_1 
_ndb_struct_na_base_pair_step.i_label_asym_id_2 
_ndb_struct_na_base_pair_step.i_label_comp_id_2 
_ndb_struct_na_base_pair_step.i_label_seq_id_2 
_ndb_struct_na_base_pair_step.i_symmetry_2 
_ndb_struct_na_base_pair_step.j_label_asym_id_2 
_ndb_struct_na_base_pair_step.j_label_comp_id_2 
_ndb_struct_na_base_pair_step.j_label_seq_id_2 
_ndb_struct_na_base_pair_step.j_symmetry_2 
_ndb_struct_na_base_pair_step.shift 
_ndb_struct_na_base_pair_step.slide 
_ndb_struct_na_base_pair_step.rise 
_ndb_struct_na_base_pair_step.tilt 
_ndb_struct_na_base_pair_step.roll 
_ndb_struct_na_base_pair_step.twist 
_ndb_struct_na_base_pair_step.x_displacement 
_ndb_struct_na_base_pair_step.y_displacement 
_ndb_struct_na_base_pair_step.helical_rise 
_ndb_struct_na_base_pair_step.inclination 
_ndb_struct_na_base_pair_step.tip 
_ndb_struct_na_base_pair_step.helical_twist 
_ndb_struct_na_base_pair_step.step_number 
_ndb_struct_na_base_pair_step.step_name 
_ndb_struct_na_base_pair_step.i_auth_asym_id_1 
_ndb_struct_na_base_pair_step.i_auth_seq_id_1 
_ndb_struct_na_base_pair_step.i_PDB_ins_code_1 
_ndb_struct_na_base_pair_step.j_auth_asym_id_1 
_ndb_struct_na_base_pair_step.j_auth_seq_id_1 
_ndb_struct_na_base_pair_step.j_PDB_ins_code_1 
_ndb_struct_na_base_pair_step.i_auth_asym_id_2 
_ndb_struct_na_base_pair_step.i_auth_seq_id_2 
_ndb_struct_na_base_pair_step.i_PDB_ins_code_2 
_ndb_struct_na_base_pair_step.j_auth_asym_id_2 
_ndb_struct_na_base_pair_step.j_auth_seq_id_2 
_ndb_struct_na_base_pair_step.j_PDB_ins_code_2 
1 A G 1  1_555 A C 47 1_555 A C 2  1_555 A G 46 1_555 0.553  -1.566 3.146 1.644   6.061   33.217 -3.601  -0.705 2.848  10.486  
-2.844  33.789  1  AA_G2C3:G47C48_AA   A 2  ? A 48 ? A 3  ? A 47 ? 
1 A C 2  1_555 A G 46 1_555 A G 3  1_555 A C 45 1_555 0.255  -1.801 3.421 1.023   17.155  29.796 -5.503  -0.286 2.110  30.390  
-1.811  34.300  2  AA_C3G4:C46G47_AA   A 3  ? A 47 ? A 4  ? A 46 ? 
1 A G 3  1_555 A C 45 1_555 A C 4  1_555 A G 44 1_555 -0.386 -1.293 3.206 -3.615  8.682   35.821 -3.138  0.150  2.850  13.823  
5.756   36.995  3  AA_G4C5:G45C46_AA   A 4  ? A 46 ? A 5  ? A 45 ? 
1 A C 4  1_555 A G 44 1_555 A C 6  1_555 A G 43 1_555 -1.347 -1.752 2.899 9.267   4.725   50.515 -2.284  2.074  2.470  5.470   
-10.729 51.506  4  AA_C5C7:G44G45_AA   A 5  ? A 45 ? A 7  ? A 44 ? 
1 A C 6  1_555 A G 43 1_555 A U 7  1_555 A U 41 1_555 2.632  -0.209 3.200 6.470   2.438   61.965 -0.315  -2.244 3.423  2.360   
-6.263  62.311  5  AA_C7U8:U42G44_AA   A 7  ? A 44 ? A 8  ? A 42 ? 
1 A U 7  1_555 A U 41 1_555 A G 8  1_555 A C 32 1_555 4.933  -1.782 4.359 -34.536 19.728  -9.687 -3.235  -3.067 6.067  -38.124 
-66.740 -40.890 6  AA_U8G9:C33U42_AA   A 8  ? A 42 ? A 9  ? A 33 ? 
1 A G 8  1_555 A C 32 1_555 A G 9  1_555 A U 39 1_555 -4.669 -3.199 1.128 37.508  -28.871 27.518 -3.419  5.220  -0.905 -37.520 
-48.745 54.350  7  AA_G9G10:U40C33_AA  A 9  ? A 33 ? A 10 ? A 40 ? 
1 A C 10 1_555 A G 38 1_555 A G 11 1_555 A C 37 1_555 -0.671 -1.720 3.522 -2.702  14.840  30.807 -5.200  0.726  2.503  26.066  
4.747   34.221  8  AA_C11G12:C38G39_AA A 11 ? A 39 ? A 12 ? A 38 ? 
1 A G 11 1_555 A C 37 1_555 A C 12 1_555 A G 36 1_555 0.271  -1.488 3.268 -1.921  7.321   34.520 -3.483  -0.717 2.884  12.156  
3.189   35.316  9  AA_G12C13:G37C38_AA A 12 ? A 38 ? A 13 ? A 37 ? 
1 A C 12 1_555 A G 36 1_555 A U 13 1_555 A A 35 1_555 -0.643 -1.295 3.263 -0.493  9.080   36.270 -3.163  0.942  2.875  14.311  
0.777   37.356  10 AA_C13U14:A36G37_AA A 13 ? A 37 ? A 14 ? A 36 ? 
1 A U 13 1_555 A A 35 1_555 A G 14 1_555 A C 27 1_555 -1.206 -3.244 2.695 1.246   8.207   2.499  -22.573 8.149  -2.466 72.442  
-10.999 8.669   11 AA_U14G15:C28A36_AA A 14 ? A 36 ? A 15 ? A 28 ? 
1 A G 14 1_555 A C 27 1_555 A C 15 1_555 A G 26 1_555 -0.221 -1.933 3.186 1.916   2.627   33.750 -3.716  0.671  3.015  4.512   
-3.290  33.901  12 AA_G15C16:G27C28_AA A 15 ? A 28 ? A 16 ? A 27 ? 
1 A C 15 1_555 A G 26 1_555 A G 16 1_555 A C 25 1_555 -0.437 -1.863 3.276 2.122   13.295  30.006 -5.311  1.095  2.237  24.204  
-3.864  32.824  13 AA_C16G17:C26G27_AA A 16 ? A 27 ? A 17 ? A 26 ? 
1 A G 16 1_555 A C 25 1_555 A C 17 1_555 A G 24 1_555 0.337  -1.958 3.293 -0.797  3.993   35.394 -3.765  -0.664 3.053  6.541   
1.306   35.620  14 AA_G17C18:G25C26_AA A 17 ? A 26 ? A 18 ? A 25 ? 
1 A C 17 1_555 A G 24 1_555 A C 18 1_555 A G 23 1_555 0.199  -2.380 3.462 3.441   4.003   28.480 -5.656  0.372  3.107  8.049   
-6.920  28.955  15 AA_C18C19:G24G25_AA A 18 ? A 25 ? A 19 ? A 24 ? 
1 A C 18 1_555 A G 23 1_555 A U 19 1_555 A G 22 1_555 -1.132 -0.434 3.158 13.055  5.000   97.439 -0.365  0.952  3.012  3.314   
-8.653  98.185  16 AA_C19U20:G23G24_AA A 19 ? A 24 ? A 20 ? A 23 ? 
# 
_pdbx_audit_support.funding_organization   'National Natural Science Foundation of China (NSFC)' 
_pdbx_audit_support.country                China 
_pdbx_audit_support.grant_number           ? 
_pdbx_audit_support.ordinal                1 
# 
loop_
_pdbx_entity_instance_feature.ordinal 
_pdbx_entity_instance_feature.comp_id 
_pdbx_entity_instance_feature.asym_id 
_pdbx_entity_instance_feature.seq_num 
_pdbx_entity_instance_feature.auth_comp_id 
_pdbx_entity_instance_feature.auth_asym_id 
_pdbx_entity_instance_feature.auth_seq_num 
_pdbx_entity_instance_feature.feature_type 
_pdbx_entity_instance_feature.details 
1 J93 ? ? J93 ? ? 'SUBJECT OF INVESTIGATION' ? 
2 MG  ? ? MG  ? ? 'SUBJECT OF INVESTIGATION' ? 
# 
loop_
_pdbx_entity_nonpoly.entity_id 
_pdbx_entity_nonpoly.name 
_pdbx_entity_nonpoly.comp_id 
2 "GUANOSINE-5'-TRIPHOSPHATE"                                                                                  GTP 
3 'MAGNESIUM ION'                                                                                              MG  
4 '4-[(~{Z})-1-cyano-2-[5-[2-hydroxyethyl(methyl)amino]thieno[3,2-b]thiophen-2-yl]ethenyl]benzenecarbonitrile' J93 
5 water                                                                                                        HOH 
# 
_pdbx_initial_refinement_model.id               1 
_pdbx_initial_refinement_model.entity_id_list   ? 
_pdbx_initial_refinement_model.type             'experimental model' 
_pdbx_initial_refinement_model.source_name      PDB 
_pdbx_initial_refinement_model.accession_code   7EOG 
_pdbx_initial_refinement_model.details          ? 
# 
_pdbx_struct_assembly_auth_evidence.id                     1 
_pdbx_struct_assembly_auth_evidence.assembly_id            1 
_pdbx_struct_assembly_auth_evidence.experimental_support   none 
_pdbx_struct_assembly_auth_evidence.details                ? 
# 
